data_1DU3
#
_entry.id   1DU3
#
_cell.length_a   68.63
_cell.length_b   124.81
_cell.length_c   128.37
_cell.angle_alpha   90.0
_cell.angle_beta   104.489
_cell.angle_gamma   90.0
#
_symmetry.space_group_name_H-M   'P 1 21 1'
#
loop_
_entity.id
_entity.type
_entity.pdbx_description
1 polymer 'DEATH RECEPTOR 5'
2 polymer 'TNF-RELATED APOPTOSIS INDUCING LIGAND'
3 non-polymer 'ZINC ION'
4 water water
#
loop_
_entity_poly.entity_id
_entity_poly.type
_entity_poly.pdbx_seq_one_letter_code
_entity_poly.pdbx_strand_id
1 'polypeptide(L)'
;ALITQQDLAPQQRAAPQQKRSSPSEGLCPPGHHISEDGRDCISCKYGQDYSTHWNDLLFCLRCTRCDSGEVELSPCTTTR
NTVCQCEEGTFREEDSPEMCRKCRTGCPRGMVKVGDCTPWSDIECVHKES
;
A,B,C,G,H,I
2 'polypeptide(L)'
;VRERGPQRVAAHITGTRGRSNTLSSPNSKNEKALGRKINSWESSRSGHSFLSNLHLRNGELVIHEKGFYYIYSQTYFRFQ
EEIKENTKNDKQMVQYIYKYTSYPDPILLMKSARNSCWSKDAEYGLYSIYQGGIFELKENDRIFVSVTNEHLIDMDHEAS
FFGAFLVG
;
D,E,F,J,K,L
#
# COMPACT_ATOMS: atom_id res chain seq x y z
N SER A 21 52.08 -39.83 11.35
CA SER A 21 51.53 -39.73 9.96
C SER A 21 51.97 -38.41 9.36
N SER A 22 51.53 -38.19 8.13
CA SER A 22 51.83 -36.98 7.39
C SER A 22 50.68 -36.70 6.41
N PRO A 23 50.58 -35.48 5.90
CA PRO A 23 49.50 -35.19 4.95
C PRO A 23 49.85 -35.54 3.50
N SER A 24 48.86 -35.88 2.66
CA SER A 24 49.18 -36.12 1.23
C SER A 24 48.76 -34.87 0.56
N GLU A 25 49.70 -34.13 0.02
CA GLU A 25 49.36 -32.92 -0.67
C GLU A 25 48.44 -32.01 0.18
N GLY A 26 48.95 -31.53 1.31
CA GLY A 26 48.17 -30.64 2.14
C GLY A 26 46.96 -31.09 2.92
N LEU A 27 46.66 -32.37 2.96
CA LEU A 27 45.50 -32.81 3.72
C LEU A 27 45.85 -34.02 4.62
N CYS A 28 45.18 -34.12 5.76
CA CYS A 28 45.42 -35.17 6.74
C CYS A 28 44.21 -36.05 6.72
N PRO A 29 44.38 -37.35 6.96
CA PRO A 29 43.21 -38.24 6.94
C PRO A 29 42.32 -38.07 8.11
N PRO A 30 41.10 -38.62 8.02
CA PRO A 30 40.13 -38.55 9.10
C PRO A 30 40.81 -39.10 10.35
N GLY A 31 40.39 -38.59 11.50
CA GLY A 31 40.96 -39.03 12.77
C GLY A 31 42.21 -38.22 13.05
N HIS A 32 42.50 -37.23 12.21
CA HIS A 32 43.68 -36.42 12.44
C HIS A 32 43.40 -34.98 12.09
N HIS A 33 44.40 -34.16 12.33
CA HIS A 33 44.30 -32.75 12.06
C HIS A 33 45.72 -32.36 11.70
N ILE A 34 45.92 -31.39 10.82
CA ILE A 34 47.28 -31.08 10.43
C ILE A 34 47.93 -30.28 11.49
N SER A 35 49.26 -30.37 11.52
CA SER A 35 50.09 -29.63 12.45
C SER A 35 50.11 -28.16 11.98
N GLU A 36 50.69 -27.27 12.80
CA GLU A 36 50.77 -25.85 12.45
C GLU A 36 51.79 -25.52 11.36
N ASP A 37 52.91 -26.24 11.29
CA ASP A 37 53.88 -25.97 10.23
C ASP A 37 53.50 -26.75 8.98
N GLY A 38 52.37 -27.46 9.06
CA GLY A 38 51.88 -28.23 7.92
C GLY A 38 52.68 -29.47 7.52
N ARG A 39 53.67 -29.79 8.33
CA ARG A 39 54.50 -30.93 8.06
C ARG A 39 53.91 -32.23 8.62
N ASP A 40 53.22 -32.21 9.75
CA ASP A 40 52.71 -33.46 10.31
C ASP A 40 51.21 -33.62 10.42
N CYS A 41 50.79 -34.79 10.86
CA CYS A 41 49.37 -35.04 11.04
C CYS A 41 49.18 -35.74 12.38
N ILE A 42 48.62 -34.98 13.33
CA ILE A 42 48.38 -35.44 14.70
C ILE A 42 46.97 -36.04 14.85
N SER A 43 46.82 -37.04 15.72
CA SER A 43 45.52 -37.69 15.93
C SER A 43 44.45 -36.97 16.78
N CYS A 44 43.20 -37.34 16.53
CA CYS A 44 42.06 -36.81 17.27
C CYS A 44 42.03 -37.53 18.61
N LYS A 45 41.83 -36.78 19.68
CA LYS A 45 41.78 -37.34 21.03
C LYS A 45 40.46 -38.09 21.17
N TYR A 46 40.53 -39.42 21.25
CA TYR A 46 39.33 -40.21 21.37
C TYR A 46 38.38 -39.71 22.46
N GLY A 47 37.06 -39.78 22.22
CA GLY A 47 36.11 -39.31 23.21
C GLY A 47 36.20 -37.81 23.47
N GLN A 48 37.11 -37.15 22.80
CA GLN A 48 37.26 -35.71 22.96
C GLN A 48 36.93 -35.09 21.62
N ASP A 49 37.89 -35.06 20.70
CA ASP A 49 37.67 -34.51 19.37
C ASP A 49 37.71 -35.54 18.26
N TYR A 50 37.47 -35.06 17.05
CA TYR A 50 37.44 -35.88 15.84
C TYR A 50 37.57 -35.03 14.59
N SER A 51 37.28 -35.67 13.46
CA SER A 51 37.32 -35.07 12.12
C SER A 51 36.97 -36.21 11.23
N THR A 52 35.87 -36.11 10.50
CA THR A 52 35.48 -37.18 9.62
C THR A 52 35.92 -37.14 8.12
N HIS A 53 36.72 -36.15 7.71
CA HIS A 53 37.16 -36.13 6.31
C HIS A 53 38.58 -35.66 6.24
N TRP A 54 39.20 -35.84 5.08
CA TRP A 54 40.56 -35.38 4.93
C TRP A 54 40.43 -33.91 5.28
N ASN A 55 41.47 -33.32 5.87
CA ASN A 55 41.33 -31.96 6.29
C ASN A 55 42.66 -31.29 6.49
N ASP A 56 42.63 -30.07 7.01
CA ASP A 56 43.86 -29.34 7.28
C ASP A 56 43.52 -28.43 8.45
N LEU A 57 42.50 -28.86 9.20
CA LEU A 57 42.05 -28.17 10.39
C LEU A 57 43.26 -28.17 11.30
N LEU A 58 43.37 -27.18 12.18
CA LEU A 58 44.45 -27.14 13.13
C LEU A 58 44.01 -27.88 14.39
N PHE A 59 42.70 -28.07 14.52
CA PHE A 59 42.15 -28.70 15.70
C PHE A 59 40.95 -29.61 15.39
N CYS A 60 41.03 -30.84 15.88
CA CYS A 60 39.95 -31.78 15.69
C CYS A 60 38.69 -31.11 16.25
N LEU A 61 37.61 -31.10 15.47
CA LEU A 61 36.36 -30.52 15.93
C LEU A 61 36.00 -31.26 17.23
N ARG A 62 35.44 -30.53 18.18
CA ARG A 62 35.06 -31.10 19.46
C ARG A 62 33.80 -31.94 19.41
N CYS A 63 33.85 -33.10 20.05
CA CYS A 63 32.70 -33.96 20.08
C CYS A 63 31.54 -33.24 20.72
N THR A 64 30.34 -33.61 20.32
CA THR A 64 29.14 -33.04 20.89
C THR A 64 28.99 -33.82 22.18
N ARG A 65 28.61 -33.16 23.26
CA ARG A 65 28.39 -33.86 24.53
C ARG A 65 26.88 -33.98 24.67
N CYS A 66 26.40 -35.21 24.81
CA CYS A 66 24.95 -35.41 24.94
C CYS A 66 24.40 -34.66 26.13
N ASP A 67 23.09 -34.45 26.18
CA ASP A 67 22.56 -33.74 27.33
C ASP A 67 21.37 -34.43 28.01
N SER A 68 21.10 -34.01 29.25
CA SER A 68 20.06 -34.60 30.10
C SER A 68 18.69 -34.94 29.53
N GLY A 69 18.37 -34.48 28.32
CA GLY A 69 17.08 -34.82 27.75
C GLY A 69 17.30 -35.73 26.57
N GLU A 70 18.58 -36.05 26.36
CA GLU A 70 19.06 -36.87 25.25
C GLU A 70 19.74 -38.16 25.66
N VAL A 71 19.91 -39.04 24.67
CA VAL A 71 20.53 -40.36 24.83
C VAL A 71 21.66 -40.59 23.80
N GLU A 72 22.66 -41.35 24.20
CA GLU A 72 23.78 -41.66 23.34
C GLU A 72 23.48 -42.92 22.56
N LEU A 73 23.24 -42.81 21.26
CA LEU A 73 23.04 -44.00 20.48
C LEU A 73 24.44 -44.58 20.31
N SER A 74 25.39 -43.72 19.95
CA SER A 74 26.78 -44.13 19.75
C SER A 74 27.75 -43.14 20.42
N PRO A 75 28.91 -43.63 20.90
CA PRO A 75 29.86 -42.73 21.56
C PRO A 75 30.65 -41.97 20.52
N CYS A 76 31.65 -41.23 20.98
CA CYS A 76 32.47 -40.47 20.07
C CYS A 76 33.68 -41.32 19.73
N THR A 77 34.13 -41.24 18.49
CA THR A 77 35.31 -41.97 18.04
C THR A 77 36.14 -40.87 17.40
N THR A 78 37.36 -41.17 16.96
CA THR A 78 38.18 -40.13 16.34
C THR A 78 37.72 -39.69 14.96
N THR A 79 36.72 -40.34 14.36
CA THR A 79 36.27 -39.92 13.04
C THR A 79 34.78 -39.78 12.98
N ARG A 80 34.10 -40.33 13.97
CA ARG A 80 32.66 -40.23 14.03
C ARG A 80 32.31 -39.36 15.22
N ASN A 81 31.23 -38.59 15.10
CA ASN A 81 30.81 -37.72 16.18
C ASN A 81 29.67 -38.39 16.91
N THR A 82 29.64 -38.14 18.22
CA THR A 82 28.61 -38.63 19.13
C THR A 82 27.26 -38.58 18.46
N VAL A 83 26.32 -39.40 18.91
CA VAL A 83 25.00 -39.32 18.32
C VAL A 83 24.02 -39.25 19.49
N CYS A 84 23.36 -38.09 19.59
CA CYS A 84 22.38 -37.77 20.62
C CYS A 84 20.97 -37.80 20.06
N GLN A 85 20.06 -38.46 20.77
CA GLN A 85 18.68 -38.56 20.32
C GLN A 85 17.68 -38.19 21.37
N CYS A 86 16.59 -37.57 20.94
CA CYS A 86 15.59 -37.16 21.90
C CYS A 86 14.99 -38.38 22.54
N GLU A 87 14.88 -38.32 23.87
CA GLU A 87 14.36 -39.40 24.69
C GLU A 87 12.97 -39.89 24.31
N GLU A 88 12.64 -41.05 24.84
CA GLU A 88 11.34 -41.65 24.58
C GLU A 88 10.28 -40.64 24.98
N GLY A 89 9.38 -40.33 24.05
CA GLY A 89 8.32 -39.39 24.35
C GLY A 89 8.56 -38.00 23.82
N THR A 90 9.83 -37.67 23.59
CA THR A 90 10.19 -36.36 23.06
C THR A 90 10.67 -36.50 21.62
N PHE A 91 10.79 -35.37 20.92
CA PHE A 91 11.21 -35.36 19.52
C PHE A 91 11.80 -34.02 19.10
N ARG A 92 12.55 -34.03 18.01
CA ARG A 92 13.10 -32.78 17.47
C ARG A 92 12.60 -32.60 16.04
N GLU A 93 13.02 -31.52 15.40
CA GLU A 93 12.55 -31.22 14.05
C GLU A 93 13.37 -30.07 13.44
N GLU A 94 13.42 -29.98 12.13
CA GLU A 94 14.21 -28.92 11.50
C GLU A 94 14.02 -27.56 12.18
N ASP A 95 12.76 -27.15 12.28
CA ASP A 95 12.38 -25.86 12.87
C ASP A 95 12.53 -25.77 14.37
N SER A 96 12.60 -26.90 15.05
CA SER A 96 12.78 -26.90 16.50
C SER A 96 13.91 -27.84 16.89
N PRO A 97 15.15 -27.56 16.42
CA PRO A 97 16.35 -28.36 16.69
C PRO A 97 17.04 -28.08 18.07
N GLU A 98 16.58 -27.05 18.76
CA GLU A 98 17.19 -26.68 20.02
C GLU A 98 16.76 -27.47 21.25
N MET A 99 15.53 -27.94 21.26
CA MET A 99 15.04 -28.64 22.44
C MET A 99 14.08 -29.76 22.07
N CYS A 100 14.16 -30.85 22.82
CA CYS A 100 13.28 -31.96 22.57
C CYS A 100 11.90 -31.53 23.09
N ARG A 101 10.86 -31.75 22.32
CA ARG A 101 9.51 -31.37 22.73
C ARG A 101 8.62 -32.59 22.84
N LYS A 102 7.61 -32.50 23.70
CA LYS A 102 6.68 -33.61 23.93
C LYS A 102 5.77 -33.86 22.72
N ASP A 116 2.84 -41.56 14.37
CA ASP A 116 3.09 -41.89 15.76
C ASP A 116 4.29 -41.07 16.22
N CYS A 117 4.47 -40.93 17.55
CA CYS A 117 5.59 -40.16 18.09
C CYS A 117 6.90 -40.95 18.06
N THR A 118 7.97 -40.23 17.74
CA THR A 118 9.31 -40.81 17.65
C THR A 118 10.29 -39.66 17.95
N PRO A 119 11.60 -39.96 17.95
CA PRO A 119 12.53 -38.86 18.24
C PRO A 119 12.72 -37.76 17.18
N TRP A 120 12.07 -37.90 16.02
CA TRP A 120 12.19 -36.87 14.98
C TRP A 120 10.89 -36.29 14.44
N SER A 121 9.76 -36.88 14.79
CA SER A 121 8.48 -36.33 14.36
C SER A 121 7.45 -36.44 15.47
N ASP A 122 6.43 -35.59 15.41
CA ASP A 122 5.39 -35.61 16.44
C ASP A 122 4.24 -36.46 15.94
N ILE A 123 3.37 -36.85 16.87
CA ILE A 123 2.20 -37.66 16.55
C ILE A 123 1.60 -37.15 15.25
N SER B 21 43.91 15.73 49.93
CA SER B 21 44.53 17.02 49.52
C SER B 21 45.86 16.75 48.86
N SER B 22 46.53 15.68 49.28
CA SER B 22 47.82 15.31 48.68
C SER B 22 47.95 13.81 48.36
N PRO B 23 48.38 13.49 47.12
CA PRO B 23 48.56 12.11 46.65
C PRO B 23 49.67 11.38 47.42
N SER B 24 49.26 10.44 48.25
CA SER B 24 50.19 9.65 49.03
C SER B 24 50.60 8.44 48.19
N GLU B 25 51.72 8.57 47.49
CA GLU B 25 52.25 7.50 46.63
C GLU B 25 51.53 7.39 45.32
N GLY B 26 51.13 8.54 44.77
CA GLY B 26 50.40 8.50 43.53
C GLY B 26 49.15 7.68 43.77
N LEU B 27 48.59 7.87 44.98
CA LEU B 27 47.36 7.22 45.41
C LEU B 27 46.58 8.23 46.26
N CYS B 28 45.25 8.21 46.19
CA CYS B 28 44.45 9.15 46.97
C CYS B 28 43.59 8.40 47.94
N PRO B 29 43.26 9.06 49.07
CA PRO B 29 42.46 8.51 50.17
C PRO B 29 40.99 8.48 49.82
N PRO B 30 40.24 7.55 50.41
CA PRO B 30 38.80 7.44 50.14
C PRO B 30 38.16 8.83 49.96
N GLY B 31 37.02 8.87 49.25
CA GLY B 31 36.31 10.13 49.02
C GLY B 31 36.92 11.05 48.00
N HIS B 32 38.12 10.74 47.55
CA HIS B 32 38.79 11.58 46.57
C HIS B 32 39.21 10.73 45.41
N HIS B 33 39.71 11.39 44.37
CA HIS B 33 40.22 10.75 43.18
C HIS B 33 41.44 11.57 42.71
N ILE B 34 42.26 11.03 41.82
CA ILE B 34 43.44 11.75 41.39
C ILE B 34 43.23 12.58 40.13
N SER B 35 44.12 13.53 39.91
CA SER B 35 44.05 14.37 38.73
C SER B 35 44.86 13.72 37.61
N GLU B 36 44.60 14.13 36.37
CA GLU B 36 45.28 13.59 35.21
C GLU B 36 46.78 13.87 35.25
N ASP B 37 47.17 14.93 35.96
CA ASP B 37 48.60 15.26 36.08
C ASP B 37 49.13 14.46 37.26
N GLY B 38 48.23 13.75 37.93
CA GLY B 38 48.59 12.91 39.07
C GLY B 38 49.16 13.71 40.21
N ARG B 39 48.98 15.02 40.12
CA ARG B 39 49.48 15.96 41.11
C ARG B 39 48.51 16.18 42.27
N ASP B 40 47.24 16.44 41.96
CA ASP B 40 46.25 16.72 43.00
C ASP B 40 45.09 15.74 43.16
N CYS B 41 44.74 15.45 44.41
CA CYS B 41 43.62 14.57 44.69
C CYS B 41 42.41 15.52 44.72
N ILE B 42 41.26 15.00 44.32
CA ILE B 42 40.11 15.85 44.24
C ILE B 42 38.92 15.14 44.85
N SER B 43 38.15 15.91 45.61
CA SER B 43 36.99 15.41 46.31
C SER B 43 35.84 15.01 45.40
N CYS B 44 35.21 13.90 45.73
CA CYS B 44 34.07 13.46 44.98
C CYS B 44 32.97 14.44 45.37
N LYS B 45 31.94 14.56 44.55
CA LYS B 45 30.83 15.46 44.86
C LYS B 45 29.82 14.67 45.62
N TYR B 46 29.51 15.13 46.82
CA TYR B 46 28.54 14.45 47.67
C TYR B 46 27.18 14.22 46.92
N GLY B 47 26.40 13.22 47.32
CA GLY B 47 25.14 12.93 46.64
C GLY B 47 25.27 12.79 45.13
N GLN B 48 26.50 12.77 44.62
CA GLN B 48 26.83 12.66 43.18
C GLN B 48 27.68 11.41 42.85
N ASP B 49 28.90 11.39 43.40
CA ASP B 49 29.83 10.29 43.19
C ASP B 49 30.75 10.05 44.42
N TYR B 50 31.46 8.92 44.42
CA TYR B 50 32.31 8.56 45.54
C TYR B 50 33.49 7.63 45.17
N SER B 51 34.13 7.11 46.22
CA SER B 51 35.27 6.21 46.11
C SER B 51 35.54 5.74 47.55
N THR B 52 35.38 4.44 47.80
CA THR B 52 35.57 3.85 49.12
C THR B 52 36.87 3.09 49.39
N HIS B 53 38.00 3.57 48.90
CA HIS B 53 39.31 2.93 49.13
C HIS B 53 40.26 3.95 48.59
N TRP B 54 41.56 3.71 48.70
CA TRP B 54 42.53 4.63 48.11
C TRP B 54 42.53 4.27 46.62
N ASN B 55 43.10 5.09 45.75
CA ASN B 55 43.01 4.75 44.34
C ASN B 55 43.77 5.67 43.41
N ASP B 56 43.52 5.53 42.12
CA ASP B 56 44.17 6.39 41.16
C ASP B 56 43.15 6.78 40.09
N LEU B 57 41.87 6.53 40.38
CA LEU B 57 40.76 6.88 39.49
C LEU B 57 40.75 8.35 39.09
N LEU B 58 40.64 8.62 37.79
CA LEU B 58 40.59 9.98 37.29
C LEU B 58 39.18 10.57 37.57
N PHE B 59 38.22 9.69 37.83
CA PHE B 59 36.85 10.10 38.13
C PHE B 59 36.35 9.24 39.28
N CYS B 60 35.49 9.81 40.12
CA CYS B 60 34.89 9.09 41.23
C CYS B 60 33.74 8.22 40.68
N LEU B 61 33.34 7.17 41.37
CA LEU B 61 32.25 6.33 40.89
C LEU B 61 30.87 6.93 41.19
N ARG B 62 30.01 7.01 40.18
CA ARG B 62 28.65 7.58 40.33
C ARG B 62 27.79 6.85 41.35
N CYS B 63 26.89 7.59 41.99
CA CYS B 63 25.97 7.07 42.98
C CYS B 63 24.79 6.37 42.31
N THR B 64 24.16 5.48 43.04
CA THR B 64 23.04 4.75 42.53
C THR B 64 21.82 5.51 42.98
N ARG B 65 20.87 5.74 42.08
CA ARG B 65 19.65 6.42 42.45
C ARG B 65 18.60 5.37 42.61
N CYS B 66 17.96 5.31 43.77
CA CYS B 66 16.96 4.29 43.99
C CYS B 66 15.73 4.45 43.13
N ASP B 67 15.23 3.33 42.61
CA ASP B 67 14.06 3.35 41.75
C ASP B 67 12.78 3.23 42.54
N SER B 68 11.66 3.24 41.84
CA SER B 68 10.36 3.22 42.49
C SER B 68 9.95 1.98 43.22
N GLY B 69 10.85 1.00 43.24
CA GLY B 69 10.54 -0.21 43.96
C GLY B 69 11.51 -0.28 45.12
N GLU B 70 12.24 0.82 45.33
CA GLU B 70 13.28 0.87 46.36
C GLU B 70 13.11 1.98 47.43
N VAL B 71 13.85 1.84 48.51
CA VAL B 71 13.83 2.82 49.58
C VAL B 71 15.30 3.13 49.85
N GLU B 72 15.60 4.42 50.01
CA GLU B 72 16.98 4.82 50.27
C GLU B 72 17.27 4.60 51.74
N LEU B 73 17.67 3.39 52.12
CA LEU B 73 17.97 3.15 53.51
C LEU B 73 19.12 4.07 53.95
N SER B 74 20.06 4.35 53.05
CA SER B 74 21.17 5.23 53.39
C SER B 74 21.56 5.96 52.12
N PRO B 75 21.84 7.24 52.25
CA PRO B 75 22.23 8.09 51.13
C PRO B 75 23.65 7.94 50.62
N CYS B 76 23.84 8.37 49.39
CA CYS B 76 25.17 8.34 48.82
C CYS B 76 26.05 9.33 49.61
N THR B 77 27.32 8.96 49.77
CA THR B 77 28.30 9.77 50.48
C THR B 77 29.53 9.73 49.63
N THR B 78 30.50 10.56 50.00
CA THR B 78 31.73 10.67 49.25
C THR B 78 32.67 9.45 49.35
N THR B 79 32.27 8.44 50.11
CA THR B 79 33.13 7.29 50.25
C THR B 79 32.26 6.07 50.35
N ARG B 80 31.00 6.19 49.94
CA ARG B 80 30.10 5.05 50.04
C ARG B 80 28.86 5.18 49.15
N ASN B 81 28.57 4.20 48.31
CA ASN B 81 27.40 4.30 47.43
C ASN B 81 26.12 4.29 48.26
N THR B 82 24.99 4.60 47.64
CA THR B 82 23.75 4.64 48.38
C THR B 82 23.22 3.22 48.48
N VAL B 83 22.60 2.89 49.60
CA VAL B 83 22.07 1.58 49.79
C VAL B 83 20.58 1.70 49.47
N CYS B 84 20.17 1.11 48.35
CA CYS B 84 18.75 1.12 47.98
C CYS B 84 18.25 -0.23 48.40
N GLN B 85 17.02 -0.31 48.90
CA GLN B 85 16.49 -1.59 49.34
C GLN B 85 15.07 -1.83 48.81
N CYS B 86 14.70 -3.08 48.59
CA CYS B 86 13.37 -3.34 48.09
C CYS B 86 12.30 -2.83 49.04
N GLU B 87 11.16 -2.40 48.50
CA GLU B 87 10.08 -1.90 49.33
C GLU B 87 9.54 -2.99 50.23
N GLU B 88 8.73 -2.59 51.18
CA GLU B 88 8.14 -3.55 52.11
C GLU B 88 7.20 -4.47 51.34
N GLY B 89 7.41 -5.78 51.47
CA GLY B 89 6.58 -6.72 50.75
C GLY B 89 7.27 -7.28 49.51
N THR B 90 8.49 -6.78 49.22
CA THR B 90 9.26 -7.27 48.08
C THR B 90 10.71 -7.69 48.45
N PHE B 91 11.23 -8.67 47.72
CA PHE B 91 12.57 -9.17 47.97
C PHE B 91 13.44 -9.29 46.72
N ARG B 92 14.74 -9.30 46.96
CA ARG B 92 15.75 -9.41 45.92
C ARG B 92 16.77 -10.37 46.52
N GLU B 93 17.03 -11.48 45.83
CA GLU B 93 17.99 -12.45 46.32
C GLU B 93 19.12 -12.64 45.32
N GLU B 94 19.95 -13.65 45.58
CA GLU B 94 21.11 -13.94 44.74
C GLU B 94 20.90 -14.09 43.23
N ASP B 95 19.86 -14.80 42.82
CA ASP B 95 19.60 -14.99 41.39
C ASP B 95 18.42 -14.15 40.88
N SER B 96 18.37 -12.90 41.34
CA SER B 96 17.32 -11.98 40.98
C SER B 96 17.56 -10.62 41.65
N PRO B 97 18.75 -10.02 41.43
CA PRO B 97 19.11 -8.72 42.01
C PRO B 97 18.71 -7.55 41.14
N GLU B 98 17.97 -7.86 40.07
CA GLU B 98 17.57 -6.81 39.15
C GLU B 98 16.17 -6.26 39.44
N MET B 99 15.27 -7.11 39.85
CA MET B 99 13.95 -6.64 40.12
C MET B 99 13.34 -7.29 41.35
N CYS B 100 12.79 -6.45 42.23
CA CYS B 100 12.13 -6.89 43.46
C CYS B 100 10.90 -7.69 43.07
N ARG B 101 10.79 -8.86 43.68
CA ARG B 101 9.71 -9.80 43.43
C ARG B 101 8.80 -9.72 44.64
N LYS B 102 7.60 -10.25 44.53
CA LYS B 102 6.68 -10.15 45.63
C LYS B 102 6.75 -11.36 46.54
N CYS B 103 6.55 -11.12 47.84
CA CYS B 103 6.58 -12.20 48.81
C CYS B 103 5.32 -13.05 48.70
N ARG B 104 5.45 -14.36 48.78
CA ARG B 104 4.27 -15.20 48.67
C ARG B 104 3.27 -14.85 49.78
N THR B 105 1.99 -14.93 49.48
CA THR B 105 0.99 -14.64 50.51
C THR B 105 1.10 -15.71 51.59
N GLY B 106 0.88 -16.96 51.21
CA GLY B 106 0.97 -18.06 52.15
C GLY B 106 2.01 -19.08 51.71
N CYS B 107 1.87 -20.33 52.16
CA CYS B 107 2.81 -21.39 51.81
C CYS B 107 2.21 -22.48 50.89
N PRO B 108 3.08 -23.31 50.27
CA PRO B 108 2.58 -24.38 49.41
C PRO B 108 1.85 -25.32 50.37
N ARG B 109 0.93 -26.15 49.90
CA ARG B 109 0.23 -27.02 50.84
C ARG B 109 1.15 -27.97 51.62
N GLY B 110 0.92 -28.03 52.94
CA GLY B 110 1.71 -28.90 53.79
C GLY B 110 3.03 -28.42 54.41
N MET B 111 3.41 -27.18 54.14
CA MET B 111 4.64 -26.64 54.68
C MET B 111 4.41 -25.76 55.89
N VAL B 112 5.45 -25.13 56.37
CA VAL B 112 5.32 -24.27 57.52
C VAL B 112 6.22 -23.08 57.28
N LYS B 113 5.66 -21.89 57.48
CA LYS B 113 6.41 -20.66 57.27
C LYS B 113 7.54 -20.57 58.27
N VAL B 114 8.59 -21.31 57.98
CA VAL B 114 9.77 -21.33 58.81
C VAL B 114 10.40 -19.93 58.81
N GLY B 115 9.93 -19.09 57.89
CA GLY B 115 10.44 -17.73 57.79
C GLY B 115 9.42 -16.72 57.28
N ASP B 116 9.68 -15.44 57.55
CA ASP B 116 8.81 -14.36 57.12
C ASP B 116 9.54 -13.49 56.09
N CYS B 117 8.78 -12.69 55.36
CA CYS B 117 9.34 -11.85 54.30
C CYS B 117 10.30 -10.73 54.71
N THR B 118 11.43 -10.66 54.01
CA THR B 118 12.47 -9.64 54.23
C THR B 118 13.07 -9.15 52.89
N PRO B 119 13.68 -7.96 52.87
CA PRO B 119 14.26 -7.45 51.64
C PRO B 119 15.19 -8.38 50.84
N TRP B 120 15.75 -9.42 51.46
CA TRP B 120 16.68 -10.31 50.77
C TRP B 120 16.25 -11.76 50.82
N SER B 121 14.99 -11.96 51.19
CA SER B 121 14.41 -13.29 51.25
C SER B 121 12.89 -13.23 51.20
N ASP B 122 12.30 -14.26 50.63
CA ASP B 122 10.87 -14.41 50.48
C ASP B 122 10.51 -15.19 51.73
N ILE B 123 9.23 -15.41 51.99
CA ILE B 123 8.83 -16.19 53.16
C ILE B 123 9.49 -17.57 53.03
N GLU B 124 9.58 -18.34 54.12
CA GLU B 124 10.22 -19.66 54.05
C GLU B 124 9.39 -20.78 54.59
N CYS B 125 9.06 -21.73 53.71
CA CYS B 125 8.26 -22.86 54.09
C CYS B 125 9.12 -24.12 54.10
N VAL B 126 8.64 -25.14 54.80
CA VAL B 126 9.29 -26.44 54.92
C VAL B 126 8.12 -27.39 55.35
N HIS B 127 8.34 -28.72 55.47
CA HIS B 127 7.18 -29.71 55.75
C HIS B 127 6.84 -30.01 57.29
N LYS B 128 5.69 -30.74 57.65
CA LYS B 128 5.20 -30.91 59.10
C LYS B 128 5.89 -32.01 59.94
N GLU B 129 6.76 -31.51 60.83
CA GLU B 129 7.46 -32.37 61.80
C GLU B 129 6.91 -32.18 63.20
N SER B 130 7.31 -32.98 64.12
CA SER B 130 6.69 -32.89 65.41
C SER B 130 7.38 -33.89 66.33
N SER C 21 17.62 16.51 -15.28
CA SER C 21 18.89 15.73 -15.35
C SER C 21 20.06 16.67 -15.15
N SER C 22 19.76 17.78 -14.47
CA SER C 22 20.72 18.84 -14.15
C SER C 22 20.36 19.33 -12.74
N PRO C 23 21.34 19.30 -11.81
CA PRO C 23 21.19 19.71 -10.42
C PRO C 23 21.12 21.22 -10.13
N SER C 24 19.94 21.72 -9.80
CA SER C 24 19.77 23.13 -9.46
C SER C 24 20.45 23.40 -8.13
N GLU C 25 21.73 23.75 -8.20
CA GLU C 25 22.53 24.03 -7.02
C GLU C 25 22.75 22.76 -6.22
N GLY C 26 23.46 21.82 -6.85
CA GLY C 26 23.78 20.55 -6.21
C GLY C 26 22.63 19.61 -5.92
N LEU C 27 21.47 20.16 -5.57
CA LEU C 27 20.35 19.30 -5.26
C LEU C 27 19.68 18.82 -6.57
N CYS C 28 18.77 17.87 -6.48
CA CYS C 28 18.05 17.38 -7.65
C CYS C 28 16.60 17.40 -7.24
N PRO C 29 15.68 17.54 -8.19
CA PRO C 29 14.27 17.59 -7.78
C PRO C 29 13.76 16.30 -7.14
N PRO C 30 12.64 16.37 -6.37
CA PRO C 30 12.00 15.24 -5.67
C PRO C 30 11.57 14.17 -6.66
N GLY C 31 12.15 12.98 -6.54
CA GLY C 31 11.82 11.87 -7.44
C GLY C 31 13.06 11.49 -8.25
N HIS C 32 14.20 12.06 -7.87
CA HIS C 32 15.46 11.79 -8.52
C HIS C 32 16.59 11.69 -7.50
N HIS C 33 17.82 11.49 -7.97
CA HIS C 33 18.98 11.37 -7.10
C HIS C 33 20.23 11.77 -7.85
N ILE C 34 21.23 12.28 -7.14
CA ILE C 34 22.47 12.73 -7.78
C ILE C 34 23.27 11.59 -8.39
N SER C 35 24.31 11.94 -9.13
CA SER C 35 25.14 10.93 -9.75
C SER C 35 26.52 10.85 -9.08
N GLU C 36 27.18 9.72 -9.26
CA GLU C 36 28.52 9.51 -8.70
C GLU C 36 29.39 10.69 -9.13
N ASP C 37 29.44 10.92 -10.44
CA ASP C 37 30.18 12.01 -11.07
C ASP C 37 29.61 13.35 -10.63
N GLY C 38 28.35 13.34 -10.23
CA GLY C 38 27.71 14.56 -9.79
C GLY C 38 27.32 15.46 -10.94
N ARG C 39 26.59 14.91 -11.91
CA ARG C 39 26.17 15.68 -13.06
C ARG C 39 24.66 15.62 -13.37
N ASP C 40 24.10 14.42 -13.38
CA ASP C 40 22.69 14.26 -13.74
C ASP C 40 21.77 13.82 -12.61
N CYS C 41 20.48 14.08 -12.79
CA CYS C 41 19.50 13.72 -11.79
C CYS C 41 18.59 12.59 -12.23
N ILE C 42 19.01 11.36 -11.95
CA ILE C 42 18.27 10.13 -12.28
C ILE C 42 17.00 9.97 -11.42
N SER C 43 15.90 9.48 -12.00
CA SER C 43 14.64 9.33 -11.25
C SER C 43 14.43 7.97 -10.59
N CYS C 44 13.54 7.92 -9.61
CA CYS C 44 13.27 6.69 -8.87
C CYS C 44 12.13 5.84 -9.43
N LYS C 45 12.44 4.62 -9.89
CA LYS C 45 11.41 3.72 -10.44
C LYS C 45 10.13 3.72 -9.60
N TYR C 46 9.00 3.44 -10.23
CA TYR C 46 7.74 3.43 -9.50
C TYR C 46 7.64 2.24 -8.58
N GLY C 47 7.02 2.43 -7.41
CA GLY C 47 6.84 1.36 -6.44
C GLY C 47 8.10 0.57 -6.10
N GLN C 48 9.24 1.23 -6.13
CA GLN C 48 10.53 0.62 -5.82
C GLN C 48 11.47 1.61 -5.10
N ASP C 49 11.28 2.91 -5.29
CA ASP C 49 12.08 3.90 -4.59
C ASP C 49 11.49 5.31 -4.69
N TYR C 50 12.27 6.32 -4.31
CA TYR C 50 11.77 7.71 -4.34
C TYR C 50 12.56 8.76 -3.56
N SER C 51 12.04 9.98 -3.59
CA SER C 51 12.60 11.11 -2.87
C SER C 51 11.49 12.15 -2.76
N THR C 52 11.00 12.37 -1.56
CA THR C 52 9.96 13.36 -1.37
C THR C 52 10.56 14.73 -1.00
N HIS C 53 11.81 14.98 -1.38
CA HIS C 53 12.47 16.25 -1.07
C HIS C 53 13.63 16.50 -2.02
N TRP C 54 14.06 17.74 -2.10
CA TRP C 54 15.17 18.06 -2.97
C TRP C 54 16.34 17.41 -2.29
N ASN C 55 16.98 16.49 -2.99
CA ASN C 55 18.08 15.74 -2.40
C ASN C 55 19.43 15.76 -3.11
N ASP C 56 20.30 14.83 -2.72
CA ASP C 56 21.61 14.64 -3.32
C ASP C 56 22.08 13.27 -2.88
N LEU C 57 21.09 12.38 -2.73
CA LEU C 57 21.30 10.99 -2.35
C LEU C 57 21.81 10.27 -3.59
N LEU C 58 22.81 9.43 -3.42
CA LEU C 58 23.34 8.69 -4.54
C LEU C 58 22.40 7.52 -4.87
N PHE C 59 21.34 7.39 -4.07
CA PHE C 59 20.35 6.34 -4.27
C PHE C 59 19.01 6.92 -3.80
N CYS C 60 17.90 6.41 -4.34
CA CYS C 60 16.53 6.84 -4.00
C CYS C 60 15.95 5.91 -2.89
N LEU C 61 15.41 6.47 -1.81
CA LEU C 61 14.88 5.64 -0.70
C LEU C 61 13.88 4.56 -1.06
N ARG C 62 14.28 3.31 -0.89
CA ARG C 62 13.40 2.18 -1.18
C ARG C 62 11.99 2.34 -0.59
N CYS C 63 11.04 1.70 -1.23
CA CYS C 63 9.63 1.77 -0.86
C CYS C 63 9.25 0.73 0.17
N THR C 64 8.40 1.12 1.10
CA THR C 64 7.88 0.21 2.08
C THR C 64 6.87 -0.70 1.38
N ARG C 65 6.55 -1.84 1.98
CA ARG C 65 5.58 -2.77 1.41
C ARG C 65 4.72 -3.26 2.54
N CYS C 66 3.42 -3.27 2.30
CA CYS C 66 2.54 -3.69 3.36
C CYS C 66 2.52 -5.21 3.46
N ASP C 67 2.18 -5.71 4.63
CA ASP C 67 2.15 -7.13 4.81
C ASP C 67 0.78 -7.53 5.26
N SER C 68 0.43 -8.79 5.04
CA SER C 68 -0.88 -9.30 5.45
C SER C 68 -1.26 -8.65 6.78
N GLY C 69 -2.53 -8.33 6.94
CA GLY C 69 -2.95 -7.67 8.16
C GLY C 69 -2.84 -6.17 8.01
N GLU C 70 -2.30 -5.78 6.85
CA GLU C 70 -2.08 -4.40 6.45
C GLU C 70 -2.69 -4.25 5.04
N VAL C 71 -3.39 -3.14 4.78
CA VAL C 71 -3.95 -2.93 3.45
C VAL C 71 -3.31 -1.65 2.86
N GLU C 72 -2.75 -1.75 1.65
CA GLU C 72 -2.10 -0.61 1.03
C GLU C 72 -3.15 0.47 0.93
N LEU C 73 -2.88 1.61 1.54
CA LEU C 73 -3.81 2.71 1.54
C LEU C 73 -3.33 3.77 0.55
N SER C 74 -2.11 3.61 0.05
CA SER C 74 -1.59 4.58 -0.91
C SER C 74 -0.25 4.19 -1.55
N PRO C 75 -0.23 4.12 -2.89
CA PRO C 75 0.93 3.77 -3.70
C PRO C 75 2.23 4.43 -3.26
N CYS C 76 3.33 3.76 -3.54
CA CYS C 76 4.62 4.32 -3.23
C CYS C 76 4.92 5.13 -4.46
N THR C 77 4.63 6.42 -4.40
CA THR C 77 4.89 7.30 -5.53
C THR C 77 6.40 7.57 -5.58
N THR C 78 6.89 7.92 -6.76
CA THR C 78 8.31 8.22 -6.96
C THR C 78 8.72 9.45 -6.15
N THR C 79 7.79 10.00 -5.38
CA THR C 79 8.05 11.16 -4.56
C THR C 79 7.09 11.13 -3.37
N ARG C 80 6.94 9.95 -2.79
CA ARG C 80 6.09 9.69 -1.63
C ARG C 80 6.01 8.19 -1.39
N ASN C 81 6.49 7.75 -0.23
CA ASN C 81 6.50 6.33 0.13
C ASN C 81 5.08 5.81 0.15
N THR C 82 4.94 4.50 0.20
CA THR C 82 3.64 3.87 0.24
C THR C 82 3.12 3.96 1.66
N VAL C 83 1.82 4.08 1.83
CA VAL C 83 1.29 4.17 3.17
C VAL C 83 0.52 2.90 3.46
N CYS C 84 0.85 2.27 4.58
CA CYS C 84 0.16 1.06 4.92
C CYS C 84 -0.68 1.26 6.15
N GLN C 85 -1.79 0.54 6.25
CA GLN C 85 -2.65 0.68 7.41
C GLN C 85 -3.20 -0.68 7.80
N CYS C 86 -3.44 -0.86 9.09
CA CYS C 86 -3.94 -2.13 9.58
C CYS C 86 -5.21 -2.55 8.84
N GLU C 87 -5.37 -3.86 8.73
CA GLU C 87 -6.51 -4.43 8.07
C GLU C 87 -7.72 -3.97 8.89
N GLU C 88 -8.91 -4.43 8.54
CA GLU C 88 -10.08 -4.04 9.32
C GLU C 88 -10.10 -4.98 10.52
N GLY C 89 -10.19 -4.40 11.71
CA GLY C 89 -10.22 -5.21 12.91
C GLY C 89 -9.02 -5.01 13.82
N THR C 90 -7.99 -4.38 13.28
CA THR C 90 -6.78 -4.13 14.05
C THR C 90 -6.28 -2.67 13.92
N PHE C 91 -5.58 -2.17 14.95
CA PHE C 91 -5.08 -0.79 14.98
C PHE C 91 -3.60 -0.66 15.36
N ARG C 92 -3.02 0.50 15.09
CA ARG C 92 -1.63 0.77 15.48
C ARG C 92 -1.65 1.80 16.65
N GLU C 93 -0.52 2.47 16.88
CA GLU C 93 -0.42 3.45 17.95
C GLU C 93 1.03 3.94 17.95
N GLU C 94 1.31 5.05 18.64
CA GLU C 94 2.65 5.62 18.64
C GLU C 94 3.71 4.81 19.33
N ASP C 95 3.28 3.94 20.23
CA ASP C 95 4.20 3.08 20.96
C ASP C 95 4.22 1.64 20.46
N SER C 96 3.42 1.37 19.43
CA SER C 96 3.35 0.03 18.86
C SER C 96 3.15 0.11 17.36
N PRO C 97 4.12 0.73 16.66
CA PRO C 97 4.11 0.92 15.20
C PRO C 97 4.75 -0.24 14.46
N GLU C 98 4.95 -1.34 15.20
CA GLU C 98 5.59 -2.52 14.66
C GLU C 98 4.60 -3.64 14.33
N MET C 99 3.47 -3.71 15.01
CA MET C 99 2.50 -4.74 14.70
C MET C 99 1.12 -4.20 14.97
N CYS C 100 0.16 -4.70 14.21
CA CYS C 100 -1.23 -4.27 14.31
C CYS C 100 -1.95 -5.00 15.43
N ARG C 101 -2.12 -4.33 16.55
CA ARG C 101 -2.76 -4.96 17.72
C ARG C 101 -4.24 -5.03 17.45
N LYS C 102 -4.82 -6.20 17.71
CA LYS C 102 -6.23 -6.39 17.48
C LYS C 102 -7.00 -5.32 18.25
N ASP C 116 -15.68 2.99 19.46
CA ASP C 116 -15.55 2.16 18.26
C ASP C 116 -14.08 2.07 17.81
N CYS C 117 -13.74 0.92 17.21
CA CYS C 117 -12.38 0.67 16.74
C CYS C 117 -12.02 1.47 15.49
N THR C 118 -10.77 1.89 15.41
CA THR C 118 -10.27 2.66 14.27
C THR C 118 -8.82 2.23 14.01
N PRO C 119 -8.32 2.49 12.79
CA PRO C 119 -6.95 2.16 12.37
C PRO C 119 -5.83 2.81 13.18
N TRP C 120 -6.19 3.51 14.26
CA TRP C 120 -5.20 4.12 15.15
C TRP C 120 -5.70 4.13 16.59
N SER C 121 -6.68 3.29 16.92
CA SER C 121 -7.19 3.25 18.29
C SER C 121 -7.99 2.00 18.59
N ASP C 122 -8.01 1.60 19.85
CA ASP C 122 -8.78 0.44 20.26
C ASP C 122 -10.23 0.91 20.45
N ILE C 123 -11.17 -0.02 20.58
CA ILE C 123 -12.57 0.39 20.75
C ILE C 123 -12.72 1.20 22.02
N GLN D 7 50.42 -8.58 15.50
CA GLN D 7 50.34 -7.23 16.15
C GLN D 7 48.88 -6.92 16.50
N ARG D 8 47.97 -7.69 15.93
CA ARG D 8 46.57 -7.52 16.21
C ARG D 8 46.40 -7.74 17.70
N VAL D 9 45.34 -7.13 18.25
CA VAL D 9 45.00 -7.26 19.66
C VAL D 9 43.51 -7.60 19.73
N ALA D 10 43.18 -8.87 19.85
CA ALA D 10 41.79 -9.28 19.93
C ALA D 10 41.73 -10.65 20.60
N ALA D 11 40.53 -11.11 20.92
CA ALA D 11 40.36 -12.42 21.51
C ALA D 11 38.89 -12.83 21.52
N HIS D 12 38.65 -14.12 21.49
CA HIS D 12 37.29 -14.65 21.52
C HIS D 12 37.59 -15.99 22.11
N ILE D 13 36.95 -16.31 23.23
CA ILE D 13 37.19 -17.59 23.89
C ILE D 13 35.82 -18.07 24.18
N THR D 14 35.62 -19.38 24.09
CA THR D 14 34.30 -19.92 24.22
C THR D 14 34.10 -20.81 25.42
N GLY D 15 32.86 -21.23 25.60
CA GLY D 15 32.58 -22.12 26.70
C GLY D 15 33.04 -23.49 26.28
N THR D 16 33.85 -24.12 27.10
CA THR D 16 34.31 -25.47 26.78
C THR D 16 33.10 -26.31 27.05
N ARG D 17 33.27 -27.63 27.17
CA ARG D 17 32.15 -28.53 27.41
C ARG D 17 31.86 -29.35 26.19
N GLY D 18 32.19 -28.80 25.03
CA GLY D 18 31.96 -29.51 23.79
C GLY D 18 31.19 -28.72 22.75
N ARG D 19 31.23 -29.21 21.52
CA ARG D 19 30.56 -28.56 20.39
C ARG D 19 29.11 -28.98 20.32
N SER D 20 28.26 -28.09 19.85
CA SER D 20 26.83 -28.35 19.76
C SER D 20 26.42 -29.51 18.88
N ASN D 21 25.23 -30.04 19.16
CA ASN D 21 24.67 -31.16 18.39
C ASN D 21 24.72 -30.89 16.91
N THR D 22 24.88 -31.95 16.14
CA THR D 22 24.97 -31.83 14.69
C THR D 22 23.98 -32.75 13.96
N ALA D 33 31.02 -8.43 42.96
CA ALA D 33 30.25 -8.64 41.74
C ALA D 33 28.97 -9.45 41.90
N LEU D 34 27.96 -9.04 41.13
CA LEU D 34 26.64 -9.69 41.13
C LEU D 34 26.69 -10.96 40.29
N GLY D 35 25.71 -11.84 40.45
CA GLY D 35 25.73 -13.08 39.70
C GLY D 35 26.90 -13.99 40.09
N ARG D 36 27.35 -14.82 39.15
CA ARG D 36 28.47 -15.74 39.39
C ARG D 36 29.42 -15.67 38.24
N LYS D 37 30.68 -15.36 38.52
CA LYS D 37 31.71 -15.26 37.51
C LYS D 37 31.85 -16.58 36.75
N ILE D 38 31.92 -16.47 35.42
CA ILE D 38 32.07 -17.64 34.56
C ILE D 38 33.56 -17.77 34.42
N ASN D 39 34.09 -18.91 34.87
CA ASN D 39 35.53 -19.16 34.77
C ASN D 39 35.88 -20.31 33.84
N SER D 40 34.85 -20.96 33.26
CA SER D 40 35.10 -22.08 32.36
C SER D 40 35.47 -21.78 30.93
N TRP D 41 35.69 -20.51 30.58
CA TRP D 41 36.07 -20.17 29.20
C TRP D 41 37.37 -20.89 28.84
N GLU D 42 37.67 -20.93 27.55
CA GLU D 42 38.87 -21.57 27.05
C GLU D 42 39.99 -20.60 27.23
N SER D 43 41.21 -21.09 27.25
CA SER D 43 42.37 -20.23 27.47
C SER D 43 43.42 -20.50 26.44
N SER D 44 43.10 -21.44 25.57
CA SER D 44 44.01 -21.88 24.53
C SER D 44 43.44 -21.69 23.15
N ARG D 45 44.33 -21.66 22.17
CA ARG D 45 43.93 -21.53 20.78
C ARG D 45 43.17 -22.79 20.45
N SER D 46 42.19 -22.64 19.59
CA SER D 46 41.39 -23.75 19.15
C SER D 46 40.80 -23.39 17.77
N GLY D 47 39.82 -24.15 17.35
CA GLY D 47 39.25 -23.84 16.06
C GLY D 47 38.11 -22.86 16.23
N HIS D 48 37.94 -22.36 17.44
CA HIS D 48 36.86 -21.43 17.70
C HIS D 48 37.19 -20.41 18.76
N SER D 49 38.47 -20.25 19.09
CA SER D 49 38.85 -19.25 20.09
C SER D 49 40.32 -18.94 19.95
N PHE D 50 40.70 -17.72 20.29
CA PHE D 50 42.09 -17.30 20.19
C PHE D 50 42.35 -16.13 21.14
N LEU D 51 43.63 -15.79 21.30
CA LEU D 51 44.00 -14.72 22.19
C LEU D 51 45.22 -14.11 21.56
N SER D 52 45.09 -12.90 21.06
CA SER D 52 46.17 -12.22 20.41
C SER D 52 46.45 -10.99 21.24
N ASN D 53 47.62 -10.97 21.88
CA ASN D 53 48.03 -9.89 22.73
C ASN D 53 47.06 -9.62 23.88
N LEU D 54 46.47 -10.67 24.39
CA LEU D 54 45.57 -10.62 25.54
C LEU D 54 45.67 -12.04 26.09
N HIS D 55 45.37 -12.27 27.36
CA HIS D 55 45.41 -13.62 27.83
C HIS D 55 44.34 -13.86 28.84
N LEU D 56 44.00 -15.12 29.07
CA LEU D 56 42.95 -15.47 30.06
C LEU D 56 43.63 -15.96 31.32
N ARG D 57 43.08 -15.55 32.45
CA ARG D 57 43.65 -15.90 33.75
C ARG D 57 42.55 -15.94 34.74
N ASN D 58 42.08 -17.14 35.03
CA ASN D 58 41.00 -17.36 35.96
C ASN D 58 39.68 -16.84 35.43
N GLY D 59 39.48 -17.04 34.13
CA GLY D 59 38.25 -16.63 33.50
C GLY D 59 38.20 -15.16 33.20
N GLU D 60 39.31 -14.46 33.40
CA GLU D 60 39.36 -13.05 33.14
C GLU D 60 40.33 -12.73 32.05
N LEU D 61 39.90 -11.86 31.14
CA LEU D 61 40.76 -11.43 30.06
C LEU D 61 41.68 -10.34 30.62
N VAL D 62 42.99 -10.54 30.49
CA VAL D 62 43.96 -9.59 31.02
C VAL D 62 44.50 -8.70 29.88
N ILE D 63 44.30 -7.39 30.00
CA ILE D 63 44.71 -6.44 28.98
C ILE D 63 46.20 -6.20 29.05
N HIS D 64 46.83 -6.05 27.90
CA HIS D 64 48.26 -5.84 27.82
C HIS D 64 48.52 -4.46 27.32
N GLU D 65 47.71 -4.08 26.34
CA GLU D 65 47.83 -2.78 25.69
C GLU D 65 46.67 -1.88 26.06
N LYS D 66 47.00 -0.64 26.37
CA LYS D 66 46.03 0.36 26.74
C LYS D 66 45.23 0.76 25.50
N GLY D 67 43.98 1.16 25.67
CA GLY D 67 43.22 1.57 24.51
C GLY D 67 41.73 1.30 24.64
N PHE D 68 40.98 1.70 23.61
CA PHE D 68 39.53 1.49 23.57
C PHE D 68 39.28 0.06 23.14
N TYR D 69 38.48 -0.68 23.91
CA TYR D 69 38.21 -2.08 23.61
C TYR D 69 36.71 -2.40 23.44
N TYR D 70 36.35 -2.99 22.31
CA TYR D 70 34.96 -3.37 22.16
C TYR D 70 34.91 -4.71 22.89
N ILE D 71 34.11 -4.80 23.93
CA ILE D 71 33.99 -6.03 24.72
C ILE D 71 32.60 -6.65 24.53
N TYR D 72 32.52 -7.97 24.38
CA TYR D 72 31.23 -8.56 24.19
C TYR D 72 31.17 -9.90 24.80
N SER D 73 29.94 -10.38 25.01
CA SER D 73 29.70 -11.70 25.52
C SER D 73 28.28 -12.22 25.23
N GLN D 74 28.19 -13.49 24.90
CA GLN D 74 26.93 -14.07 24.63
C GLN D 74 26.85 -15.17 25.64
N THR D 75 25.67 -15.39 26.24
CA THR D 75 25.47 -16.47 27.20
C THR D 75 24.11 -17.10 26.99
N TYR D 76 24.10 -18.41 26.70
CA TYR D 76 22.89 -19.17 26.43
C TYR D 76 22.22 -19.78 27.64
N PHE D 77 21.02 -19.31 27.93
CA PHE D 77 20.23 -19.78 29.04
C PHE D 77 19.30 -20.75 28.38
N ARG D 78 19.41 -22.01 28.74
CA ARG D 78 18.58 -23.01 28.11
C ARG D 78 18.09 -23.98 29.14
N PHE D 79 16.95 -24.03 29.49
CA PHE D 79 16.37 -24.90 30.50
C PHE D 79 15.07 -25.61 30.07
N GLN D 80 14.91 -26.84 30.57
CA GLN D 80 13.72 -27.64 30.27
C GLN D 80 13.00 -27.77 31.61
N GLU D 81 12.43 -26.66 32.08
CA GLU D 81 11.73 -26.59 33.35
C GLU D 81 10.43 -27.32 33.53
N GLU D 82 10.16 -27.55 34.80
CA GLU D 82 8.95 -28.18 35.25
C GLU D 82 8.33 -27.24 36.29
N ILE D 83 7.06 -26.93 36.08
CA ILE D 83 6.33 -26.04 37.00
C ILE D 83 6.32 -26.58 38.42
N LYS D 84 7.16 -26.02 39.27
CA LYS D 84 7.26 -26.46 40.66
C LYS D 84 6.13 -25.86 41.49
N GLU D 85 5.48 -26.69 42.30
CA GLU D 85 4.32 -26.24 43.07
C GLU D 85 4.31 -25.08 44.06
N ASN D 86 4.87 -25.30 45.24
CA ASN D 86 4.84 -24.31 46.32
C ASN D 86 5.99 -23.30 46.24
N THR D 87 6.22 -22.76 45.05
CA THR D 87 7.30 -21.80 44.86
C THR D 87 7.10 -20.91 43.65
N LYS D 88 7.83 -19.79 43.60
CA LYS D 88 7.74 -18.88 42.46
C LYS D 88 8.67 -19.44 41.39
N ASN D 89 8.34 -19.21 40.14
CA ASN D 89 9.15 -19.72 39.03
C ASN D 89 9.76 -18.69 38.08
N ASP D 90 9.46 -17.43 38.38
CA ASP D 90 9.99 -16.34 37.60
C ASP D 90 11.53 -16.34 37.71
N LYS D 91 12.17 -16.31 36.54
CA LYS D 91 13.64 -16.30 36.45
C LYS D 91 14.17 -14.98 35.89
N GLN D 92 15.23 -14.48 36.52
CA GLN D 92 15.87 -13.28 36.04
C GLN D 92 17.23 -13.68 35.50
N MET D 93 17.43 -13.77 34.19
CA MET D 93 18.70 -14.13 33.59
C MET D 93 19.41 -12.84 33.26
N VAL D 94 20.58 -12.63 33.84
CA VAL D 94 21.29 -11.39 33.62
C VAL D 94 22.75 -11.65 33.39
N GLN D 95 23.36 -10.95 32.43
CA GLN D 95 24.78 -11.12 32.16
C GLN D 95 25.47 -9.79 32.49
N TYR D 96 26.48 -9.88 33.35
CA TYR D 96 27.23 -8.70 33.77
C TYR D 96 28.65 -8.74 33.30
N ILE D 97 29.14 -7.65 32.76
CA ILE D 97 30.52 -7.62 32.32
C ILE D 97 31.23 -6.65 33.24
N TYR D 98 32.12 -7.17 34.08
CA TYR D 98 32.87 -6.38 35.06
C TYR D 98 34.29 -6.16 34.67
N LYS D 99 34.92 -5.20 35.33
CA LYS D 99 36.31 -4.92 35.05
C LYS D 99 37.02 -4.80 36.40
N TYR D 100 38.33 -5.13 36.43
CA TYR D 100 39.12 -5.01 37.65
C TYR D 100 40.26 -4.11 37.33
N THR D 101 40.16 -2.85 37.71
CA THR D 101 41.25 -1.90 37.46
C THR D 101 42.03 -1.73 38.79
N SER D 102 43.03 -0.87 38.85
CA SER D 102 43.78 -0.66 40.08
C SER D 102 42.89 -0.05 41.16
N TYR D 103 41.93 -0.82 41.66
CA TYR D 103 40.97 -0.38 42.66
C TYR D 103 40.37 -1.67 43.15
N PRO D 104 40.35 -1.86 44.47
CA PRO D 104 39.82 -3.04 45.16
C PRO D 104 38.60 -3.75 44.59
N ASP D 105 37.51 -3.02 44.37
CA ASP D 105 36.27 -3.65 43.89
C ASP D 105 36.06 -3.74 42.41
N PRO D 106 35.30 -4.76 41.99
CA PRO D 106 35.01 -4.91 40.56
C PRO D 106 33.98 -3.86 40.14
N ILE D 107 34.27 -3.17 39.03
CA ILE D 107 33.37 -2.14 38.49
C ILE D 107 32.57 -2.67 37.30
N LEU D 108 31.24 -2.56 37.37
CA LEU D 108 30.35 -3.02 36.29
C LEU D 108 30.54 -2.19 35.00
N LEU D 109 30.60 -2.88 33.86
CA LEU D 109 30.75 -2.19 32.58
C LEU D 109 29.37 -2.18 31.87
N MET D 110 28.68 -3.33 31.82
CA MET D 110 27.37 -3.39 31.18
C MET D 110 26.61 -4.57 31.69
N LYS D 111 25.28 -4.54 31.59
CA LYS D 111 24.44 -5.66 31.99
C LYS D 111 23.27 -5.75 31.01
N SER D 112 22.81 -6.97 30.72
CA SER D 112 21.71 -7.17 29.80
C SER D 112 20.88 -8.21 30.51
N ALA D 113 19.57 -8.04 30.51
CA ALA D 113 18.71 -8.93 31.26
C ALA D 113 17.42 -9.38 30.57
N ARG D 114 16.92 -10.57 30.94
CA ARG D 114 15.68 -11.09 30.41
C ARG D 114 14.93 -11.73 31.55
N ASN D 115 13.65 -12.07 31.34
CA ASN D 115 12.82 -12.73 32.34
C ASN D 115 12.08 -13.84 31.58
N SER D 116 12.07 -15.04 32.14
CA SER D 116 11.40 -16.16 31.51
C SER D 116 9.92 -15.84 31.33
N CYS D 117 9.22 -16.68 30.58
CA CYS D 117 7.79 -16.49 30.35
C CYS D 117 7.02 -16.76 31.60
N TRP D 118 5.95 -16.01 31.82
CA TRP D 118 5.15 -16.23 33.00
C TRP D 118 4.04 -17.22 32.78
N SER D 119 3.95 -17.81 31.59
CA SER D 119 2.88 -18.76 31.32
C SER D 119 3.08 -20.03 32.11
N LYS D 120 2.01 -20.49 32.76
CA LYS D 120 2.05 -21.71 33.56
C LYS D 120 2.25 -22.89 32.63
N ASP D 121 2.16 -22.63 31.32
CA ASP D 121 2.32 -23.67 30.29
C ASP D 121 3.71 -23.66 29.69
N ALA D 122 4.61 -22.90 30.29
CA ALA D 122 5.96 -22.88 29.75
C ALA D 122 6.60 -24.24 30.01
N GLU D 123 7.13 -24.84 28.96
CA GLU D 123 7.76 -26.15 29.07
C GLU D 123 9.27 -26.04 29.12
N TYR D 124 9.80 -24.97 28.55
CA TYR D 124 11.25 -24.79 28.55
C TYR D 124 11.54 -23.40 28.02
N GLY D 125 12.81 -22.99 28.11
CA GLY D 125 13.18 -21.68 27.66
C GLY D 125 14.55 -21.64 27.06
N LEU D 126 14.73 -20.76 26.08
CA LEU D 126 16.01 -20.58 25.40
C LEU D 126 16.16 -19.08 25.36
N TYR D 127 17.20 -18.57 25.99
CA TYR D 127 17.39 -17.14 26.01
C TYR D 127 18.86 -16.84 25.84
N SER D 128 19.27 -16.57 24.61
CA SER D 128 20.65 -16.22 24.40
C SER D 128 20.68 -14.71 24.64
N ILE D 129 21.68 -14.24 25.39
CA ILE D 129 21.79 -12.82 25.70
C ILE D 129 23.14 -12.36 25.22
N TYR D 130 23.13 -11.33 24.39
CA TYR D 130 24.33 -10.78 23.84
C TYR D 130 24.39 -9.33 24.20
N GLN D 131 25.60 -8.82 24.40
CA GLN D 131 25.76 -7.39 24.65
C GLN D 131 27.23 -7.09 24.34
N GLY D 132 27.51 -5.82 24.04
CA GLY D 132 28.88 -5.42 23.75
C GLY D 132 28.99 -3.91 23.79
N GLY D 133 30.21 -3.40 23.95
CA GLY D 133 30.39 -1.96 24.01
C GLY D 133 31.86 -1.63 24.11
N ILE D 134 32.22 -0.36 23.94
CA ILE D 134 33.62 0.02 24.02
C ILE D 134 33.94 0.73 25.34
N PHE D 135 35.05 0.33 25.93
CA PHE D 135 35.46 0.94 27.15
C PHE D 135 36.96 1.09 27.08
N GLU D 136 37.46 2.19 27.66
CA GLU D 136 38.89 2.48 27.75
C GLU D 136 39.46 1.71 28.96
N LEU D 137 40.45 0.86 28.68
CA LEU D 137 41.05 0.04 29.69
C LEU D 137 42.51 0.33 29.73
N LYS D 138 43.12 0.21 30.91
CA LYS D 138 44.54 0.45 31.03
C LYS D 138 45.20 -0.93 31.15
N GLU D 139 46.53 -0.95 30.97
CA GLU D 139 47.34 -2.18 31.05
C GLU D 139 47.07 -2.95 32.34
N ASN D 140 47.08 -4.26 32.27
CA ASN D 140 46.85 -5.05 33.47
C ASN D 140 45.43 -5.05 34.01
N ASP D 141 44.57 -4.25 33.40
CA ASP D 141 43.16 -4.22 33.82
C ASP D 141 42.69 -5.64 33.61
N ARG D 142 41.51 -6.01 34.09
CA ARG D 142 41.04 -7.36 33.88
C ARG D 142 39.55 -7.33 33.72
N ILE D 143 39.01 -8.04 32.72
CA ILE D 143 37.57 -8.02 32.55
C ILE D 143 37.00 -9.42 32.61
N PHE D 144 35.78 -9.54 33.10
CA PHE D 144 35.16 -10.86 33.20
C PHE D 144 33.63 -10.80 33.08
N VAL D 145 33.02 -11.99 32.96
CA VAL D 145 31.58 -12.14 32.78
C VAL D 145 31.02 -12.86 33.98
N SER D 146 29.89 -12.37 34.44
CA SER D 146 29.22 -12.88 35.62
C SER D 146 27.76 -13.17 35.27
N VAL D 147 27.09 -14.12 35.90
CA VAL D 147 25.72 -14.36 35.49
C VAL D 147 24.84 -14.93 36.55
N THR D 148 23.55 -14.63 36.48
CA THR D 148 22.67 -15.22 37.47
C THR D 148 22.39 -16.58 36.92
N ASN D 149 21.60 -17.35 37.64
CA ASN D 149 21.22 -18.68 37.23
C ASN D 149 22.23 -19.44 36.34
N GLU D 150 23.49 -19.52 36.76
CA GLU D 150 24.49 -20.22 35.95
C GLU D 150 24.18 -21.70 35.71
N HIS D 151 23.42 -22.32 36.61
CA HIS D 151 23.04 -23.73 36.43
C HIS D 151 22.15 -23.92 35.16
N LEU D 152 21.78 -22.81 34.51
CA LEU D 152 20.93 -22.85 33.33
C LEU D 152 21.70 -22.52 32.06
N ILE D 153 22.92 -22.00 32.21
CA ILE D 153 23.74 -21.66 31.05
C ILE D 153 24.12 -22.91 30.25
N ASP D 154 24.17 -22.80 28.94
CA ASP D 154 24.56 -23.91 28.08
C ASP D 154 25.95 -23.46 27.63
N MET D 155 27.00 -24.15 28.08
CA MET D 155 28.33 -23.71 27.72
C MET D 155 28.95 -24.27 26.44
N ASP D 156 28.13 -24.85 25.55
CA ASP D 156 28.64 -25.36 24.27
C ASP D 156 29.41 -24.24 23.62
N HIS D 157 30.51 -24.59 22.97
CA HIS D 157 31.39 -23.57 22.40
C HIS D 157 30.77 -22.58 21.46
N GLU D 158 29.57 -22.89 21.00
CA GLU D 158 28.89 -22.00 20.09
C GLU D 158 27.78 -21.20 20.78
N ALA D 159 27.21 -21.79 21.82
CA ALA D 159 26.14 -21.14 22.53
C ALA D 159 26.63 -19.94 23.32
N SER D 160 27.72 -20.11 24.07
CA SER D 160 28.27 -19.03 24.91
C SER D 160 29.72 -18.74 24.64
N PHE D 161 30.02 -17.44 24.55
CA PHE D 161 31.37 -17.00 24.30
C PHE D 161 31.68 -15.63 24.95
N PHE D 162 32.93 -15.20 24.78
CA PHE D 162 33.39 -13.96 25.36
C PHE D 162 34.62 -13.50 24.57
N GLY D 163 34.69 -12.19 24.30
CA GLY D 163 35.80 -11.66 23.57
C GLY D 163 35.84 -10.17 23.69
N ALA D 164 36.89 -9.63 23.12
CA ALA D 164 37.15 -8.21 23.09
C ALA D 164 38.26 -7.94 22.04
N PHE D 165 38.25 -6.74 21.44
CA PHE D 165 39.27 -6.34 20.46
C PHE D 165 39.43 -4.81 20.49
N LEU D 166 40.64 -4.34 20.18
CA LEU D 166 40.95 -2.92 20.20
C LEU D 166 40.12 -2.17 19.16
N VAL D 167 39.91 -0.87 19.38
CA VAL D 167 39.15 -0.03 18.43
C VAL D 167 39.73 1.38 18.37
N GLY D 168 39.44 2.02 17.24
CA GLY D 168 39.92 3.36 16.99
C GLY D 168 40.57 3.50 15.61
N GLN E 7 44.01 10.20 16.99
CA GLN E 7 43.38 9.98 15.66
C GLN E 7 42.40 8.81 15.68
N ARG E 8 42.20 8.21 16.84
CA ARG E 8 41.26 7.11 16.96
C ARG E 8 39.88 7.71 16.82
N VAL E 9 39.01 7.00 16.14
CA VAL E 9 37.67 7.50 15.97
C VAL E 9 36.70 6.49 16.56
N ALA E 10 36.03 6.89 17.66
CA ALA E 10 35.06 6.01 18.31
C ALA E 10 34.35 6.74 19.45
N ALA E 11 33.28 6.15 19.97
CA ALA E 11 32.60 6.78 21.08
C ALA E 11 31.60 5.85 21.72
N HIS E 12 31.55 5.93 23.04
CA HIS E 12 30.61 5.14 23.81
C HIS E 12 30.10 6.16 24.78
N ILE E 13 28.78 6.33 24.81
CA ILE E 13 28.15 7.31 25.68
C ILE E 13 26.99 6.59 26.33
N THR E 14 26.88 6.72 27.64
CA THR E 14 25.87 5.98 28.35
C THR E 14 24.76 6.82 28.86
N GLY E 15 23.73 6.14 29.32
CA GLY E 15 22.65 6.86 29.90
C GLY E 15 23.09 7.44 31.23
N THR E 16 22.41 8.50 31.62
CA THR E 16 22.67 9.15 32.86
C THR E 16 21.46 8.97 33.72
N ARG E 17 21.65 8.75 34.99
CA ARG E 17 20.56 8.60 35.90
C ARG E 17 21.19 8.07 37.13
N GLY E 18 22.41 7.55 36.97
CA GLY E 18 23.16 7.01 38.08
C GLY E 18 23.59 5.59 37.82
N ARG E 19 24.54 5.14 38.62
CA ARG E 19 25.08 3.80 38.55
C ARG E 19 23.99 2.81 38.99
N SER E 20 24.17 1.56 38.64
CA SER E 20 23.19 0.55 39.00
C SER E 20 23.59 -0.11 40.31
N ASN E 21 22.57 -0.48 41.07
CA ASN E 21 22.73 -1.07 42.36
C ASN E 21 23.91 -2.00 42.48
N THR E 22 24.59 -1.85 43.62
CA THR E 22 25.79 -2.61 43.98
C THR E 22 25.49 -3.48 45.21
N ALA E 33 10.93 10.55 12.45
CA ALA E 33 11.38 9.36 13.20
C ALA E 33 10.24 8.68 13.96
N LEU E 34 10.40 7.38 14.21
CA LEU E 34 9.39 6.59 14.89
C LEU E 34 9.82 6.52 16.34
N GLY E 35 8.89 6.29 17.26
CA GLY E 35 9.22 6.25 18.69
C GLY E 35 9.88 7.55 19.18
N ARG E 36 9.97 7.76 20.49
CA ARG E 36 10.62 8.99 20.98
C ARG E 36 12.16 8.85 20.98
N LYS E 37 12.85 9.90 20.54
CA LYS E 37 14.31 9.89 20.48
C LYS E 37 14.93 10.14 21.85
N ILE E 38 15.96 9.36 22.18
CA ILE E 38 16.68 9.48 23.44
C ILE E 38 17.70 10.60 23.32
N ASN E 39 17.65 11.58 24.20
CA ASN E 39 18.62 12.68 24.13
C ASN E 39 19.34 12.92 25.44
N SER E 40 19.12 12.04 26.40
CA SER E 40 19.78 12.19 27.70
C SER E 40 20.98 11.24 27.86
N TRP E 41 21.93 11.28 26.93
CA TRP E 41 23.14 10.45 27.00
C TRP E 41 24.19 11.32 27.65
N GLU E 42 25.20 10.71 28.26
CA GLU E 42 26.29 11.47 28.86
C GLU E 42 26.93 12.12 27.64
N SER E 43 27.91 12.98 27.87
CA SER E 43 28.60 13.65 26.77
C SER E 43 30.06 13.71 27.13
N SER E 44 30.31 14.49 28.18
CA SER E 44 31.62 14.69 28.74
C SER E 44 32.39 13.38 28.88
N ARG E 45 33.64 13.50 29.29
CA ARG E 45 34.50 12.34 29.50
C ARG E 45 34.22 11.90 30.93
N SER E 46 34.21 10.59 31.13
CA SER E 46 33.99 10.04 32.44
C SER E 46 34.75 8.71 32.52
N GLY E 47 34.23 7.79 33.31
CA GLY E 47 34.90 6.51 33.43
C GLY E 47 34.08 5.40 32.80
N HIS E 48 33.16 5.77 31.91
CA HIS E 48 32.35 4.77 31.27
C HIS E 48 31.83 5.25 29.93
N SER E 49 32.28 6.41 29.50
CA SER E 49 31.88 6.94 28.21
C SER E 49 32.91 7.93 27.78
N PHE E 50 33.16 7.97 26.49
CA PHE E 50 34.15 8.88 25.98
C PHE E 50 33.73 9.26 24.55
N LEU E 51 34.37 10.29 24.00
CA LEU E 51 34.11 10.73 22.63
C LEU E 51 35.48 10.93 21.99
N SER E 52 35.77 10.26 20.88
CA SER E 52 37.07 10.49 20.29
C SER E 52 36.90 10.74 18.84
N ASN E 53 37.12 11.99 18.45
CA ASN E 53 37.01 12.43 17.07
C ASN E 53 35.56 12.25 16.62
N LEU E 54 34.64 12.58 17.54
CA LEU E 54 33.18 12.54 17.32
C LEU E 54 32.69 13.53 18.39
N HIS E 55 31.39 13.78 18.47
CA HIS E 55 30.88 14.68 19.50
C HIS E 55 29.39 14.55 19.54
N LEU E 56 28.77 15.03 20.62
CA LEU E 56 27.34 14.87 20.78
C LEU E 56 26.58 16.20 20.70
N ARG E 57 25.40 16.18 20.07
CA ARG E 57 24.57 17.39 19.91
C ARG E 57 23.11 17.02 19.96
N ASN E 58 22.47 17.23 21.10
CA ASN E 58 21.06 16.88 21.29
C ASN E 58 20.84 15.37 21.25
N GLY E 59 21.74 14.63 21.90
CA GLY E 59 21.61 13.18 21.92
C GLY E 59 21.92 12.53 20.58
N GLU E 60 22.63 13.25 19.74
CA GLU E 60 23.00 12.72 18.44
C GLU E 60 24.51 12.71 18.30
N LEU E 61 25.06 11.56 17.93
CA LEU E 61 26.51 11.47 17.74
C LEU E 61 26.72 12.08 16.37
N VAL E 62 27.71 12.96 16.25
CA VAL E 62 28.00 13.65 14.99
C VAL E 62 29.36 13.24 14.38
N ILE E 63 29.29 12.84 13.11
CA ILE E 63 30.44 12.38 12.36
C ILE E 63 31.39 13.49 11.96
N HIS E 64 32.69 13.22 12.12
CA HIS E 64 33.74 14.17 11.78
C HIS E 64 34.50 13.67 10.54
N GLU E 65 34.59 12.36 10.40
CA GLU E 65 35.30 11.77 9.29
C GLU E 65 34.37 10.82 8.55
N LYS E 66 34.49 10.72 7.24
CA LYS E 66 33.60 9.81 6.53
C LYS E 66 34.22 8.42 6.46
N GLY E 67 33.39 7.38 6.55
CA GLY E 67 33.90 6.03 6.46
C GLY E 67 32.89 5.00 6.93
N PHE E 68 33.32 3.74 7.09
CA PHE E 68 32.42 2.70 7.58
C PHE E 68 32.43 2.81 9.07
N TYR E 69 31.26 2.66 9.70
CA TYR E 69 31.14 2.77 11.15
C TYR E 69 30.32 1.64 11.73
N TYR E 70 30.82 1.01 12.79
CA TYR E 70 30.02 -0.04 13.42
C TYR E 70 29.27 0.84 14.40
N ILE E 71 27.94 0.69 14.42
CA ILE E 71 27.09 1.50 15.28
C ILE E 71 26.24 0.58 16.11
N TYR E 72 26.17 0.79 17.43
CA TYR E 72 25.35 -0.09 18.28
C TYR E 72 24.69 0.69 19.40
N SER E 73 23.72 0.05 20.04
CA SER E 73 23.08 0.64 21.18
C SER E 73 22.30 -0.38 21.99
N GLN E 74 22.40 -0.27 23.31
CA GLN E 74 21.63 -1.13 24.18
C GLN E 74 20.66 -0.18 24.91
N THR E 75 19.39 -0.61 24.97
CA THR E 75 18.35 0.14 25.64
C THR E 75 17.69 -0.91 26.51
N TYR E 76 17.55 -0.62 27.80
CA TYR E 76 16.99 -1.58 28.74
C TYR E 76 15.53 -1.28 29.13
N PHE E 77 14.62 -2.14 28.73
CA PHE E 77 13.22 -1.92 29.09
C PHE E 77 12.96 -2.71 30.38
N ARG E 78 12.67 -2.00 31.47
CA ARG E 78 12.45 -2.67 32.75
C ARG E 78 11.25 -2.07 33.45
N PHE E 79 10.22 -2.88 33.69
CA PHE E 79 8.99 -2.38 34.30
C PHE E 79 8.35 -3.38 35.25
N GLN E 80 7.68 -2.84 36.28
CA GLN E 80 7.01 -3.65 37.29
C GLN E 80 5.55 -3.64 36.91
N GLU E 81 5.27 -4.15 35.73
CA GLU E 81 3.95 -4.20 35.15
C GLU E 81 2.78 -4.78 35.92
N GLU E 82 1.67 -4.04 35.91
CA GLU E 82 0.43 -4.44 36.57
C GLU E 82 -0.65 -4.56 35.48
N ILE E 83 -1.29 -5.72 35.41
CA ILE E 83 -2.33 -5.97 34.41
C ILE E 83 -3.50 -5.03 34.59
N LYS E 84 -3.51 -3.94 33.82
CA LYS E 84 -4.57 -2.94 33.87
C LYS E 84 -5.99 -3.49 33.65
N GLU E 85 -6.94 -2.58 33.44
CA GLU E 85 -8.34 -2.98 33.26
C GLU E 85 -8.90 -2.57 31.91
N ASN E 86 -9.32 -1.30 31.83
CA ASN E 86 -9.89 -0.74 30.60
C ASN E 86 -8.78 -0.50 29.58
N THR E 87 -7.82 -1.42 29.51
CA THR E 87 -6.70 -1.33 28.57
C THR E 87 -6.04 -2.68 28.25
N LYS E 88 -5.24 -2.66 27.17
CA LYS E 88 -4.50 -3.83 26.72
C LYS E 88 -3.11 -3.65 27.31
N ASN E 89 -2.52 -4.73 27.84
CA ASN E 89 -1.20 -4.62 28.45
C ASN E 89 -0.05 -5.01 27.56
N ASP E 90 -0.34 -5.57 26.38
CA ASP E 90 0.72 -5.98 25.47
C ASP E 90 1.56 -4.78 25.04
N LYS E 91 2.87 -4.88 25.27
CA LYS E 91 3.78 -3.81 24.90
C LYS E 91 4.74 -4.21 23.79
N GLN E 92 5.05 -3.24 22.93
CA GLN E 92 5.98 -3.46 21.86
C GLN E 92 7.17 -2.58 22.17
N MET E 93 8.24 -3.23 22.64
CA MET E 93 9.46 -2.53 22.98
C MET E 93 10.31 -2.57 21.75
N VAL E 94 10.60 -1.40 21.19
CA VAL E 94 11.38 -1.36 19.97
C VAL E 94 12.47 -0.30 20.04
N GLN E 95 13.64 -0.59 19.51
CA GLN E 95 14.69 0.40 19.49
C GLN E 95 15.07 0.67 18.02
N TYR E 96 15.10 1.95 17.67
CA TYR E 96 15.41 2.41 16.35
C TYR E 96 16.68 3.22 16.39
N ILE E 97 17.52 3.05 15.37
CA ILE E 97 18.77 3.77 15.24
C ILE E 97 18.68 4.44 13.86
N TYR E 98 18.62 5.78 13.84
CA TYR E 98 18.51 6.60 12.63
C TYR E 98 19.74 7.41 12.30
N LYS E 99 19.70 8.08 11.16
CA LYS E 99 20.80 8.96 10.78
C LYS E 99 20.22 10.20 10.08
N TYR E 100 20.92 11.31 10.18
CA TYR E 100 20.54 12.56 9.56
C TYR E 100 21.74 12.87 8.70
N THR E 101 21.52 12.81 7.39
CA THR E 101 22.53 13.08 6.39
C THR E 101 21.99 14.34 5.70
N SER E 102 22.58 14.73 4.58
CA SER E 102 22.13 15.93 3.85
C SER E 102 20.77 15.67 3.21
N TYR E 103 19.76 15.33 4.01
CA TYR E 103 18.42 15.05 3.48
C TYR E 103 17.40 15.48 4.52
N PRO E 104 16.35 16.20 4.11
CA PRO E 104 15.33 16.67 5.04
C PRO E 104 14.89 15.71 6.16
N ASP E 105 14.62 14.44 5.84
CA ASP E 105 14.12 13.51 6.86
C ASP E 105 15.09 12.45 7.40
N PRO E 106 14.79 11.93 8.61
CA PRO E 106 15.63 10.90 9.24
C PRO E 106 15.57 9.56 8.47
N ILE E 107 16.70 8.88 8.38
CA ILE E 107 16.76 7.62 7.66
C ILE E 107 17.07 6.50 8.61
N LEU E 108 16.17 5.52 8.70
CA LEU E 108 16.35 4.39 9.59
C LEU E 108 17.49 3.51 9.12
N LEU E 109 18.31 3.08 10.07
CA LEU E 109 19.45 2.20 9.78
C LEU E 109 19.08 0.81 10.31
N MET E 110 18.69 0.71 11.58
CA MET E 110 18.34 -0.60 12.13
C MET E 110 17.21 -0.53 13.12
N LYS E 111 16.48 -1.64 13.25
CA LYS E 111 15.44 -1.69 14.26
C LYS E 111 15.45 -3.09 14.91
N SER E 112 15.20 -3.15 16.21
CA SER E 112 15.18 -4.41 16.94
C SER E 112 13.94 -4.35 17.77
N ALA E 113 13.16 -5.40 17.79
CA ALA E 113 11.94 -5.29 18.54
C ALA E 113 11.59 -6.55 19.27
N ARG E 114 11.09 -6.40 20.48
CA ARG E 114 10.66 -7.53 21.30
C ARG E 114 9.25 -7.22 21.73
N ASN E 115 8.54 -8.21 22.25
CA ASN E 115 7.20 -7.97 22.77
C ASN E 115 7.17 -8.55 24.17
N SER E 116 6.30 -8.02 25.03
CA SER E 116 6.22 -8.48 26.40
C SER E 116 5.48 -9.80 26.45
N CYS E 117 5.61 -10.52 27.57
CA CYS E 117 4.91 -11.78 27.72
C CYS E 117 3.43 -11.48 27.74
N TRP E 118 2.63 -12.39 27.19
CA TRP E 118 1.19 -12.23 27.07
C TRP E 118 0.46 -12.82 28.27
N SER E 119 1.22 -13.45 29.16
CA SER E 119 0.67 -14.09 30.35
C SER E 119 0.06 -13.12 31.34
N LYS E 120 -1.22 -13.28 31.63
CA LYS E 120 -1.85 -12.40 32.60
C LYS E 120 -1.14 -12.57 33.94
N ASP E 121 -0.31 -13.61 34.05
CA ASP E 121 0.45 -13.87 35.28
C ASP E 121 1.76 -13.10 35.35
N ALA E 122 2.10 -12.38 34.28
CA ALA E 122 3.34 -11.62 34.27
C ALA E 122 3.31 -10.56 35.37
N GLU E 123 4.37 -10.50 36.16
CA GLU E 123 4.49 -9.52 37.22
C GLU E 123 5.42 -8.38 36.84
N TYR E 124 6.54 -8.69 36.19
CA TYR E 124 7.43 -7.62 35.77
C TYR E 124 8.06 -8.04 34.44
N GLY E 125 8.88 -7.19 33.85
CA GLY E 125 9.50 -7.52 32.59
C GLY E 125 10.88 -6.91 32.50
N LEU E 126 11.85 -7.66 31.97
CA LEU E 126 13.21 -7.17 31.78
C LEU E 126 13.57 -7.53 30.36
N TYR E 127 13.72 -6.53 29.51
CA TYR E 127 14.04 -6.81 28.14
C TYR E 127 15.15 -5.89 27.65
N SER E 128 16.41 -6.27 27.85
CA SER E 128 17.53 -5.46 27.39
C SER E 128 17.64 -5.69 25.86
N ILE E 129 17.79 -4.62 25.09
CA ILE E 129 17.88 -4.74 23.64
C ILE E 129 19.15 -4.19 23.04
N TYR E 130 19.92 -5.05 22.36
CA TYR E 130 21.17 -4.61 21.74
C TYR E 130 21.09 -4.88 20.24
N GLN E 131 21.77 -4.04 19.46
CA GLN E 131 21.81 -4.14 18.02
C GLN E 131 22.98 -3.32 17.52
N GLY E 132 23.61 -3.81 16.47
CA GLY E 132 24.78 -3.14 15.91
C GLY E 132 24.81 -3.43 14.41
N GLY E 133 25.67 -2.71 13.68
CA GLY E 133 25.77 -2.88 12.25
C GLY E 133 26.68 -1.82 11.68
N ILE E 134 27.24 -2.07 10.50
CA ILE E 134 28.14 -1.12 9.83
C ILE E 134 27.38 -0.34 8.73
N PHE E 135 27.61 0.96 8.67
CA PHE E 135 26.97 1.81 7.69
C PHE E 135 27.97 2.86 7.23
N GLU E 136 27.84 3.34 5.99
CA GLU E 136 28.75 4.38 5.53
C GLU E 136 28.12 5.70 5.94
N LEU E 137 28.94 6.60 6.51
CA LEU E 137 28.45 7.90 6.98
C LEU E 137 29.36 9.00 6.51
N LYS E 138 28.79 10.16 6.24
CA LYS E 138 29.58 11.30 5.77
C LYS E 138 29.76 12.35 6.84
N GLU E 139 30.78 13.18 6.65
CA GLU E 139 31.05 14.20 7.61
C GLU E 139 29.80 14.97 7.93
N ASN E 140 29.64 15.29 9.20
CA ASN E 140 28.50 16.05 9.67
C ASN E 140 27.18 15.32 9.58
N ASP E 141 27.26 13.99 9.47
CA ASP E 141 26.04 13.20 9.44
C ASP E 141 25.73 12.98 10.93
N ARG E 142 24.49 12.73 11.28
CA ARG E 142 24.18 12.56 12.68
C ARG E 142 23.38 11.30 12.94
N ILE E 143 23.79 10.54 13.95
CA ILE E 143 23.13 9.29 14.27
C ILE E 143 22.55 9.39 15.66
N PHE E 144 21.37 8.82 15.86
CA PHE E 144 20.72 8.92 17.15
C PHE E 144 19.90 7.68 17.36
N VAL E 145 19.45 7.46 18.59
CA VAL E 145 18.64 6.28 18.92
C VAL E 145 17.26 6.80 19.30
N SER E 146 16.24 5.98 19.12
CA SER E 146 14.91 6.41 19.47
C SER E 146 14.25 5.11 19.82
N VAL E 147 13.33 5.13 20.78
CA VAL E 147 12.69 3.93 21.25
C VAL E 147 11.21 4.20 21.54
N THR E 148 10.43 3.14 21.66
CA THR E 148 9.03 3.24 21.98
C THR E 148 8.99 2.95 23.47
N ASN E 149 7.85 3.19 24.10
CA ASN E 149 7.74 3.00 25.54
C ASN E 149 8.95 3.59 26.31
N GLU E 150 9.38 4.79 25.98
CA GLU E 150 10.51 5.42 26.67
C GLU E 150 10.33 5.50 28.20
N HIS E 151 9.09 5.45 28.68
CA HIS E 151 8.83 5.54 30.13
C HIS E 151 9.11 4.20 30.78
N LEU E 152 9.70 3.29 30.02
CA LEU E 152 10.03 2.00 30.56
C LEU E 152 11.55 1.82 30.51
N ILE E 153 12.23 2.77 29.89
CA ILE E 153 13.66 2.67 29.77
C ILE E 153 14.38 2.93 31.12
N ASP E 154 15.38 2.10 31.40
CA ASP E 154 16.20 2.22 32.58
C ASP E 154 17.45 2.89 32.09
N MET E 155 17.73 4.12 32.53
CA MET E 155 18.91 4.83 32.05
C MET E 155 20.19 4.84 32.88
N ASP E 156 20.38 3.83 33.73
CA ASP E 156 21.59 3.75 34.53
C ASP E 156 22.64 3.49 33.49
N HIS E 157 23.82 4.04 33.68
CA HIS E 157 24.86 3.93 32.67
C HIS E 157 25.39 2.57 32.16
N GLU E 158 25.10 1.47 32.86
CA GLU E 158 25.57 0.18 32.39
C GLU E 158 24.42 -0.55 31.71
N ALA E 159 23.20 -0.03 31.87
CA ALA E 159 22.04 -0.66 31.28
C ALA E 159 21.72 -0.20 29.85
N SER E 160 21.97 1.07 29.56
CA SER E 160 21.67 1.63 28.24
C SER E 160 22.82 2.51 27.81
N PHE E 161 23.33 2.29 26.61
CA PHE E 161 24.43 3.13 26.12
C PHE E 161 24.25 3.29 24.61
N PHE E 162 25.22 3.94 23.95
CA PHE E 162 25.13 4.16 22.52
C PHE E 162 26.53 4.50 22.04
N GLY E 163 26.97 3.88 20.96
CA GLY E 163 28.31 4.22 20.51
C GLY E 163 28.57 3.75 19.11
N ALA E 164 29.77 3.99 18.63
CA ALA E 164 30.09 3.60 17.27
C ALA E 164 31.56 3.77 17.12
N PHE E 165 32.11 3.10 16.12
CA PHE E 165 33.54 3.24 15.86
C PHE E 165 33.86 3.05 14.37
N LEU E 166 35.00 3.61 13.98
CA LEU E 166 35.43 3.52 12.60
C LEU E 166 35.85 2.09 12.31
N VAL E 167 36.03 1.78 11.04
CA VAL E 167 36.40 0.44 10.60
C VAL E 167 36.72 0.45 9.13
N GLY E 168 37.02 1.64 8.59
CA GLY E 168 37.34 1.75 7.17
C GLY E 168 36.53 2.78 6.36
N GLN F 7 41.05 -0.21 0.66
CA GLN F 7 41.84 -1.27 1.36
C GLN F 7 41.11 -1.79 2.59
N ARG F 8 39.96 -1.17 2.88
CA ARG F 8 39.13 -1.57 4.03
C ARG F 8 38.45 -2.89 3.66
N VAL F 9 38.40 -3.80 4.62
CA VAL F 9 37.81 -5.12 4.45
C VAL F 9 36.58 -5.21 5.34
N ALA F 10 35.41 -4.85 4.84
CA ALA F 10 34.23 -4.93 5.68
C ALA F 10 33.04 -5.19 4.80
N ALA F 11 31.88 -5.41 5.39
CA ALA F 11 30.72 -5.64 4.58
C ALA F 11 29.50 -5.75 5.44
N HIS F 12 28.40 -5.19 4.95
CA HIS F 12 27.11 -5.20 5.63
C HIS F 12 26.05 -5.40 4.54
N ILE F 13 25.26 -6.47 4.64
CA ILE F 13 24.27 -6.69 3.62
C ILE F 13 22.96 -6.97 4.27
N THR F 14 21.93 -6.32 3.75
CA THR F 14 20.62 -6.43 4.33
C THR F 14 19.63 -7.26 3.57
N GLY F 15 18.44 -7.39 4.14
CA GLY F 15 17.41 -8.14 3.47
C GLY F 15 16.86 -7.29 2.33
N THR F 16 16.28 -7.96 1.34
CA THR F 16 15.70 -7.26 0.21
C THR F 16 14.26 -7.00 0.65
N ARG F 17 13.30 -7.02 -0.27
CA ARG F 17 11.91 -6.81 0.11
C ARG F 17 11.57 -5.36 0.37
N GLY F 18 12.56 -4.59 0.78
CA GLY F 18 12.29 -3.19 1.00
C GLY F 18 12.31 -2.61 2.39
N ARG F 19 11.99 -1.32 2.43
CA ARG F 19 11.95 -0.52 3.65
C ARG F 19 10.83 -0.88 4.59
N SER F 20 10.98 -0.37 5.81
CA SER F 20 10.01 -0.60 6.87
C SER F 20 9.11 0.59 6.99
N ASN F 21 7.81 0.32 7.21
CA ASN F 21 6.80 1.37 7.35
C ASN F 21 7.38 2.66 7.87
N THR F 22 6.96 3.76 7.30
CA THR F 22 7.46 5.07 7.72
C THR F 22 6.38 5.83 8.52
N ALA F 33 24.35 -28.23 7.67
CA ALA F 33 23.83 -27.09 8.43
C ALA F 33 22.40 -27.15 8.96
N LEU F 34 22.25 -26.73 10.21
CA LEU F 34 20.97 -26.69 10.89
C LEU F 34 20.20 -25.49 10.38
N GLY F 35 18.87 -25.52 10.49
CA GLY F 35 18.11 -24.37 10.00
C GLY F 35 18.04 -24.32 8.48
N ARG F 36 17.83 -23.15 7.92
CA ARG F 36 17.72 -23.01 6.47
C ARG F 36 18.46 -21.78 6.06
N LYS F 37 19.54 -21.93 5.31
CA LYS F 37 20.37 -20.81 4.87
C LYS F 37 19.57 -19.68 4.27
N ILE F 38 20.11 -18.46 4.41
CA ILE F 38 19.50 -17.24 3.91
C ILE F 38 20.35 -16.78 2.77
N ASN F 39 19.76 -16.76 1.58
CA ASN F 39 20.51 -16.34 0.40
C ASN F 39 19.94 -15.07 -0.16
N SER F 40 18.74 -14.72 0.29
CA SER F 40 18.09 -13.50 -0.17
C SER F 40 18.65 -12.12 0.29
N TRP F 41 19.91 -12.07 0.73
CA TRP F 41 20.55 -10.80 1.12
C TRP F 41 20.83 -10.06 -0.18
N GLU F 42 21.18 -8.78 -0.11
CA GLU F 42 21.48 -8.06 -1.34
C GLU F 42 22.96 -7.89 -1.58
N SER F 43 23.39 -8.54 -2.66
CA SER F 43 24.78 -8.58 -3.09
C SER F 43 25.35 -7.28 -3.66
N SER F 44 24.51 -6.26 -3.76
CA SER F 44 24.93 -5.00 -4.33
C SER F 44 25.35 -4.00 -3.29
N ARG F 45 25.39 -2.75 -3.74
CA ARG F 45 25.68 -1.60 -2.90
C ARG F 45 24.39 -0.81 -2.99
N SER F 46 24.01 -0.17 -1.90
CA SER F 46 22.79 0.61 -1.90
C SER F 46 23.00 1.70 -0.88
N GLY F 47 21.90 2.14 -0.29
CA GLY F 47 22.02 3.17 0.74
C GLY F 47 21.95 2.53 2.12
N HIS F 48 22.26 1.24 2.18
CA HIS F 48 22.21 0.53 3.44
C HIS F 48 23.05 -0.73 3.46
N SER F 49 23.67 -1.04 2.34
CA SER F 49 24.50 -2.23 2.26
C SER F 49 25.64 -2.04 1.28
N PHE F 50 26.81 -2.54 1.67
CA PHE F 50 28.02 -2.40 0.87
C PHE F 50 28.88 -3.67 1.00
N LEU F 51 29.88 -3.79 0.13
CA LEU F 51 30.80 -4.93 0.15
C LEU F 51 32.17 -4.37 -0.12
N SER F 52 33.09 -4.52 0.81
CA SER F 52 34.41 -3.96 0.61
C SER F 52 35.42 -5.06 0.80
N ASN F 53 36.12 -5.40 -0.28
CA ASN F 53 37.12 -6.46 -0.29
C ASN F 53 36.59 -7.79 0.18
N LEU F 54 35.36 -8.10 -0.22
CA LEU F 54 34.68 -9.35 0.14
C LEU F 54 33.58 -9.44 -0.88
N HIS F 55 32.82 -10.53 -0.90
CA HIS F 55 31.71 -10.58 -1.83
C HIS F 55 30.65 -11.60 -1.50
N LEU F 56 29.43 -11.35 -1.96
CA LEU F 56 28.36 -12.27 -1.67
C LEU F 56 28.19 -13.24 -2.83
N ARG F 57 27.79 -14.46 -2.51
CA ARG F 57 27.60 -15.50 -3.51
C ARG F 57 26.73 -16.58 -2.90
N ASN F 58 25.47 -16.57 -3.27
CA ASN F 58 24.54 -17.56 -2.76
C ASN F 58 24.13 -17.26 -1.35
N GLY F 59 24.42 -16.04 -0.88
CA GLY F 59 24.07 -15.69 0.47
C GLY F 59 25.20 -16.00 1.42
N GLU F 60 26.41 -16.09 0.87
CA GLU F 60 27.60 -16.37 1.65
C GLU F 60 28.68 -15.33 1.41
N LEU F 61 29.14 -14.66 2.45
CA LEU F 61 30.20 -13.68 2.26
C LEU F 61 31.42 -14.54 2.01
N VAL F 62 32.22 -14.17 1.03
CA VAL F 62 33.41 -14.96 0.70
C VAL F 62 34.65 -14.14 1.03
N ILE F 63 35.44 -14.66 1.96
CA ILE F 63 36.66 -14.01 2.47
C ILE F 63 37.86 -13.90 1.54
N HIS F 64 38.32 -12.68 1.32
CA HIS F 64 39.44 -12.43 0.43
C HIS F 64 40.76 -12.44 1.19
N GLU F 65 40.83 -11.66 2.26
CA GLU F 65 42.04 -11.63 3.07
C GLU F 65 41.77 -12.49 4.30
N LYS F 66 42.83 -13.09 4.84
CA LYS F 66 42.71 -13.96 6.01
C LYS F 66 43.04 -13.13 7.22
N GLY F 67 42.32 -13.38 8.31
CA GLY F 67 42.53 -12.63 9.53
C GLY F 67 41.37 -12.86 10.49
N PHE F 68 41.33 -12.07 11.56
CA PHE F 68 40.24 -12.25 12.51
C PHE F 68 39.06 -11.44 11.97
N TYR F 69 37.85 -11.94 12.11
CA TYR F 69 36.71 -11.21 11.61
C TYR F 69 35.59 -11.15 12.62
N TYR F 70 35.12 -9.94 12.90
CA TYR F 70 34.01 -9.84 13.81
C TYR F 70 32.81 -10.11 12.86
N ILE F 71 31.99 -11.10 13.17
CA ILE F 71 30.89 -11.45 12.33
C ILE F 71 29.57 -11.34 13.08
N TYR F 72 28.63 -10.55 12.58
CA TYR F 72 27.33 -10.38 13.22
C TYR F 72 26.20 -10.57 12.25
N SER F 73 25.01 -10.69 12.79
CA SER F 73 23.82 -10.77 11.96
C SER F 73 22.61 -10.60 12.84
N GLN F 74 21.59 -9.93 12.32
CA GLN F 74 20.35 -9.75 13.07
C GLN F 74 19.23 -10.37 12.23
N THR F 75 18.34 -11.11 12.86
CA THR F 75 17.23 -11.72 12.13
C THR F 75 15.96 -11.40 12.91
N TYR F 76 14.99 -10.83 12.21
CA TYR F 76 13.72 -10.41 12.78
C TYR F 76 12.62 -11.45 12.60
N PHE F 77 12.16 -12.03 13.69
CA PHE F 77 11.10 -13.01 13.61
C PHE F 77 9.86 -12.26 14.02
N ARG F 78 8.91 -12.17 13.11
CA ARG F 78 7.67 -11.44 13.38
C ARG F 78 6.52 -12.30 12.88
N PHE F 79 5.68 -12.33 13.62
CA PHE F 79 4.52 -13.09 13.22
C PHE F 79 3.25 -12.65 13.92
N GLN F 80 2.12 -12.85 13.25
CA GLN F 80 0.83 -12.50 13.78
C GLN F 80 0.12 -13.81 13.88
N GLU F 81 0.47 -14.55 14.94
CA GLU F 81 -0.06 -15.89 15.24
C GLU F 81 -1.48 -16.12 15.76
N GLU F 82 -2.02 -17.27 15.39
CA GLU F 82 -3.35 -17.74 15.78
C GLU F 82 -3.09 -19.16 16.23
N ILE F 83 -3.55 -19.52 17.43
CA ILE F 83 -3.35 -20.85 18.00
C ILE F 83 -4.01 -21.90 17.08
N LYS F 84 -3.21 -22.42 16.16
CA LYS F 84 -3.63 -23.43 15.20
C LYS F 84 -4.23 -24.66 15.88
N GLU F 85 -4.94 -25.47 15.10
CA GLU F 85 -5.60 -26.66 15.62
C GLU F 85 -4.76 -27.94 15.90
N ASN F 86 -4.53 -28.74 14.87
CA ASN F 86 -3.81 -30.01 14.98
C ASN F 86 -2.27 -29.91 15.07
N THR F 87 -1.76 -29.02 15.91
CA THR F 87 -0.30 -28.85 16.08
C THR F 87 0.01 -28.11 17.37
N LYS F 88 1.25 -28.26 17.81
CA LYS F 88 1.74 -27.56 18.98
C LYS F 88 2.10 -26.16 18.47
N ASN F 89 2.22 -25.18 19.36
CA ASN F 89 2.54 -23.84 18.87
C ASN F 89 3.88 -23.24 19.33
N ASP F 90 4.56 -23.94 20.24
CA ASP F 90 5.84 -23.47 20.73
C ASP F 90 6.83 -23.32 19.57
N LYS F 91 7.48 -22.16 19.47
CA LYS F 91 8.44 -21.90 18.39
C LYS F 91 9.86 -21.70 18.91
N GLN F 92 10.83 -22.26 18.21
CA GLN F 92 12.24 -22.11 18.54
C GLN F 92 12.84 -21.29 17.40
N MET F 93 12.84 -20.02 17.64
CA MET F 93 13.49 -19.15 16.67
C MET F 93 14.97 -19.15 16.99
N VAL F 94 15.79 -19.62 16.05
CA VAL F 94 17.24 -19.74 16.25
C VAL F 94 17.95 -19.18 15.07
N GLN F 95 19.11 -18.57 15.28
CA GLN F 95 19.90 -18.08 14.17
C GLN F 95 21.29 -18.72 14.27
N TYR F 96 21.77 -19.31 13.18
CA TYR F 96 23.07 -19.96 13.13
C TYR F 96 23.99 -19.20 12.21
N ILE F 97 25.28 -19.22 12.47
CA ILE F 97 26.18 -18.55 11.57
C ILE F 97 27.34 -19.53 11.36
N TYR F 98 27.27 -20.25 10.23
CA TYR F 98 28.26 -21.27 9.84
C TYR F 98 29.35 -20.72 8.96
N LYS F 99 30.32 -21.59 8.71
CA LYS F 99 31.40 -21.25 7.82
C LYS F 99 31.73 -22.51 7.06
N TYR F 100 32.21 -22.35 5.82
CA TYR F 100 32.65 -23.44 4.97
C TYR F 100 34.10 -23.06 4.80
N THR F 101 34.99 -24.00 5.07
CA THR F 101 36.42 -23.75 4.94
C THR F 101 36.87 -24.94 4.10
N SER F 102 38.18 -25.14 3.95
CA SER F 102 38.66 -26.29 3.17
C SER F 102 38.31 -27.56 3.90
N TYR F 103 37.02 -27.90 3.96
CA TYR F 103 36.54 -29.11 4.66
C TYR F 103 35.09 -29.34 4.25
N PRO F 104 34.76 -30.53 3.72
CA PRO F 104 33.42 -30.91 3.25
C PRO F 104 32.19 -30.33 3.94
N ASP F 105 32.07 -30.49 5.27
CA ASP F 105 30.88 -29.99 5.99
C ASP F 105 30.92 -28.54 6.52
N PRO F 106 29.73 -27.96 6.79
CA PRO F 106 29.64 -26.59 7.32
C PRO F 106 29.89 -26.67 8.83
N ILE F 107 30.56 -25.67 9.35
CA ILE F 107 30.89 -25.65 10.77
C ILE F 107 30.28 -24.40 11.46
N LEU F 108 29.36 -24.61 12.42
CA LEU F 108 28.72 -23.54 13.16
C LEU F 108 29.74 -22.67 13.86
N LEU F 109 29.54 -21.37 13.84
CA LEU F 109 30.44 -20.47 14.53
C LEU F 109 29.68 -20.00 15.74
N MET F 110 28.48 -19.46 15.55
CA MET F 110 27.64 -19.01 16.67
C MET F 110 26.20 -19.44 16.48
N LYS F 111 25.38 -19.24 17.51
CA LYS F 111 23.99 -19.55 17.43
C LYS F 111 23.29 -18.83 18.59
N SER F 112 22.06 -18.36 18.37
CA SER F 112 21.31 -17.67 19.39
C SER F 112 19.88 -18.10 19.22
N ALA F 113 19.19 -18.41 20.30
CA ALA F 113 17.80 -18.86 20.19
C ALA F 113 16.84 -18.12 21.11
N ARG F 114 15.54 -18.27 20.82
CA ARG F 114 14.46 -17.67 21.60
C ARG F 114 13.31 -18.61 21.45
N ASN F 115 12.38 -18.55 22.39
CA ASN F 115 11.20 -19.39 22.36
C ASN F 115 9.98 -18.46 22.44
N SER F 116 9.03 -18.67 21.55
CA SER F 116 7.84 -17.84 21.53
C SER F 116 7.18 -17.93 22.89
N CYS F 117 6.45 -16.89 23.30
CA CYS F 117 5.74 -16.89 24.58
C CYS F 117 4.86 -18.12 24.62
N TRP F 118 4.69 -18.69 25.80
CA TRP F 118 3.87 -19.88 25.95
C TRP F 118 2.40 -19.55 26.24
N SER F 119 2.13 -18.29 26.56
CA SER F 119 0.78 -17.85 26.89
C SER F 119 -0.21 -18.19 25.81
N LYS F 120 -1.39 -18.64 26.20
CA LYS F 120 -2.41 -18.99 25.21
C LYS F 120 -3.03 -17.72 24.62
N ASP F 121 -2.75 -16.58 25.24
CA ASP F 121 -3.28 -15.32 24.75
C ASP F 121 -2.27 -14.54 23.90
N ALA F 122 -1.17 -15.17 23.50
CA ALA F 122 -0.17 -14.49 22.67
C ALA F 122 -0.73 -14.21 21.27
N GLU F 123 -1.13 -12.95 21.05
CA GLU F 123 -1.67 -12.54 19.78
C GLU F 123 -0.60 -12.49 18.72
N TYR F 124 0.62 -12.15 19.11
CA TYR F 124 1.70 -12.07 18.13
C TYR F 124 3.10 -12.20 18.73
N GLY F 125 4.12 -12.08 17.88
CA GLY F 125 5.49 -12.18 18.33
C GLY F 125 6.46 -11.33 17.55
N LEU F 126 7.33 -10.64 18.30
CA LEU F 126 8.38 -9.81 17.71
C LEU F 126 9.63 -10.31 18.42
N TYR F 127 10.61 -10.83 17.68
CA TYR F 127 11.83 -11.35 18.25
C TYR F 127 12.99 -11.11 17.34
N SER F 128 13.58 -9.92 17.43
CA SER F 128 14.76 -9.61 16.65
C SER F 128 15.87 -10.40 17.37
N ILE F 129 16.79 -10.99 16.61
CA ILE F 129 17.87 -11.77 17.21
C ILE F 129 19.16 -11.24 16.60
N TYR F 130 20.04 -10.71 17.43
CA TYR F 130 21.33 -10.21 16.93
C TYR F 130 22.43 -11.00 17.63
N GLN F 131 23.53 -11.30 16.95
CA GLN F 131 24.65 -12.02 17.56
C GLN F 131 25.94 -11.70 16.87
N GLY F 132 27.06 -11.94 17.51
CA GLY F 132 28.31 -11.61 16.85
C GLY F 132 29.52 -12.13 17.64
N GLY F 133 30.65 -12.31 16.95
CA GLY F 133 31.87 -12.83 17.57
C GLY F 133 33.04 -12.75 16.61
N ILE F 134 34.28 -12.79 17.11
CA ILE F 134 35.44 -12.75 16.23
C ILE F 134 35.86 -14.16 15.90
N PHE F 135 36.30 -14.40 14.68
CA PHE F 135 36.75 -15.73 14.27
C PHE F 135 37.85 -15.59 13.27
N GLU F 136 38.81 -16.50 13.33
CA GLU F 136 39.92 -16.49 12.39
C GLU F 136 39.35 -17.12 11.11
N LEU F 137 39.61 -16.50 9.96
CA LEU F 137 39.11 -17.01 8.67
C LEU F 137 40.18 -16.89 7.62
N LYS F 138 40.24 -17.86 6.71
CA LYS F 138 41.24 -17.78 5.67
C LYS F 138 40.61 -17.55 4.31
N GLU F 139 41.45 -17.12 3.38
CA GLU F 139 41.07 -16.83 1.99
C GLU F 139 40.18 -17.94 1.40
N ASN F 140 39.04 -17.53 0.87
CA ASN F 140 38.09 -18.45 0.26
C ASN F 140 37.19 -19.13 1.28
N ASP F 141 37.41 -18.84 2.56
CA ASP F 141 36.51 -19.41 3.57
C ASP F 141 35.19 -18.72 3.25
N ARG F 142 34.07 -19.30 3.64
CA ARG F 142 32.79 -18.68 3.34
C ARG F 142 31.87 -18.76 4.54
N ILE F 143 31.13 -17.69 4.83
CA ILE F 143 30.24 -17.72 5.99
C ILE F 143 28.80 -17.37 5.60
N PHE F 144 27.85 -17.92 6.32
CA PHE F 144 26.48 -17.65 5.98
C PHE F 144 25.63 -17.81 7.21
N VAL F 145 24.40 -17.29 7.14
CA VAL F 145 23.48 -17.34 8.27
C VAL F 145 22.41 -18.33 7.88
N SER F 146 21.96 -19.12 8.83
CA SER F 146 20.93 -20.09 8.55
C SER F 146 19.92 -19.90 9.67
N VAL F 147 18.65 -20.24 9.45
CA VAL F 147 17.67 -20.02 10.52
C VAL F 147 16.50 -20.99 10.52
N THR F 148 15.83 -21.10 11.67
CA THR F 148 14.67 -21.97 11.78
C THR F 148 13.54 -21.06 11.32
N ASN F 149 12.34 -21.60 11.18
CA ASN F 149 11.17 -20.85 10.72
C ASN F 149 11.44 -19.65 9.81
N GLU F 150 12.11 -19.87 8.68
CA GLU F 150 12.37 -18.76 7.79
C GLU F 150 11.09 -18.07 7.26
N HIS F 151 9.95 -18.76 7.31
CA HIS F 151 8.72 -18.10 6.85
C HIS F 151 8.30 -16.99 7.81
N LEU F 152 8.94 -16.91 8.99
CA LEU F 152 8.57 -15.93 9.99
C LEU F 152 9.48 -14.72 10.06
N ILE F 153 10.51 -14.71 9.22
CA ILE F 153 11.48 -13.63 9.18
C ILE F 153 10.95 -12.41 8.43
N ASP F 154 11.39 -11.22 8.86
CA ASP F 154 11.01 -9.96 8.29
C ASP F 154 12.26 -9.41 7.61
N MET F 155 12.32 -9.51 6.28
CA MET F 155 13.53 -9.07 5.59
C MET F 155 13.64 -7.61 5.22
N ASP F 156 12.83 -6.76 5.82
CA ASP F 156 12.96 -5.33 5.52
C ASP F 156 14.43 -5.10 5.86
N HIS F 157 15.11 -4.25 5.12
CA HIS F 157 16.51 -4.07 5.33
C HIS F 157 16.99 -3.56 6.66
N GLU F 158 16.15 -2.82 7.37
CA GLU F 158 16.58 -2.28 8.66
C GLU F 158 16.38 -3.30 9.76
N ALA F 159 15.58 -4.31 9.47
CA ALA F 159 15.27 -5.34 10.43
C ALA F 159 16.22 -6.55 10.46
N SER F 160 16.59 -7.07 9.29
CA SER F 160 17.46 -8.24 9.19
C SER F 160 18.69 -7.93 8.33
N PHE F 161 19.86 -8.14 8.89
CA PHE F 161 21.07 -7.87 8.13
C PHE F 161 22.15 -8.89 8.46
N PHE F 162 23.34 -8.72 7.90
CA PHE F 162 24.43 -9.68 8.09
C PHE F 162 25.64 -8.94 7.68
N GLY F 163 26.74 -9.08 8.41
CA GLY F 163 27.92 -8.33 8.03
C GLY F 163 29.10 -8.88 8.79
N ALA F 164 30.28 -8.37 8.46
CA ALA F 164 31.52 -8.80 9.09
C ALA F 164 32.62 -7.83 8.71
N PHE F 165 33.62 -7.69 9.55
CA PHE F 165 34.72 -6.78 9.23
C PHE F 165 36.00 -7.24 9.91
N LEU F 166 37.12 -6.94 9.25
CA LEU F 166 38.42 -7.33 9.75
C LEU F 166 38.65 -6.60 11.06
N VAL F 167 39.66 -7.04 11.80
CA VAL F 167 40.01 -6.42 13.07
C VAL F 167 41.51 -6.24 13.15
N GLY F 168 42.12 -6.88 14.14
CA GLY F 168 43.55 -6.73 14.28
C GLY F 168 43.86 -5.48 15.10
N SER G 21 -1.85 33.79 7.80
CA SER G 21 -1.16 32.56 8.32
C SER G 21 -0.07 32.13 7.34
N SER G 22 0.77 31.17 7.75
CA SER G 22 1.85 30.68 6.89
C SER G 22 1.81 29.15 6.78
N PRO G 23 2.22 28.60 5.61
CA PRO G 23 2.20 27.15 5.45
C PRO G 23 3.29 26.51 6.27
N SER G 24 2.90 25.85 7.35
CA SER G 24 3.86 25.18 8.22
C SER G 24 4.23 23.85 7.59
N GLU G 25 5.28 23.89 6.76
CA GLU G 25 5.75 22.72 6.03
C GLU G 25 4.78 22.38 4.90
N GLY G 26 4.71 23.25 3.90
CA GLY G 26 3.84 23.04 2.76
C GLY G 26 2.38 22.74 3.06
N LEU G 27 2.00 22.80 4.33
CA LEU G 27 0.62 22.52 4.73
C LEU G 27 -0.01 23.60 5.59
N CYS G 28 -1.21 23.99 5.16
CA CYS G 28 -2.02 25.00 5.82
C CYS G 28 -2.91 24.29 6.79
N PRO G 29 -3.33 24.97 7.85
CA PRO G 29 -4.18 24.30 8.84
C PRO G 29 -5.60 24.08 8.36
N PRO G 30 -6.32 23.13 8.97
CA PRO G 30 -7.71 22.94 8.54
C PRO G 30 -8.35 24.32 8.48
N GLY G 31 -9.51 24.42 7.81
CA GLY G 31 -10.23 25.68 7.68
C GLY G 31 -9.55 26.70 6.80
N HIS G 32 -8.41 26.33 6.23
CA HIS G 32 -7.68 27.22 5.35
C HIS G 32 -7.23 26.43 4.15
N HIS G 33 -6.67 27.16 3.21
CA HIS G 33 -6.18 26.54 2.01
C HIS G 33 -4.94 27.35 1.70
N ILE G 34 -4.06 26.79 0.88
CA ILE G 34 -2.83 27.45 0.52
C ILE G 34 -3.02 28.28 -0.74
N SER G 35 -2.15 29.25 -0.95
CA SER G 35 -2.20 30.12 -2.11
C SER G 35 -1.41 29.48 -3.27
N GLU G 36 -1.36 30.15 -4.41
CA GLU G 36 -0.63 29.63 -5.58
C GLU G 36 0.86 29.53 -5.27
N ASP G 37 1.53 30.68 -5.20
CA ASP G 37 2.96 30.69 -4.92
C ASP G 37 3.26 29.86 -3.66
N GLY G 38 2.19 29.53 -2.94
CA GLY G 38 2.29 28.70 -1.75
C GLY G 38 3.15 29.16 -0.60
N ARG G 39 3.15 30.44 -0.32
CA ARG G 39 3.93 30.95 0.80
C ARG G 39 2.93 31.42 1.85
N ASP G 40 1.65 31.23 1.55
CA ASP G 40 0.58 31.66 2.43
C ASP G 40 -0.52 30.64 2.63
N CYS G 41 -1.42 30.96 3.56
CA CYS G 41 -2.54 30.11 3.90
C CYS G 41 -3.78 30.98 3.96
N ILE G 42 -4.58 30.97 2.90
CA ILE G 42 -5.80 31.76 2.87
C ILE G 42 -6.94 31.00 3.51
N SER G 43 -7.76 31.74 4.27
CA SER G 43 -8.90 31.13 4.93
C SER G 43 -10.05 30.87 3.94
N CYS G 44 -10.95 29.99 4.35
CA CYS G 44 -12.10 29.64 3.53
C CYS G 44 -13.23 30.56 3.96
N LYS G 45 -14.03 31.02 2.99
CA LYS G 45 -15.17 31.86 3.32
C LYS G 45 -16.15 30.95 4.00
N TYR G 46 -16.57 31.33 5.20
CA TYR G 46 -17.54 30.57 5.98
C TYR G 46 -18.85 30.46 5.18
N GLY G 47 -19.66 29.44 5.44
CA GLY G 47 -20.91 29.27 4.70
C GLY G 47 -20.79 29.11 3.19
N GLN G 48 -19.54 29.06 2.71
CA GLN G 48 -19.17 28.93 1.29
C GLN G 48 -18.41 27.63 0.94
N ASP G 49 -17.21 27.50 1.48
CA ASP G 49 -16.42 26.32 1.24
C ASP G 49 -15.76 25.95 2.58
N TYR G 50 -14.65 25.22 2.52
CA TYR G 50 -13.98 24.77 3.74
C TYR G 50 -12.88 23.81 3.39
N SER G 51 -12.23 23.30 4.43
CA SER G 51 -11.15 22.33 4.32
C SER G 51 -11.02 21.81 5.73
N THR G 52 -11.13 20.49 5.90
CA THR G 52 -11.08 19.88 7.22
C THR G 52 -9.80 19.09 7.56
N HIS G 53 -8.66 19.44 6.95
CA HIS G 53 -7.42 18.72 7.21
C HIS G 53 -6.29 19.60 6.78
N TRP G 54 -5.09 19.33 7.26
CA TRP G 54 -3.97 20.15 6.86
C TRP G 54 -3.93 19.85 5.40
N ASN G 55 -3.58 20.82 4.58
CA ASN G 55 -3.59 20.58 3.14
C ASN G 55 -2.80 21.57 2.39
N ASP G 56 -2.97 21.49 1.08
CA ASP G 56 -2.38 22.45 0.19
C ASP G 56 -3.33 22.57 -0.99
N LEU G 57 -4.63 22.42 -0.75
CA LEU G 57 -5.61 22.58 -1.82
C LEU G 57 -5.48 24.06 -2.16
N LEU G 58 -5.61 24.39 -3.44
CA LEU G 58 -5.49 25.80 -3.82
C LEU G 58 -6.86 26.42 -3.70
N PHE G 59 -7.89 25.57 -3.57
CA PHE G 59 -9.28 26.00 -3.41
C PHE G 59 -9.96 25.11 -2.35
N CYS G 60 -10.63 25.72 -1.37
CA CYS G 60 -11.35 24.94 -0.36
C CYS G 60 -12.47 24.13 -1.05
N LEU G 61 -13.11 23.23 -0.34
CA LEU G 61 -14.18 22.42 -0.86
C LEU G 61 -15.51 23.08 -0.62
N ARG G 62 -16.26 23.28 -1.70
CA ARG G 62 -17.57 23.90 -1.64
C ARG G 62 -18.44 23.22 -0.64
N CYS G 63 -19.50 23.90 -0.20
CA CYS G 63 -20.42 23.32 0.78
C CYS G 63 -21.56 22.60 0.08
N THR G 64 -22.10 21.57 0.69
CA THR G 64 -23.22 20.84 0.14
C THR G 64 -24.45 21.68 0.55
N ARG G 65 -25.29 22.11 -0.40
CA ARG G 65 -26.52 22.88 -0.08
C ARG G 65 -27.61 21.85 0.07
N CYS G 66 -28.24 21.73 1.23
CA CYS G 66 -29.29 20.71 1.35
C CYS G 66 -30.44 20.92 0.38
N ASP G 67 -31.17 19.85 0.15
CA ASP G 67 -32.23 19.88 -0.83
C ASP G 67 -33.63 19.59 -0.35
N SER G 68 -34.54 19.62 -1.31
CA SER G 68 -35.96 19.36 -1.15
C SER G 68 -36.31 18.31 -0.11
N GLY G 69 -35.66 17.13 -0.15
CA GLY G 69 -35.96 16.08 0.84
C GLY G 69 -34.93 15.94 1.96
N GLU G 70 -34.25 17.03 2.26
CA GLU G 70 -33.22 17.03 3.29
C GLU G 70 -33.40 18.11 4.32
N VAL G 71 -32.93 17.83 5.54
CA VAL G 71 -32.95 18.82 6.63
C VAL G 71 -31.51 19.04 7.03
N GLU G 72 -31.16 20.29 7.20
CA GLU G 72 -29.81 20.66 7.60
C GLU G 72 -29.57 20.50 9.12
N LEU G 73 -29.02 19.35 9.50
CA LEU G 73 -28.73 19.04 10.89
C LEU G 73 -27.68 20.00 11.41
N SER G 74 -26.85 20.49 10.52
CA SER G 74 -25.81 21.39 10.96
C SER G 74 -25.28 22.16 9.77
N PRO G 75 -25.07 23.46 9.96
CA PRO G 75 -24.55 24.36 8.92
C PRO G 75 -23.12 24.05 8.56
N CYS G 76 -22.69 24.66 7.47
CA CYS G 76 -21.34 24.49 6.98
C CYS G 76 -20.48 25.49 7.75
N THR G 77 -19.30 25.05 8.15
CA THR G 77 -18.37 25.90 8.86
C THR G 77 -17.08 25.81 8.04
N THR G 78 -16.14 26.73 8.25
CA THR G 78 -14.92 26.70 7.47
C THR G 78 -14.03 25.45 7.60
N THR G 79 -14.40 24.50 8.46
CA THR G 79 -13.58 23.30 8.66
C THR G 79 -14.42 22.07 8.53
N ARG G 80 -15.72 22.26 8.46
CA ARG G 80 -16.57 21.10 8.34
C ARG G 80 -17.76 21.34 7.36
N ASN G 81 -18.09 20.31 6.58
CA ASN G 81 -19.16 20.40 5.58
C ASN G 81 -20.55 20.39 6.18
N THR G 82 -21.51 20.94 5.44
CA THR G 82 -22.91 20.96 5.83
C THR G 82 -23.33 19.54 6.17
N VAL G 83 -24.33 19.36 7.01
CA VAL G 83 -24.81 18.04 7.33
C VAL G 83 -26.32 17.97 7.04
N CYS G 84 -26.65 17.42 5.87
CA CYS G 84 -28.01 17.28 5.39
C CYS G 84 -28.52 15.86 5.56
N GLN G 85 -29.45 15.66 6.48
CA GLN G 85 -30.01 14.34 6.74
C GLN G 85 -31.35 14.18 5.98
N CYS G 86 -31.76 12.96 5.71
CA CYS G 86 -33.03 12.73 5.02
C CYS G 86 -34.20 13.03 5.96
N GLU G 87 -35.23 13.72 5.45
CA GLU G 87 -36.39 14.04 6.27
C GLU G 87 -36.99 12.83 6.99
N GLU G 88 -37.82 13.11 7.97
CA GLU G 88 -38.46 12.06 8.73
C GLU G 88 -39.27 11.22 7.79
N GLY G 89 -39.21 9.90 7.94
CA GLY G 89 -39.97 9.03 7.08
C GLY G 89 -39.26 8.53 5.83
N THR G 90 -38.09 9.10 5.51
CA THR G 90 -37.31 8.68 4.32
C THR G 90 -35.91 8.22 4.73
N PHE G 91 -35.18 7.57 3.82
CA PHE G 91 -33.87 7.07 4.19
C PHE G 91 -32.93 6.83 3.02
N ARG G 92 -31.63 6.78 3.32
CA ARG G 92 -30.59 6.57 2.35
C ARG G 92 -29.63 5.47 2.80
N GLU G 93 -29.62 4.35 2.07
CA GLU G 93 -28.73 3.22 2.40
C GLU G 93 -27.39 3.42 1.67
N GLU G 94 -26.46 2.48 1.76
CA GLU G 94 -25.17 2.61 1.07
C GLU G 94 -25.35 2.42 -0.43
N ASP G 95 -26.36 1.66 -0.83
CA ASP G 95 -26.67 1.41 -2.23
C ASP G 95 -27.71 2.41 -2.75
N SER G 96 -28.00 3.43 -1.96
CA SER G 96 -29.00 4.40 -2.37
C SER G 96 -28.73 5.77 -1.78
N PRO G 97 -27.59 6.36 -2.13
CA PRO G 97 -27.19 7.68 -1.64
C PRO G 97 -27.58 8.89 -2.51
N GLU G 98 -28.41 8.69 -3.53
CA GLU G 98 -28.80 9.83 -4.39
C GLU G 98 -30.19 10.34 -4.09
N MET G 99 -31.05 9.48 -3.58
CA MET G 99 -32.39 9.91 -3.32
C MET G 99 -32.97 9.19 -2.12
N CYS G 100 -33.47 9.99 -1.16
CA CYS G 100 -34.10 9.48 0.05
C CYS G 100 -35.31 8.69 -0.39
N ARG G 101 -35.52 7.54 0.21
CA ARG G 101 -36.63 6.70 -0.15
C ARG G 101 -37.55 6.58 1.04
N LYS G 102 -38.85 6.53 0.79
CA LYS G 102 -39.77 6.43 1.89
C LYS G 102 -39.58 5.08 2.58
N CYS G 103 -39.72 5.08 3.91
CA CYS G 103 -39.60 3.86 4.71
C CYS G 103 -40.88 3.07 4.53
N ARG G 104 -40.96 1.93 5.18
CA ARG G 104 -42.16 1.14 5.05
C ARG G 104 -43.08 1.36 6.24
N THR G 105 -44.38 1.17 6.02
CA THR G 105 -45.34 1.36 7.10
C THR G 105 -45.58 0.09 7.89
N GLY G 106 -45.09 -1.05 7.39
CA GLY G 106 -45.29 -2.30 8.10
C GLY G 106 -44.42 -3.38 7.49
N CYS G 107 -44.24 -4.49 8.20
CA CYS G 107 -43.42 -5.58 7.70
C CYS G 107 -44.32 -6.58 6.99
N PRO G 108 -43.70 -7.51 6.24
CA PRO G 108 -44.45 -8.53 5.51
C PRO G 108 -45.31 -9.37 6.46
N ARG G 109 -46.51 -9.72 6.02
CA ARG G 109 -47.45 -10.54 6.78
C ARG G 109 -46.74 -11.45 7.77
N GLY G 110 -47.18 -11.43 9.03
CA GLY G 110 -46.55 -12.27 10.03
C GLY G 110 -45.04 -12.14 10.26
N MET G 111 -44.45 -11.00 9.92
CA MET G 111 -43.02 -10.83 10.16
C MET G 111 -42.96 -9.89 11.36
N VAL G 112 -41.98 -10.04 12.23
CA VAL G 112 -41.90 -9.15 13.39
C VAL G 112 -40.91 -8.02 13.12
N LYS G 113 -41.35 -6.78 13.33
CA LYS G 113 -40.49 -5.63 13.10
C LYS G 113 -39.50 -5.48 14.24
N VAL G 114 -38.23 -5.36 13.92
CA VAL G 114 -37.21 -5.19 14.93
C VAL G 114 -36.44 -3.92 14.60
N GLY G 115 -36.92 -3.21 13.58
CA GLY G 115 -36.26 -1.99 13.17
C GLY G 115 -37.12 -0.78 12.89
N ASP G 116 -36.78 0.33 13.55
CA ASP G 116 -37.49 1.60 13.38
C ASP G 116 -36.81 2.43 12.29
N CYS G 117 -37.60 2.98 11.39
CA CYS G 117 -37.03 3.77 10.29
C CYS G 117 -36.26 5.02 10.74
N THR G 118 -35.08 5.20 10.17
CA THR G 118 -34.20 6.32 10.47
C THR G 118 -33.59 6.82 9.15
N PRO G 119 -33.03 8.04 9.14
CA PRO G 119 -32.45 8.53 7.90
C PRO G 119 -31.23 7.74 7.46
N TRP G 120 -31.07 6.52 7.95
CA TRP G 120 -29.93 5.69 7.56
C TRP G 120 -30.41 4.30 7.27
N SER G 121 -31.70 4.09 7.48
CA SER G 121 -32.23 2.77 7.23
C SER G 121 -33.72 2.72 7.16
N ASP G 122 -34.18 1.67 6.50
CA ASP G 122 -35.57 1.43 6.31
C ASP G 122 -35.99 0.64 7.54
N ILE G 123 -37.28 0.44 7.77
CA ILE G 123 -37.69 -0.33 8.93
C ILE G 123 -37.14 -1.71 8.69
N GLU G 124 -36.88 -2.44 9.78
CA GLU G 124 -36.34 -3.80 9.72
C GLU G 124 -37.41 -4.84 9.98
N CYS G 125 -37.22 -6.03 9.45
CA CYS G 125 -38.22 -7.06 9.63
C CYS G 125 -37.59 -8.42 9.65
N VAL G 126 -37.85 -9.13 10.75
CA VAL G 126 -37.33 -10.48 10.96
C VAL G 126 -38.50 -11.45 11.02
N HIS G 127 -38.19 -12.74 11.08
CA HIS G 127 -39.24 -13.74 11.16
C HIS G 127 -39.57 -13.87 12.66
N LYS G 128 -40.85 -13.79 13.01
CA LYS G 128 -41.21 -13.90 14.41
C LYS G 128 -41.15 -15.35 14.77
N SER H 21 -26.68 39.04 -56.11
CA SER H 21 -26.77 37.69 -55.46
C SER H 21 -25.45 37.33 -54.78
N SER H 22 -24.35 37.65 -55.44
CA SER H 22 -23.04 37.31 -54.89
C SER H 22 -22.68 38.17 -53.66
N PRO H 23 -21.64 37.79 -52.90
CA PRO H 23 -21.22 38.51 -51.71
C PRO H 23 -21.61 39.98 -51.64
N SER H 24 -22.75 40.23 -51.01
CA SER H 24 -23.27 41.57 -50.84
C SER H 24 -22.85 42.11 -49.49
N GLU H 25 -21.53 42.16 -49.30
CA GLU H 25 -20.89 42.63 -48.07
C GLU H 25 -20.44 41.44 -47.23
N GLY H 26 -19.76 40.50 -47.89
CA GLY H 26 -19.27 39.30 -47.24
C GLY H 26 -20.37 38.28 -47.00
N LEU H 27 -21.61 38.68 -47.27
CA LEU H 27 -22.76 37.81 -47.05
C LEU H 27 -23.46 37.46 -48.33
N CYS H 28 -24.29 36.43 -48.25
CA CYS H 28 -25.07 35.96 -49.38
C CYS H 28 -26.55 36.05 -48.97
N PRO H 29 -27.42 36.49 -49.90
CA PRO H 29 -28.85 36.61 -49.61
C PRO H 29 -29.55 35.35 -49.11
N PRO H 30 -30.61 35.51 -48.31
CA PRO H 30 -31.33 34.34 -47.80
C PRO H 30 -31.56 33.37 -48.95
N GLY H 31 -31.31 32.08 -48.73
CA GLY H 31 -31.50 31.07 -49.77
C GLY H 31 -30.22 30.65 -50.50
N HIS H 32 -29.08 31.10 -50.01
CA HIS H 32 -27.80 30.78 -50.61
C HIS H 32 -26.76 30.58 -49.51
N HIS H 33 -25.56 30.18 -49.93
CA HIS H 33 -24.48 29.99 -48.99
C HIS H 33 -23.19 30.44 -49.66
N ILE H 34 -22.36 31.17 -48.91
CA ILE H 34 -21.11 31.65 -49.47
C ILE H 34 -20.28 30.48 -49.96
N SER H 35 -19.30 30.76 -50.80
CA SER H 35 -18.48 29.68 -51.33
C SER H 35 -17.19 29.54 -50.58
N GLU H 36 -16.40 28.57 -51.04
CA GLU H 36 -15.09 28.28 -50.49
C GLU H 36 -14.26 29.56 -50.58
N ASP H 37 -14.01 30.03 -51.80
CA ASP H 37 -13.22 31.24 -52.01
C ASP H 37 -13.94 32.48 -51.46
N GLY H 38 -15.25 32.55 -51.65
CA GLY H 38 -16.01 33.68 -51.13
C GLY H 38 -16.47 34.69 -52.16
N ARG H 39 -16.14 34.42 -53.43
CA ARG H 39 -16.52 35.30 -54.52
C ARG H 39 -17.82 34.87 -55.18
N ASP H 40 -18.48 33.87 -54.62
CA ASP H 40 -19.74 33.41 -55.21
C ASP H 40 -20.79 32.99 -54.18
N CYS H 41 -22.05 32.92 -54.60
CA CYS H 41 -23.11 32.51 -53.71
C CYS H 41 -23.92 31.42 -54.38
N ILE H 42 -23.61 30.17 -54.03
CA ILE H 42 -24.33 29.01 -54.55
C ILE H 42 -25.65 29.01 -53.79
N SER H 43 -26.73 28.66 -54.45
CA SER H 43 -28.00 28.65 -53.78
C SER H 43 -28.19 27.28 -53.11
N CYS H 44 -29.22 27.19 -52.29
CA CYS H 44 -29.56 25.99 -51.56
C CYS H 44 -30.45 25.13 -52.41
N LYS H 45 -30.10 23.86 -52.49
CA LYS H 45 -30.88 22.92 -53.26
C LYS H 45 -32.23 22.92 -52.58
N TYR H 46 -33.26 23.16 -53.37
CA TYR H 46 -34.62 23.19 -52.87
C TYR H 46 -35.05 21.80 -52.44
N GLY H 47 -35.65 21.68 -51.26
CA GLY H 47 -36.11 20.39 -50.76
C GLY H 47 -35.08 19.65 -49.87
N GLN H 48 -33.81 20.01 -50.05
CA GLN H 48 -32.70 19.42 -49.31
C GLN H 48 -32.37 20.41 -48.22
N ASP H 49 -31.83 21.56 -48.63
CA ASP H 49 -31.50 22.59 -47.66
C ASP H 49 -32.13 23.97 -47.86
N TYR H 50 -31.83 24.85 -46.91
CA TYR H 50 -32.38 26.20 -46.89
C TYR H 50 -31.48 27.10 -46.06
N SER H 51 -31.71 28.40 -46.14
CA SER H 51 -30.93 29.36 -45.37
C SER H 51 -31.88 30.54 -45.30
N THR H 52 -32.05 31.15 -44.12
CA THR H 52 -33.01 32.25 -44.08
C THR H 52 -32.53 33.63 -43.64
N HIS H 53 -31.26 33.91 -43.82
CA HIS H 53 -30.72 35.21 -43.43
C HIS H 53 -29.41 35.34 -44.20
N TRP H 54 -28.98 36.56 -44.46
CA TRP H 54 -27.71 36.79 -45.12
C TRP H 54 -26.73 35.96 -44.30
N ASN H 55 -25.95 35.12 -44.97
CA ASN H 55 -25.06 34.21 -44.27
C ASN H 55 -23.72 33.92 -44.97
N ASP H 56 -22.74 33.50 -44.18
CA ASP H 56 -21.44 33.11 -44.71
C ASP H 56 -21.35 31.59 -44.50
N LEU H 57 -22.50 30.93 -44.53
CA LEU H 57 -22.56 29.49 -44.37
C LEU H 57 -21.91 28.87 -45.61
N LEU H 58 -21.00 27.92 -45.41
CA LEU H 58 -20.33 27.19 -46.49
C LEU H 58 -21.28 26.12 -46.94
N PHE H 59 -22.24 25.81 -46.06
CA PHE H 59 -23.28 24.81 -46.31
C PHE H 59 -24.68 25.35 -45.87
N CYS H 60 -25.72 25.06 -46.65
CA CYS H 60 -27.06 25.53 -46.29
C CYS H 60 -27.55 24.64 -45.13
N LEU H 61 -28.60 25.03 -44.43
CA LEU H 61 -29.12 24.21 -43.35
C LEU H 61 -30.06 23.13 -43.89
N ARG H 62 -29.88 21.89 -43.47
CA ARG H 62 -30.71 20.82 -43.95
C ARG H 62 -32.13 21.02 -43.50
N CYS H 63 -33.07 20.38 -44.18
CA CYS H 63 -34.48 20.47 -43.86
C CYS H 63 -34.83 19.31 -42.96
N THR H 64 -35.95 19.43 -42.29
CA THR H 64 -36.45 18.41 -41.40
C THR H 64 -37.39 17.53 -42.22
N ARG H 65 -37.57 16.27 -41.83
CA ARG H 65 -38.47 15.38 -42.58
C ARG H 65 -39.37 14.73 -41.57
N CYS H 66 -40.45 15.40 -41.22
CA CYS H 66 -41.40 14.93 -40.20
C CYS H 66 -41.59 13.41 -40.05
N ASP H 67 -41.57 12.94 -38.80
CA ASP H 67 -41.74 11.53 -38.54
C ASP H 67 -43.15 11.11 -38.83
N SER H 68 -43.44 9.85 -38.52
CA SER H 68 -44.75 9.22 -38.74
C SER H 68 -45.81 9.50 -37.66
N GLY H 69 -45.60 10.53 -36.87
CA GLY H 69 -46.57 10.88 -35.86
C GLY H 69 -46.85 12.33 -36.11
N GLU H 70 -46.34 12.82 -37.24
CA GLU H 70 -46.48 14.21 -37.68
C GLU H 70 -47.10 14.43 -39.08
N VAL H 71 -47.52 15.65 -39.34
CA VAL H 71 -48.04 15.99 -40.64
C VAL H 71 -47.27 17.24 -41.04
N GLU H 72 -47.03 17.42 -42.33
CA GLU H 72 -46.28 18.58 -42.80
C GLU H 72 -47.28 19.72 -42.93
N LEU H 73 -47.10 20.77 -42.14
CA LEU H 73 -47.98 21.91 -42.19
C LEU H 73 -47.46 22.71 -43.35
N SER H 74 -46.14 22.76 -43.44
CA SER H 74 -45.45 23.53 -44.46
C SER H 74 -44.17 22.89 -45.01
N PRO H 75 -44.06 22.74 -46.34
CA PRO H 75 -42.82 22.14 -46.86
C PRO H 75 -41.64 23.07 -46.63
N CYS H 76 -40.47 22.57 -46.99
CA CYS H 76 -39.20 23.25 -46.85
C CYS H 76 -38.89 23.95 -48.16
N THR H 77 -38.62 25.24 -48.06
CA THR H 77 -38.29 26.06 -49.21
C THR H 77 -36.83 26.41 -49.05
N THR H 78 -36.28 27.16 -49.99
CA THR H 78 -34.88 27.53 -49.87
C THR H 78 -34.66 28.65 -48.84
N THR H 79 -35.64 28.92 -47.98
CA THR H 79 -35.46 29.98 -46.99
C THR H 79 -36.27 29.76 -45.71
N ARG H 80 -36.92 28.60 -45.60
CA ARG H 80 -37.71 28.27 -44.42
C ARG H 80 -37.74 26.74 -44.18
N ASN H 81 -37.39 26.27 -42.97
CA ASN H 81 -37.43 24.83 -42.70
C ASN H 81 -38.84 24.30 -42.90
N THR H 82 -38.96 22.99 -43.07
CA THR H 82 -40.26 22.36 -43.28
C THR H 82 -40.95 22.57 -41.95
N VAL H 83 -42.24 22.26 -41.81
CA VAL H 83 -42.93 22.49 -40.55
C VAL H 83 -43.79 21.28 -40.18
N CYS H 84 -43.44 20.60 -39.09
CA CYS H 84 -44.17 19.41 -38.68
C CYS H 84 -45.11 19.74 -37.57
N GLN H 85 -46.15 18.94 -37.41
CA GLN H 85 -47.14 19.17 -36.36
C GLN H 85 -47.77 17.85 -35.97
N CYS H 86 -47.99 17.67 -34.67
CA CYS H 86 -48.55 16.43 -34.19
C CYS H 86 -49.83 16.07 -34.93
N GLU H 87 -50.02 14.78 -35.17
CA GLU H 87 -51.21 14.28 -35.86
C GLU H 87 -52.39 14.48 -34.91
N GLU H 88 -53.61 14.24 -35.40
CA GLU H 88 -54.83 14.40 -34.59
C GLU H 88 -54.83 13.37 -33.49
N GLY H 89 -54.84 13.84 -32.24
CA GLY H 89 -54.82 12.91 -31.12
C GLY H 89 -53.59 13.11 -30.25
N THR H 90 -52.59 13.82 -30.77
CA THR H 90 -51.40 14.07 -29.98
C THR H 90 -50.90 15.53 -30.05
N PHE H 91 -50.35 16.00 -28.93
CA PHE H 91 -49.84 17.36 -28.79
C PHE H 91 -48.37 17.32 -28.49
N ARG H 92 -47.72 18.46 -28.54
CA ARG H 92 -46.29 18.54 -28.25
C ARG H 92 -46.22 19.85 -27.49
N GLU H 93 -45.34 19.97 -26.50
CA GLU H 93 -45.29 21.23 -25.81
C GLU H 93 -43.87 21.69 -25.51
N GLU H 94 -43.77 22.83 -24.83
CA GLU H 94 -42.51 23.42 -24.46
C GLU H 94 -41.54 22.45 -23.80
N ASP H 95 -42.03 21.59 -22.92
CA ASP H 95 -41.13 20.68 -22.24
C ASP H 95 -41.25 19.28 -22.73
N SER H 96 -41.76 19.13 -23.94
CA SER H 96 -41.90 17.81 -24.53
C SER H 96 -41.92 17.91 -26.04
N PRO H 97 -40.91 18.58 -26.62
CA PRO H 97 -40.85 18.73 -28.08
C PRO H 97 -40.42 17.47 -28.82
N GLU H 98 -39.92 16.46 -28.09
CA GLU H 98 -39.41 15.27 -28.74
C GLU H 98 -40.39 14.18 -29.19
N MET H 99 -41.58 14.16 -28.62
CA MET H 99 -42.55 13.18 -29.04
C MET H 99 -43.97 13.74 -28.87
N CYS H 100 -44.89 13.21 -29.66
CA CYS H 100 -46.28 13.64 -29.65
C CYS H 100 -46.97 12.82 -28.59
N ARG H 101 -47.22 13.44 -27.45
CA ARG H 101 -47.87 12.79 -26.33
C ARG H 101 -49.34 12.60 -26.65
N LYS H 102 -49.90 11.45 -26.31
CA LYS H 102 -51.29 11.21 -26.63
C LYS H 102 -52.14 12.20 -25.86
N ASP H 116 -60.69 21.33 -24.80
CA ASP H 116 -60.49 20.45 -25.95
C ASP H 116 -59.02 20.41 -26.34
N CYS H 117 -58.59 19.36 -27.05
CA CYS H 117 -57.19 19.25 -27.45
C CYS H 117 -56.79 20.22 -28.57
N THR H 118 -55.50 20.30 -28.83
CA THR H 118 -54.94 21.13 -29.88
C THR H 118 -53.64 20.40 -30.23
N PRO H 119 -52.96 20.77 -31.32
CA PRO H 119 -51.72 20.06 -31.63
C PRO H 119 -50.60 20.43 -30.66
N TRP H 120 -50.91 21.37 -29.77
CA TRP H 120 -49.95 21.82 -28.78
C TRP H 120 -50.59 21.84 -27.41
N SER H 121 -51.68 21.09 -27.21
CA SER H 121 -52.32 21.07 -25.90
C SER H 121 -53.23 19.87 -25.63
N ASP H 122 -53.35 19.50 -24.37
CA ASP H 122 -54.21 18.39 -24.03
C ASP H 122 -55.52 18.99 -23.57
N ILE H 123 -56.53 18.16 -23.34
CA ILE H 123 -57.82 18.66 -22.90
C ILE H 123 -57.68 19.31 -21.55
N SER I 21 5.07 -22.29 -33.01
CA SER I 21 6.39 -21.74 -32.56
C SER I 21 6.78 -20.55 -33.43
N SER I 22 6.67 -20.71 -34.74
CA SER I 22 7.02 -19.64 -35.64
C SER I 22 5.89 -19.34 -36.60
N PRO I 23 5.90 -18.13 -37.21
CA PRO I 23 4.84 -17.77 -38.14
C PRO I 23 5.13 -18.06 -39.59
N SER I 24 4.10 -18.42 -40.34
CA SER I 24 4.25 -18.64 -41.77
C SER I 24 3.99 -17.31 -42.45
N GLU I 25 5.01 -16.68 -42.97
CA GLU I 25 4.77 -15.42 -43.69
C GLU I 25 3.95 -14.34 -42.92
N GLY I 26 4.38 -13.99 -41.71
CA GLY I 26 3.67 -12.97 -40.97
C GLY I 26 2.43 -13.43 -40.24
N LEU I 27 2.20 -14.72 -40.15
CA LEU I 27 1.00 -15.16 -39.44
C LEU I 27 1.21 -16.39 -38.55
N CYS I 28 0.46 -16.48 -37.46
CA CYS I 28 0.56 -17.57 -36.52
C CYS I 28 -0.72 -18.43 -36.61
N PRO I 29 -0.57 -19.76 -36.52
CA PRO I 29 -1.71 -20.69 -36.60
C PRO I 29 -2.76 -20.48 -35.55
N PRO I 30 -4.05 -20.85 -35.83
CA PRO I 30 -5.02 -20.64 -34.77
C PRO I 30 -4.37 -21.14 -33.46
N GLY I 31 -4.90 -20.68 -32.32
CA GLY I 31 -4.36 -21.10 -31.03
C GLY I 31 -3.08 -20.42 -30.63
N HIS I 32 -2.64 -19.39 -31.36
CA HIS I 32 -1.42 -18.69 -31.02
C HIS I 32 -1.55 -17.22 -31.38
N HIS I 33 -0.59 -16.42 -30.95
CA HIS I 33 -0.67 -15.01 -31.27
C HIS I 33 0.76 -14.59 -31.53
N ILE I 34 0.94 -13.48 -32.24
CA ILE I 34 2.28 -13.10 -32.60
C ILE I 34 3.03 -12.46 -31.47
N SER I 35 4.32 -12.23 -31.69
CA SER I 35 5.18 -11.61 -30.71
C SER I 35 5.52 -10.21 -31.20
N GLU I 36 6.01 -9.37 -30.29
CA GLU I 36 6.37 -8.00 -30.60
C GLU I 36 7.25 -7.92 -31.82
N ASP I 37 8.32 -8.71 -31.86
CA ASP I 37 9.21 -8.73 -33.01
C ASP I 37 8.62 -9.47 -34.20
N GLY I 38 7.47 -10.12 -34.02
CA GLY I 38 6.87 -10.84 -35.12
C GLY I 38 7.69 -12.05 -35.51
N ARG I 39 8.73 -12.31 -34.73
CA ARG I 39 9.64 -13.42 -34.95
C ARG I 39 9.06 -14.76 -34.45
N ASP I 40 8.20 -14.74 -33.43
CA ASP I 40 7.69 -15.99 -32.90
C ASP I 40 6.20 -16.02 -32.59
N CYS I 41 5.70 -17.20 -32.27
CA CYS I 41 4.30 -17.39 -31.95
C CYS I 41 4.08 -18.01 -30.57
N ILE I 42 3.62 -17.24 -29.57
CA ILE I 42 3.33 -17.86 -28.26
C ILE I 42 1.98 -18.56 -28.37
N SER I 43 1.72 -19.54 -27.53
CA SER I 43 0.46 -20.24 -27.61
C SER I 43 -0.52 -19.65 -26.61
N CYS I 44 -1.82 -19.80 -26.87
CA CYS I 44 -2.81 -19.23 -25.97
C CYS I 44 -3.02 -20.16 -24.78
N LYS I 45 -3.30 -19.58 -23.60
CA LYS I 45 -3.57 -20.35 -22.38
C LYS I 45 -4.92 -21.02 -22.48
N TYR I 46 -4.97 -22.34 -22.37
CA TYR I 46 -6.23 -23.06 -22.47
C TYR I 46 -7.20 -22.59 -21.36
N GLY I 47 -8.49 -22.50 -21.70
CA GLY I 47 -9.50 -22.09 -20.73
C GLY I 47 -9.52 -20.59 -20.47
N GLN I 48 -8.44 -19.91 -20.87
CA GLN I 48 -8.32 -18.48 -20.69
C GLN I 48 -8.48 -17.70 -22.02
N ASP I 49 -7.41 -17.44 -22.75
CA ASP I 49 -7.59 -16.75 -24.03
C ASP I 49 -7.49 -17.76 -25.20
N TYR I 50 -7.77 -17.29 -26.42
CA TYR I 50 -7.78 -18.14 -27.62
C TYR I 50 -7.73 -17.32 -28.92
N SER I 51 -7.50 -18.02 -30.05
CA SER I 51 -7.48 -17.42 -31.39
C SER I 51 -7.90 -18.53 -32.32
N THR I 52 -8.89 -18.30 -33.16
CA THR I 52 -9.34 -19.35 -34.05
C THR I 52 -8.87 -19.28 -35.50
N HIS I 53 -8.13 -18.24 -35.89
CA HIS I 53 -7.63 -18.11 -37.29
C HIS I 53 -6.16 -17.71 -37.34
N TRP I 54 -5.49 -17.97 -38.45
CA TRP I 54 -4.10 -17.55 -38.56
C TRP I 54 -4.19 -16.05 -38.28
N ASN I 55 -3.16 -15.45 -37.67
CA ASN I 55 -3.31 -14.05 -37.30
C ASN I 55 -2.03 -13.38 -36.86
N ASP I 56 -2.14 -12.09 -36.52
CA ASP I 56 -0.99 -11.34 -36.00
C ASP I 56 -1.38 -10.49 -34.78
N LEU I 57 -2.26 -11.04 -33.96
CA LEU I 57 -2.73 -10.43 -32.71
C LEU I 57 -1.62 -10.57 -31.62
N LEU I 58 -1.34 -9.49 -30.88
CA LEU I 58 -0.29 -9.49 -29.84
C LEU I 58 -0.77 -10.17 -28.59
N PHE I 59 -2.04 -10.57 -28.60
CA PHE I 59 -2.65 -11.21 -27.45
C PHE I 59 -3.85 -11.94 -28.00
N CYS I 60 -4.17 -13.06 -27.39
CA CYS I 60 -5.29 -13.88 -27.78
C CYS I 60 -6.53 -13.23 -27.20
N LEU I 61 -7.71 -13.69 -27.64
CA LEU I 61 -8.99 -13.17 -27.19
C LEU I 61 -9.47 -13.89 -25.94
N ARG I 62 -9.86 -13.14 -24.92
CA ARG I 62 -10.30 -13.78 -23.70
C ARG I 62 -11.51 -14.64 -23.99
N CYS I 63 -11.74 -15.61 -23.12
CA CYS I 63 -12.87 -16.51 -23.24
C CYS I 63 -14.10 -15.91 -22.62
N THR I 64 -15.25 -16.18 -23.20
CA THR I 64 -16.47 -15.67 -22.64
C THR I 64 -16.72 -16.56 -21.42
N ARG I 65 -17.64 -16.14 -20.56
CA ARG I 65 -17.99 -16.85 -19.34
C ARG I 65 -19.49 -16.88 -19.21
N CYS I 66 -20.08 -18.05 -19.30
CA CYS I 66 -21.52 -18.10 -19.19
C CYS I 66 -21.97 -17.49 -17.85
N ASP I 67 -22.83 -16.48 -17.89
CA ASP I 67 -23.33 -15.91 -16.65
C ASP I 67 -24.43 -16.88 -16.23
N SER I 68 -25.05 -16.70 -15.07
CA SER I 68 -26.12 -17.63 -14.67
C SER I 68 -27.13 -17.59 -15.81
N GLY I 69 -28.21 -18.37 -15.75
CA GLY I 69 -29.15 -18.35 -16.86
C GLY I 69 -28.52 -18.85 -18.17
N GLU I 70 -27.23 -19.15 -18.16
CA GLU I 70 -26.53 -19.65 -19.35
C GLU I 70 -25.83 -20.95 -18.99
N VAL I 71 -25.91 -21.96 -19.86
CA VAL I 71 -25.25 -23.24 -19.59
C VAL I 71 -23.97 -23.32 -20.43
N GLU I 72 -22.94 -24.01 -19.94
CA GLU I 72 -21.75 -24.14 -20.78
C GLU I 72 -21.89 -25.41 -21.61
N LEU I 73 -22.20 -25.26 -22.89
CA LEU I 73 -22.36 -26.43 -23.76
C LEU I 73 -21.03 -26.82 -24.38
N SER I 74 -19.97 -26.10 -24.01
CA SER I 74 -18.63 -26.42 -24.52
C SER I 74 -17.59 -25.46 -23.92
N PRO I 75 -16.54 -26.02 -23.31
CA PRO I 75 -15.45 -25.26 -22.69
C PRO I 75 -14.69 -24.45 -23.70
N CYS I 76 -13.96 -23.47 -23.20
CA CYS I 76 -13.18 -22.65 -24.08
C CYS I 76 -11.90 -23.35 -24.48
N THR I 77 -11.95 -24.10 -25.58
CA THR I 77 -10.76 -24.77 -26.07
C THR I 77 -9.78 -23.65 -26.33
N THR I 78 -8.56 -23.97 -26.73
CA THR I 78 -7.57 -22.93 -26.97
C THR I 78 -7.69 -22.25 -28.36
N THR I 79 -8.60 -22.73 -29.21
CA THR I 79 -8.75 -22.16 -30.53
C THR I 79 -10.18 -21.84 -30.81
N ARG I 80 -11.06 -22.36 -29.98
CA ARG I 80 -12.48 -22.14 -30.13
C ARG I 80 -13.00 -21.48 -28.83
N ASN I 81 -13.82 -20.43 -28.95
CA ASN I 81 -14.38 -19.71 -27.77
C ASN I 81 -15.39 -20.62 -27.07
N THR I 82 -15.61 -20.36 -25.79
CA THR I 82 -16.53 -21.17 -24.99
C THR I 82 -17.92 -21.05 -25.63
N VAL I 83 -18.89 -21.81 -25.17
CA VAL I 83 -20.19 -21.67 -25.80
C VAL I 83 -21.24 -21.67 -24.75
N CYS I 84 -21.92 -20.54 -24.61
CA CYS I 84 -22.97 -20.38 -23.62
C CYS I 84 -24.33 -20.28 -24.27
N GLN I 85 -25.27 -20.97 -23.68
CA GLN I 85 -26.61 -21.00 -24.22
C GLN I 85 -27.56 -20.57 -23.12
N CYS I 86 -28.71 -20.05 -23.51
CA CYS I 86 -29.68 -19.60 -22.54
C CYS I 86 -30.14 -20.82 -21.78
N GLU I 87 -30.51 -20.61 -20.53
CA GLU I 87 -31.00 -21.68 -19.67
C GLU I 87 -32.43 -22.05 -20.11
N GLU I 88 -32.84 -23.27 -19.80
CA GLU I 88 -34.16 -23.73 -20.16
C GLU I 88 -35.21 -22.81 -19.55
N GLY I 89 -36.32 -22.65 -20.26
CA GLY I 89 -37.37 -21.76 -19.80
C GLY I 89 -37.19 -20.42 -20.48
N THR I 90 -35.94 -20.05 -20.73
CA THR I 90 -35.60 -18.78 -21.36
C THR I 90 -35.05 -18.98 -22.80
N PHE I 91 -34.89 -17.90 -23.55
CA PHE I 91 -34.41 -17.98 -24.92
C PHE I 91 -33.66 -16.72 -25.34
N ARG I 92 -33.12 -16.70 -26.55
CA ARG I 92 -32.40 -15.53 -27.05
C ARG I 92 -33.03 -15.02 -28.33
N GLU I 93 -32.31 -14.20 -29.07
CA GLU I 93 -32.85 -13.63 -30.30
C GLU I 93 -31.92 -12.61 -30.95
N GLU I 94 -32.11 -12.39 -32.25
CA GLU I 94 -31.29 -11.44 -32.97
C GLU I 94 -31.32 -10.10 -32.24
N ASP I 95 -32.46 -9.42 -32.32
CA ASP I 95 -32.63 -8.13 -31.68
C ASP I 95 -32.35 -8.11 -30.17
N SER I 96 -32.31 -9.27 -29.53
CA SER I 96 -32.09 -9.31 -28.09
C SER I 96 -31.00 -10.24 -27.60
N PRO I 97 -29.74 -9.99 -27.97
CA PRO I 97 -28.65 -10.86 -27.53
C PRO I 97 -27.99 -10.43 -26.21
N GLU I 98 -28.65 -9.53 -25.51
CA GLU I 98 -28.12 -9.04 -24.24
C GLU I 98 -28.62 -9.83 -23.07
N MET I 99 -29.86 -10.31 -23.12
CA MET I 99 -30.35 -11.11 -22.00
C MET I 99 -31.36 -12.18 -22.40
N CYS I 100 -31.25 -13.31 -21.73
CA CYS I 100 -32.12 -14.43 -21.95
C CYS I 100 -33.52 -14.03 -21.50
N ARG I 101 -34.45 -14.04 -22.43
CA ARG I 101 -35.83 -13.67 -22.14
C ARG I 101 -36.65 -14.93 -21.83
N LYS I 102 -37.66 -14.80 -20.96
CA LYS I 102 -38.51 -15.93 -20.60
C LYS I 102 -39.47 -16.34 -21.73
N ASP I 116 -43.45 -25.34 -28.14
CA ASP I 116 -42.64 -25.35 -26.91
C ASP I 116 -41.51 -24.30 -26.97
N CYS I 117 -40.82 -24.12 -25.86
CA CYS I 117 -39.71 -23.15 -25.76
C CYS I 117 -38.34 -23.71 -26.13
N THR I 118 -36.85 -23.88 -27.17
CA THR I 118 -35.69 -23.64 -28.02
C THR I 118 -34.92 -22.40 -27.57
N PRO I 119 -33.64 -22.58 -27.17
CA PRO I 119 -32.76 -21.50 -26.69
C PRO I 119 -32.60 -20.33 -27.63
N TRP I 120 -33.44 -20.26 -28.66
CA TRP I 120 -33.38 -19.18 -29.64
C TRP I 120 -34.75 -18.66 -30.05
N SER I 121 -35.78 -18.90 -29.24
CA SER I 121 -37.11 -18.43 -29.60
C SER I 121 -38.20 -18.60 -28.55
N ASP I 122 -39.14 -17.65 -28.51
CA ASP I 122 -40.25 -17.70 -27.58
C ASP I 122 -41.16 -18.79 -28.11
N ILE I 123 -42.05 -19.30 -27.26
CA ILE I 123 -42.96 -20.36 -27.65
C ILE I 123 -43.51 -20.18 -29.07
N GLN J 7 -0.86 26.95 -23.35
CA GLN J 7 -1.19 26.88 -24.81
C GLN J 7 -2.33 25.90 -25.06
N ARG J 8 -2.63 25.09 -24.07
CA ARG J 8 -3.71 24.12 -24.17
C ARG J 8 -5.00 24.90 -24.39
N VAL J 9 -5.94 24.26 -25.05
CA VAL J 9 -7.24 24.86 -25.35
C VAL J 9 -8.32 23.88 -24.93
N ALA J 10 -8.81 24.05 -23.70
CA ALA J 10 -9.86 23.19 -23.17
C ALA J 10 -10.65 23.91 -22.09
N ALA J 11 -11.74 23.31 -21.65
CA ALA J 11 -12.54 23.89 -20.59
C ALA J 11 -13.54 22.88 -20.07
N HIS J 12 -13.87 23.03 -18.79
CA HIS J 12 -14.85 22.18 -18.15
C HIS J 12 -15.33 23.16 -17.10
N ILE J 13 -16.63 23.43 -17.10
CA ILE J 13 -17.22 24.37 -16.14
C ILE J 13 -18.42 23.61 -15.61
N THR J 14 -18.67 23.76 -14.32
CA THR J 14 -19.76 22.98 -13.75
C THR J 14 -20.97 23.78 -13.29
N GLY J 15 -22.00 23.09 -12.87
CA GLY J 15 -23.16 23.80 -12.37
C GLY J 15 -22.80 24.25 -10.96
N THR J 16 -22.98 25.52 -10.66
CA THR J 16 -22.69 26.03 -9.34
C THR J 16 -23.81 25.52 -8.50
N ARG J 17 -24.01 26.08 -7.31
CA ARG J 17 -25.08 25.62 -6.42
C ARG J 17 -24.52 24.91 -5.23
N GLY J 18 -23.35 24.31 -5.39
CA GLY J 18 -22.72 23.60 -4.29
C GLY J 18 -22.27 22.22 -4.66
N ARG J 19 -21.42 21.64 -3.81
CA ARG J 19 -20.90 20.31 -4.01
C ARG J 19 -21.87 19.30 -3.45
N SER J 20 -21.87 18.11 -4.02
CA SER J 20 -22.78 17.05 -3.61
C SER J 20 -22.58 16.52 -2.18
N ASN J 21 -23.64 15.93 -1.65
CA ASN J 21 -23.62 15.38 -0.32
C ASN J 21 -22.41 14.50 -0.11
N THR J 22 -21.96 14.41 1.13
CA THR J 22 -20.79 13.62 1.46
C THR J 22 -21.04 12.68 2.65
N ALA J 33 -33.79 28.32 -30.11
CA ALA J 33 -33.43 27.08 -29.46
C ALA J 33 -34.52 26.43 -28.63
N LEU J 34 -34.51 25.09 -28.63
CA LEU J 34 -35.47 24.27 -27.89
C LEU J 34 -35.05 24.17 -26.45
N GLY J 35 -35.97 23.77 -25.58
CA GLY J 35 -35.65 23.68 -24.17
C GLY J 35 -35.31 25.04 -23.58
N ARG J 36 -34.48 25.04 -22.54
CA ARG J 36 -34.06 26.27 -21.84
C ARG J 36 -32.56 26.31 -21.64
N LYS J 37 -31.94 27.36 -22.15
CA LYS J 37 -30.50 27.52 -22.04
C LYS J 37 -30.08 27.51 -20.58
N ILE J 38 -29.03 26.75 -20.28
CA ILE J 38 -28.52 26.71 -18.92
C ILE J 38 -27.47 27.82 -18.87
N ASN J 39 -27.68 28.79 -17.99
CA ASN J 39 -26.72 29.88 -17.88
C ASN J 39 -26.00 29.91 -16.54
N SER J 40 -26.34 29.00 -15.64
CA SER J 40 -25.72 28.99 -14.32
C SER J 40 -24.36 28.33 -14.20
N TRP J 41 -23.72 27.95 -15.32
CA TRP J 41 -22.39 27.34 -15.25
C TRP J 41 -21.39 28.31 -14.61
N GLU J 42 -20.25 27.78 -14.18
CA GLU J 42 -19.20 28.57 -13.56
C GLU J 42 -18.45 29.26 -14.64
N SER J 43 -17.80 30.35 -14.30
CA SER J 43 -17.07 31.13 -15.28
C SER J 43 -15.66 31.40 -14.80
N SER J 44 -15.39 30.90 -13.62
CA SER J 44 -14.12 31.09 -12.96
C SER J 44 -13.41 29.78 -12.65
N ARG J 45 -12.09 29.87 -12.48
CA ARG J 45 -11.30 28.71 -12.12
C ARG J 45 -11.77 28.28 -10.75
N SER J 46 -11.72 27.00 -10.51
CA SER J 46 -12.12 26.46 -9.22
C SER J 46 -11.40 25.13 -9.09
N GLY J 47 -11.83 24.32 -8.14
CA GLY J 47 -11.18 23.03 -7.99
C GLY J 47 -11.86 21.99 -8.85
N HIS J 48 -12.80 22.43 -9.68
CA HIS J 48 -13.54 21.53 -10.54
C HIS J 48 -13.94 22.13 -11.86
N SER J 49 -13.34 23.23 -12.25
CA SER J 49 -13.67 23.83 -13.54
C SER J 49 -12.56 24.77 -13.96
N PHE J 50 -12.36 24.91 -15.25
CA PHE J 50 -11.30 25.78 -15.75
C PHE J 50 -11.59 26.20 -17.18
N LEU J 51 -10.87 27.22 -17.65
CA LEU J 51 -11.08 27.72 -18.99
C LEU J 51 -9.72 28.11 -19.51
N SER J 52 -9.25 27.35 -20.49
CA SER J 52 -7.94 27.59 -21.05
C SER J 52 -8.15 27.95 -22.50
N ASN J 53 -7.86 29.20 -22.85
CA ASN J 53 -8.06 29.71 -24.19
C ASN J 53 -9.49 29.54 -24.71
N LEU J 54 -10.45 29.75 -23.83
CA LEU J 54 -11.88 29.72 -24.12
C LEU J 54 -12.45 30.52 -22.97
N HIS J 55 -13.63 31.12 -23.12
CA HIS J 55 -14.19 31.86 -21.99
C HIS J 55 -15.68 31.72 -21.97
N LEU J 56 -16.29 31.91 -20.80
CA LEU J 56 -17.73 31.78 -20.69
C LEU J 56 -18.32 33.19 -20.74
N ARG J 57 -19.46 33.32 -21.40
CA ARG J 57 -20.12 34.58 -21.55
C ARG J 57 -21.57 34.31 -21.71
N ASN J 58 -22.32 34.48 -20.64
CA ASN J 58 -23.76 34.26 -20.61
C ASN J 58 -24.10 32.81 -20.78
N GLY J 59 -23.31 31.97 -20.11
CA GLY J 59 -23.54 30.55 -20.15
C GLY J 59 -23.11 29.93 -21.44
N GLU J 60 -22.42 30.70 -22.29
CA GLU J 60 -21.94 30.19 -23.58
C GLU J 60 -20.44 30.24 -23.67
N LEU J 61 -19.86 29.11 -24.11
CA LEU J 61 -18.44 29.02 -24.25
C LEU J 61 -18.10 29.69 -25.56
N VAL J 62 -17.20 30.67 -25.48
CA VAL J 62 -16.79 31.43 -26.62
C VAL J 62 -15.43 30.89 -27.13
N ILE J 63 -15.44 30.39 -28.36
CA ILE J 63 -14.23 29.83 -28.98
C ILE J 63 -13.28 30.93 -29.36
N HIS J 64 -11.97 30.71 -29.19
CA HIS J 64 -10.94 31.71 -29.54
C HIS J 64 -10.16 31.25 -30.72
N GLU J 65 -9.89 29.96 -30.72
CA GLU J 65 -9.11 29.35 -31.78
C GLU J 65 -9.97 28.43 -32.61
N LYS J 66 -9.77 28.52 -33.92
CA LYS J 66 -10.49 27.71 -34.90
C LYS J 66 -10.01 26.27 -34.81
N GLY J 67 -10.89 25.32 -35.11
CA GLY J 67 -10.46 23.94 -35.08
C GLY J 67 -11.54 22.94 -34.72
N PHE J 68 -11.16 21.67 -34.66
CA PHE J 68 -12.09 20.61 -34.29
C PHE J 68 -12.18 20.57 -32.77
N TYR J 69 -13.41 20.60 -32.24
CA TYR J 69 -13.63 20.59 -30.81
C TYR J 69 -14.49 19.44 -30.30
N TYR J 70 -13.99 18.69 -29.32
CA TYR J 70 -14.85 17.67 -28.76
C TYR J 70 -15.67 18.44 -27.71
N ILE J 71 -16.99 18.46 -27.89
CA ILE J 71 -17.90 19.18 -27.00
C ILE J 71 -18.76 18.19 -26.23
N TYR J 72 -18.92 18.42 -24.92
CA TYR J 72 -19.71 17.45 -24.14
C TYR J 72 -20.45 18.12 -23.01
N SER J 73 -21.47 17.42 -22.54
CA SER J 73 -22.19 17.90 -21.42
C SER J 73 -22.96 16.80 -20.72
N GLN J 74 -23.06 16.93 -19.41
CA GLN J 74 -23.81 15.95 -18.66
C GLN J 74 -24.76 16.83 -17.88
N THR J 75 -26.00 16.36 -17.73
CA THR J 75 -27.03 17.06 -16.99
C THR J 75 -27.87 16.06 -16.19
N TYR J 76 -27.89 16.25 -14.87
CA TYR J 76 -28.61 15.35 -13.97
C TYR J 76 -30.08 15.71 -13.70
N PHE J 77 -30.94 14.84 -14.17
CA PHE J 77 -32.35 15.04 -13.98
C PHE J 77 -32.66 14.22 -12.76
N ARG J 78 -33.05 14.87 -11.67
CA ARG J 78 -33.32 14.16 -10.43
C ARG J 78 -34.57 14.72 -9.80
N PHE J 79 -35.67 13.98 -9.88
CA PHE J 79 -36.93 14.43 -9.30
C PHE J 79 -37.56 13.37 -8.40
N GLN J 80 -38.34 13.81 -7.42
CA GLN J 80 -39.01 12.90 -6.51
C GLN J 80 -40.45 12.95 -6.91
N GLU J 81 -40.67 13.07 -8.20
CA GLU J 81 -42.01 13.21 -8.76
C GLU J 81 -43.13 12.25 -8.36
N GLU J 82 -44.27 12.88 -7.97
CA GLU J 82 -45.51 12.22 -7.53
C GLU J 82 -46.63 12.21 -8.59
N ILE J 83 -47.25 11.04 -8.71
CA ILE J 83 -48.32 10.76 -9.67
C ILE J 83 -49.59 11.59 -9.44
N LYS J 84 -49.87 12.50 -10.36
CA LYS J 84 -51.05 13.33 -10.25
C LYS J 84 -52.25 12.63 -10.86
N GLU J 85 -53.38 12.67 -10.16
CA GLU J 85 -54.60 12.06 -10.68
C GLU J 85 -54.99 12.68 -12.06
N ASN J 86 -55.36 13.99 -12.11
CA ASN J 86 -55.79 14.67 -13.37
C ASN J 86 -54.70 15.37 -14.19
N THR J 87 -53.88 14.57 -14.85
CA THR J 87 -52.83 15.07 -15.72
C THR J 87 -51.81 14.00 -16.12
N LYS J 88 -51.11 14.28 -17.22
CA LYS J 88 -50.11 13.38 -17.74
C LYS J 88 -48.79 13.61 -17.01
N ASN J 89 -48.14 12.51 -16.63
CA ASN J 89 -46.88 12.59 -15.91
C ASN J 89 -45.64 12.16 -16.67
N ASP J 90 -45.79 11.78 -17.93
CA ASP J 90 -44.62 11.38 -18.67
C ASP J 90 -43.74 12.60 -18.91
N LYS J 91 -42.44 12.42 -18.78
CA LYS J 91 -41.49 13.52 -18.97
C LYS J 91 -40.50 13.22 -20.09
N GLN J 92 -40.10 14.25 -20.80
CA GLN J 92 -39.16 14.08 -21.86
C GLN J 92 -37.99 14.94 -21.45
N MET J 93 -36.95 14.28 -20.97
CA MET J 93 -35.75 14.99 -20.55
C MET J 93 -34.83 14.97 -21.74
N VAL J 94 -34.46 16.15 -22.21
CA VAL J 94 -33.58 16.22 -23.39
C VAL J 94 -32.53 17.28 -23.18
N GLN J 95 -31.31 16.99 -23.58
CA GLN J 95 -30.24 17.96 -23.48
C GLN J 95 -29.80 18.32 -24.91
N TYR J 96 -29.80 19.61 -25.23
CA TYR J 96 -29.43 20.07 -26.57
C TYR J 96 -28.17 20.89 -26.50
N ILE J 97 -27.24 20.66 -27.41
CA ILE J 97 -26.01 21.45 -27.46
C ILE J 97 -26.07 22.25 -28.76
N TYR J 98 -26.24 23.57 -28.66
CA TYR J 98 -26.37 24.48 -29.79
C TYR J 98 -25.11 25.25 -29.99
N LYS J 99 -25.02 25.87 -31.17
CA LYS J 99 -23.88 26.69 -31.50
C LYS J 99 -24.41 27.98 -32.11
N TYR J 100 -23.66 29.07 -31.97
CA TYR J 100 -24.00 30.38 -32.51
C TYR J 100 -22.86 30.83 -33.39
N THR J 101 -22.99 30.58 -34.69
CA THR J 101 -21.95 31.00 -35.63
C THR J 101 -22.44 32.32 -36.26
N SER J 102 -21.67 32.89 -37.20
CA SER J 102 -22.06 34.15 -37.89
C SER J 102 -23.33 33.91 -38.73
N TYR J 103 -24.45 33.72 -38.03
CA TYR J 103 -25.74 33.45 -38.66
C TYR J 103 -26.74 33.65 -37.53
N PRO J 104 -27.76 34.48 -37.77
CA PRO J 104 -28.82 34.80 -36.82
C PRO J 104 -29.33 33.73 -35.85
N ASP J 105 -29.72 32.56 -36.36
CA ASP J 105 -30.26 31.52 -35.49
C ASP J 105 -29.29 30.50 -34.92
N PRO J 106 -29.64 29.93 -33.74
CA PRO J 106 -28.78 28.92 -33.12
C PRO J 106 -28.92 27.59 -33.86
N ILE J 107 -27.79 26.98 -34.18
CA ILE J 107 -27.78 25.70 -34.88
C ILE J 107 -27.51 24.52 -33.93
N LEU J 108 -28.41 23.55 -33.92
CA LEU J 108 -28.27 22.39 -33.06
C LEU J 108 -27.03 21.58 -33.46
N LEU J 109 -26.31 21.10 -32.45
CA LEU J 109 -25.13 20.28 -32.69
C LEU J 109 -25.46 18.80 -32.37
N MET J 110 -26.10 18.54 -31.22
CA MET J 110 -26.48 17.18 -30.82
C MET J 110 -27.56 17.25 -29.78
N LYS J 111 -28.33 16.18 -29.67
CA LYS J 111 -29.38 16.06 -28.67
C LYS J 111 -29.43 14.61 -28.15
N SER J 112 -29.71 14.46 -26.86
CA SER J 112 -29.76 13.16 -26.23
C SER J 112 -31.02 13.23 -25.43
N ALA J 113 -31.79 12.15 -25.39
CA ALA J 113 -33.04 12.20 -24.71
C ALA J 113 -33.46 10.95 -23.95
N ARG J 114 -34.27 11.12 -22.89
CA ARG J 114 -34.76 9.99 -22.13
C ARG J 114 -36.21 10.26 -21.78
N ASN J 115 -36.90 9.24 -21.28
CA ASN J 115 -38.31 9.38 -20.86
C ASN J 115 -38.42 8.72 -19.49
N SER J 116 -39.06 9.37 -18.54
CA SER J 116 -39.22 8.80 -17.23
C SER J 116 -40.00 7.51 -17.33
N CYS J 117 -40.05 6.76 -16.24
CA CYS J 117 -40.76 5.50 -16.21
C CYS J 117 -42.25 5.73 -16.27
N TRP J 118 -42.95 4.82 -16.92
CA TRP J 118 -44.39 4.95 -17.03
C TRP J 118 -45.11 4.23 -15.90
N SER J 119 -44.37 3.68 -14.95
CA SER J 119 -45.01 2.97 -13.85
C SER J 119 -45.73 3.96 -12.92
N LYS J 120 -46.98 3.65 -12.58
CA LYS J 120 -47.78 4.49 -11.69
C LYS J 120 -47.16 4.40 -10.29
N ASP J 121 -46.21 3.49 -10.12
CA ASP J 121 -45.52 3.28 -8.84
C ASP J 121 -44.17 3.97 -8.80
N ALA J 122 -43.91 4.83 -9.77
CA ALA J 122 -42.64 5.52 -9.76
C ALA J 122 -42.65 6.53 -8.63
N GLU J 123 -41.62 6.50 -7.80
CA GLU J 123 -41.54 7.39 -6.67
C GLU J 123 -40.58 8.53 -6.92
N TYR J 124 -39.62 8.31 -7.82
CA TYR J 124 -38.66 9.36 -8.14
C TYR J 124 -37.84 8.94 -9.33
N GLY J 125 -37.03 9.83 -9.87
CA GLY J 125 -36.26 9.46 -11.03
C GLY J 125 -34.89 10.12 -11.04
N LEU J 126 -33.89 9.42 -11.56
CA LEU J 126 -32.51 9.94 -11.66
C LEU J 126 -32.06 9.60 -13.05
N TYR J 127 -31.83 10.62 -13.86
CA TYR J 127 -31.45 10.39 -15.22
C TYR J 127 -30.37 11.32 -15.59
N SER J 128 -29.14 10.84 -15.50
CA SER J 128 -28.03 11.67 -15.90
C SER J 128 -27.92 11.43 -17.40
N ILE J 129 -27.75 12.51 -18.16
CA ILE J 129 -27.63 12.40 -19.59
C ILE J 129 -26.32 13.01 -19.96
N TYR J 130 -25.50 12.26 -20.69
CA TYR J 130 -24.21 12.69 -21.19
C TYR J 130 -24.15 12.46 -22.73
N GLN J 131 -23.46 13.37 -23.44
CA GLN J 131 -23.28 13.23 -24.85
C GLN J 131 -22.13 14.11 -25.16
N GLY J 132 -21.47 13.80 -26.27
CA GLY J 132 -20.31 14.57 -26.71
C GLY J 132 -20.02 14.28 -28.18
N GLY J 133 -19.23 15.13 -28.85
CA GLY J 133 -18.94 14.91 -30.25
C GLY J 133 -18.01 15.99 -30.74
N ILE J 134 -17.43 15.78 -31.92
CA ILE J 134 -16.51 16.78 -32.48
C ILE J 134 -17.15 17.59 -33.59
N PHE J 135 -16.93 18.90 -33.52
CA PHE J 135 -17.46 19.79 -34.53
C PHE J 135 -16.44 20.86 -34.78
N GLU J 136 -16.35 21.26 -36.04
CA GLU J 136 -15.45 22.31 -36.47
C GLU J 136 -16.12 23.65 -36.18
N LEU J 137 -15.42 24.46 -35.42
CA LEU J 137 -15.94 25.75 -35.02
C LEU J 137 -14.95 26.82 -35.45
N LYS J 138 -15.48 28.02 -35.73
CA LYS J 138 -14.64 29.14 -36.14
C LYS J 138 -14.55 30.08 -34.96
N GLU J 139 -13.55 30.96 -35.00
CA GLU J 139 -13.32 31.92 -33.93
C GLU J 139 -14.60 32.65 -33.62
N ASN J 140 -14.75 33.04 -32.37
CA ASN J 140 -15.93 33.78 -31.96
C ASN J 140 -17.23 32.99 -32.01
N ASP J 141 -17.22 31.77 -32.52
CA ASP J 141 -18.43 30.97 -32.53
C ASP J 141 -18.82 30.86 -31.07
N ARG J 142 -19.99 30.32 -30.75
CA ARG J 142 -20.36 30.21 -29.34
C ARG J 142 -21.23 28.99 -29.14
N ILE J 143 -20.95 28.20 -28.11
CA ILE J 143 -21.77 27.00 -27.91
C ILE J 143 -22.42 27.01 -26.53
N PHE J 144 -23.59 26.40 -26.45
CA PHE J 144 -24.29 26.37 -25.19
C PHE J 144 -25.15 25.13 -25.03
N VAL J 145 -25.68 24.94 -23.83
CA VAL J 145 -26.49 23.79 -23.50
C VAL J 145 -27.89 24.23 -23.13
N SER J 146 -28.89 23.53 -23.65
CA SER J 146 -30.26 23.86 -23.43
C SER J 146 -30.95 22.61 -22.91
N VAL J 147 -32.02 22.74 -22.14
CA VAL J 147 -32.68 21.53 -21.64
C VAL J 147 -34.16 21.67 -21.35
N THR J 148 -34.90 20.58 -21.50
CA THR J 148 -36.29 20.63 -21.18
C THR J 148 -36.29 20.43 -19.67
N ASN J 149 -37.47 20.49 -19.09
CA ASN J 149 -37.65 20.31 -17.68
C ASN J 149 -36.50 20.80 -16.81
N GLU J 150 -36.01 22.02 -17.01
CA GLU J 150 -34.90 22.50 -16.18
C GLU J 150 -35.21 22.51 -14.64
N HIS J 151 -36.49 22.57 -14.28
CA HIS J 151 -36.86 22.55 -12.87
C HIS J 151 -36.56 21.20 -12.22
N LEU J 152 -36.06 20.26 -13.02
CA LEU J 152 -35.71 18.94 -12.48
C LEU J 152 -34.17 18.70 -12.50
N ILE J 153 -33.41 19.60 -13.12
CA ILE J 153 -31.97 19.44 -13.15
C ILE J 153 -31.37 19.64 -11.76
N ASP J 154 -30.33 18.86 -11.47
CA ASP J 154 -29.61 18.95 -10.20
C ASP J 154 -28.33 19.62 -10.61
N MET J 155 -28.13 20.88 -10.22
CA MET J 155 -26.92 21.57 -10.65
C MET J 155 -25.67 21.45 -9.80
N ASP J 156 -25.62 20.48 -8.89
CA ASP J 156 -24.42 20.27 -8.08
C ASP J 156 -23.24 20.16 -9.02
N HIS J 157 -22.12 20.74 -8.61
CA HIS J 157 -20.95 20.77 -9.44
C HIS J 157 -20.44 19.43 -9.98
N GLU J 158 -20.94 18.33 -9.45
CA GLU J 158 -20.51 17.02 -9.96
C GLU J 158 -21.63 16.37 -10.79
N ALA J 159 -22.88 16.74 -10.51
CA ALA J 159 -24.03 16.18 -11.23
C ALA J 159 -24.11 16.69 -12.66
N SER J 160 -23.93 18.00 -12.83
CA SER J 160 -24.00 18.64 -14.15
C SER J 160 -22.82 19.48 -14.55
N PHE J 161 -22.31 19.25 -15.76
CA PHE J 161 -21.17 20.02 -16.23
C PHE J 161 -21.19 20.20 -17.74
N PHE J 162 -20.22 20.98 -18.22
CA PHE J 162 -20.14 21.32 -19.63
C PHE J 162 -18.70 21.68 -19.96
N GLY J 163 -18.22 21.19 -21.09
CA GLY J 163 -16.86 21.51 -21.47
C GLY J 163 -16.66 21.14 -22.92
N ALA J 164 -15.44 21.43 -23.39
CA ALA J 164 -15.00 21.16 -24.75
C ALA J 164 -13.50 21.33 -24.79
N PHE J 165 -12.85 20.66 -25.75
CA PHE J 165 -11.40 20.76 -25.94
C PHE J 165 -11.06 20.52 -27.41
N LEU J 166 -9.93 21.06 -27.82
CA LEU J 166 -9.45 20.93 -29.19
C LEU J 166 -9.06 19.49 -29.50
N VAL J 167 -9.18 19.08 -30.75
CA VAL J 167 -8.82 17.73 -31.20
C VAL J 167 -8.11 17.73 -32.55
N GLY J 168 -7.36 16.66 -32.76
CA GLY J 168 -6.60 16.50 -34.00
C GLY J 168 -5.14 16.17 -33.77
N GLN K 7 -2.74 17.74 -40.85
CA GLN K 7 -2.20 16.52 -40.16
C GLN K 7 -3.04 16.11 -38.94
N ARG K 8 -4.15 16.81 -38.74
CA ARG K 8 -5.06 16.49 -37.66
C ARG K 8 -5.76 15.19 -38.04
N VAL K 9 -5.95 14.32 -37.07
CA VAL K 9 -6.59 13.06 -37.35
C VAL K 9 -7.85 12.93 -36.51
N ALA K 10 -9.00 12.97 -37.17
CA ALA K 10 -10.26 12.89 -36.45
C ALA K 10 -11.39 12.76 -37.43
N ALA K 11 -12.58 12.45 -36.93
CA ALA K 11 -13.74 12.37 -37.81
C ALA K 11 -15.03 12.28 -37.03
N HIS K 12 -16.02 13.01 -37.51
CA HIS K 12 -17.34 12.97 -36.90
C HIS K 12 -18.26 12.84 -38.11
N ILE K 13 -19.09 11.81 -38.12
CA ILE K 13 -19.97 11.60 -39.26
C ILE K 13 -21.29 11.29 -38.65
N THR K 14 -22.31 11.94 -39.18
CA THR K 14 -23.63 11.80 -38.63
C THR K 14 -24.55 11.02 -39.49
N GLY K 15 -25.69 10.70 -38.89
CA GLY K 15 -26.72 10.02 -39.62
C GLY K 15 -27.32 10.99 -40.63
N THR K 16 -27.85 10.42 -41.69
CA THR K 16 -28.49 11.20 -42.72
C THR K 16 -29.93 10.78 -42.72
N ARG K 17 -30.79 11.75 -42.87
CA ARG K 17 -32.22 11.49 -42.92
C ARG K 17 -32.82 12.85 -42.87
N GLY K 18 -31.99 13.80 -42.47
CA GLY K 18 -32.43 15.17 -42.38
C GLY K 18 -32.23 15.73 -40.99
N ARG K 19 -32.30 17.06 -40.91
CA ARG K 19 -32.15 17.79 -39.68
C ARG K 19 -33.35 17.52 -38.79
N SER K 20 -33.19 17.80 -37.50
CA SER K 20 -34.27 17.57 -36.53
C SER K 20 -35.09 18.82 -36.36
N ASN K 21 -36.37 18.57 -36.15
CA ASN K 21 -37.36 19.61 -36.00
C ASN K 21 -36.86 20.86 -35.31
N THR K 22 -37.25 21.99 -35.88
CA THR K 22 -36.87 23.30 -35.38
C THR K 22 -38.16 23.99 -34.93
N ALA K 33 -20.57 -10.21 -36.35
CA ALA K 33 -21.04 -9.13 -35.52
C ALA K 33 -22.44 -9.38 -34.98
N LEU K 34 -22.77 -8.71 -33.88
CA LEU K 34 -24.08 -8.84 -33.26
C LEU K 34 -24.87 -7.63 -33.71
N GLY K 35 -26.20 -7.71 -33.70
CA GLY K 35 -27.03 -6.60 -34.14
C GLY K 35 -26.75 -6.22 -35.59
N ARG K 36 -27.62 -5.43 -36.22
CA ARG K 36 -27.36 -5.03 -37.61
C ARG K 36 -26.41 -3.82 -37.64
N LYS K 37 -25.47 -3.83 -38.59
CA LYS K 37 -24.50 -2.74 -38.75
C LYS K 37 -25.05 -1.50 -39.43
N ILE K 38 -24.76 -0.31 -38.88
CA ILE K 38 -25.23 0.93 -39.47
C ILE K 38 -24.27 1.32 -40.57
N ASN K 39 -24.79 1.54 -41.77
CA ASN K 39 -23.93 1.93 -42.88
C ASN K 39 -24.40 3.18 -43.58
N SER K 40 -25.44 3.81 -43.05
CA SER K 40 -25.95 5.04 -43.65
C SER K 40 -25.50 6.34 -42.96
N TRP K 41 -24.19 6.50 -42.79
CA TRP K 41 -23.64 7.69 -42.15
C TRP K 41 -23.30 8.62 -43.29
N GLU K 42 -23.19 9.92 -43.00
CA GLU K 42 -22.79 10.86 -44.03
C GLU K 42 -21.37 10.47 -44.32
N SER K 43 -20.74 11.12 -45.27
CA SER K 43 -19.36 10.81 -45.62
C SER K 43 -18.69 12.13 -45.93
N SER K 44 -19.18 12.71 -47.01
CA SER K 44 -18.71 13.98 -47.52
C SER K 44 -18.53 15.00 -46.40
N ARG K 45 -18.00 16.16 -46.79
CA ARG K 45 -17.81 17.26 -45.87
C ARG K 45 -19.12 18.02 -45.88
N SER K 46 -19.51 18.50 -44.70
CA SER K 46 -20.72 19.25 -44.58
C SER K 46 -20.52 20.23 -43.42
N GLY K 47 -21.61 20.56 -42.73
CA GLY K 47 -21.51 21.48 -41.62
C GLY K 47 -21.77 20.79 -40.32
N HIS K 48 -21.64 19.48 -40.29
CA HIS K 48 -21.87 18.77 -39.05
C HIS K 48 -21.14 17.44 -39.04
N SER K 49 -20.34 17.21 -40.06
CA SER K 49 -19.53 16.00 -40.15
C SER K 49 -18.35 16.23 -41.04
N PHE K 50 -17.22 15.69 -40.64
CA PHE K 50 -16.05 15.87 -41.44
C PHE K 50 -15.19 14.63 -41.32
N LEU K 51 -14.18 14.49 -42.20
CA LEU K 51 -13.24 13.36 -42.16
C LEU K 51 -11.84 13.96 -42.29
N SER K 52 -10.97 13.74 -41.32
CA SER K 52 -9.65 14.34 -41.45
C SER K 52 -8.59 13.29 -41.22
N ASN K 53 -7.95 12.86 -42.32
CA ASN K 53 -6.92 11.83 -42.30
C ASN K 53 -7.52 10.50 -41.89
N LEU K 54 -8.76 10.25 -42.34
CA LEU K 54 -9.51 9.02 -42.10
C LEU K 54 -10.44 8.99 -43.31
N HIS K 55 -11.28 7.98 -43.42
CA HIS K 55 -12.22 7.95 -44.52
C HIS K 55 -13.26 6.89 -44.28
N LEU K 56 -14.36 6.91 -45.02
CA LEU K 56 -15.44 5.96 -44.76
C LEU K 56 -15.61 4.96 -45.90
N ARG K 57 -15.94 3.73 -45.58
CA ARG K 57 -16.13 2.68 -46.59
C ARG K 57 -17.17 1.67 -46.13
N ASN K 58 -18.40 1.82 -46.58
CA ASN K 58 -19.50 0.95 -46.19
C ASN K 58 -19.90 1.17 -44.73
N GLY K 59 -19.92 2.44 -44.32
CA GLY K 59 -20.28 2.78 -42.95
C GLY K 59 -19.21 2.45 -41.94
N GLU K 60 -17.99 2.25 -42.42
CA GLU K 60 -16.88 1.91 -41.56
C GLU K 60 -15.83 2.98 -41.63
N LEU K 61 -15.40 3.49 -40.49
CA LEU K 61 -14.34 4.49 -40.52
C LEU K 61 -13.06 3.66 -40.75
N VAL K 62 -12.16 4.12 -41.60
CA VAL K 62 -10.92 3.38 -41.86
C VAL K 62 -9.67 4.14 -41.46
N ILE K 63 -8.83 3.47 -40.67
CA ILE K 63 -7.62 4.05 -40.13
C ILE K 63 -6.50 4.26 -41.13
N HIS K 64 -5.88 5.43 -41.07
CA HIS K 64 -4.80 5.73 -41.97
C HIS K 64 -3.47 5.72 -41.19
N GLU K 65 -3.52 6.07 -39.90
CA GLU K 65 -2.34 6.12 -39.05
C GLU K 65 -2.58 5.27 -37.83
N LYS K 66 -1.55 4.59 -37.34
CA LYS K 66 -1.75 3.77 -36.15
C LYS K 66 -1.53 4.63 -34.91
N GLY K 67 -2.30 4.33 -33.87
CA GLY K 67 -2.17 5.06 -32.61
C GLY K 67 -3.35 4.86 -31.70
N PHE K 68 -3.41 5.60 -30.61
CA PHE K 68 -4.53 5.49 -29.69
C PHE K 68 -5.64 6.34 -30.29
N TYR K 69 -6.85 5.84 -30.21
CA TYR K 69 -7.98 6.59 -30.76
C TYR K 69 -9.16 6.61 -29.78
N TYR K 70 -9.71 7.79 -29.54
CA TYR K 70 -10.88 7.85 -28.69
C TYR K 70 -11.97 7.61 -29.72
N ILE K 71 -12.88 6.66 -29.47
CA ILE K 71 -13.94 6.29 -30.42
C ILE K 71 -15.28 6.37 -29.74
N TYR K 72 -16.24 7.05 -30.35
CA TYR K 72 -17.57 7.19 -29.71
C TYR K 72 -18.70 7.16 -30.70
N SER K 73 -19.89 6.95 -30.18
CA SER K 73 -21.05 6.99 -31.04
C SER K 73 -22.37 7.11 -30.28
N GLN K 74 -23.25 7.97 -30.78
CA GLN K 74 -24.57 8.15 -30.19
C GLN K 74 -25.56 7.56 -31.20
N THR K 75 -26.47 6.74 -30.70
CA THR K 75 -27.51 6.12 -31.52
C THR K 75 -28.76 6.40 -30.72
N TYR K 76 -29.75 7.01 -31.36
CA TYR K 76 -30.98 7.39 -30.69
C TYR K 76 -32.12 6.41 -30.95
N PHE K 77 -32.59 5.72 -29.92
CA PHE K 77 -33.71 4.79 -30.12
C PHE K 77 -34.97 5.53 -29.75
N ARG K 78 -35.82 5.79 -30.73
CA ARG K 78 -37.03 6.56 -30.49
C ARG K 78 -38.22 5.86 -31.11
N PHE K 79 -39.23 5.51 -30.31
CA PHE K 79 -40.40 4.82 -30.84
C PHE K 79 -41.70 5.19 -30.16
N GLN K 80 -42.80 5.10 -30.91
CA GLN K 80 -44.12 5.42 -30.38
C GLN K 80 -44.79 4.08 -30.16
N GLU K 81 -44.17 3.31 -29.28
CA GLU K 81 -44.61 1.97 -28.94
C GLU K 81 -46.04 1.71 -28.49
N GLU K 82 -46.60 0.64 -29.06
CA GLU K 82 -47.96 0.19 -28.76
C GLU K 82 -47.86 -1.24 -28.21
N ILE K 83 -48.42 -1.44 -27.02
CA ILE K 83 -48.39 -2.74 -26.36
C ILE K 83 -49.13 -3.80 -27.19
N LYS K 84 -48.36 -4.55 -27.98
CA LYS K 84 -48.89 -5.61 -28.84
C LYS K 84 -49.74 -6.66 -28.11
N GLU K 85 -50.02 -7.76 -28.80
CA GLU K 85 -50.86 -8.81 -28.22
C GLU K 85 -50.14 -10.15 -28.12
N ASN K 86 -50.13 -10.87 -29.24
CA ASN K 86 -49.48 -12.18 -29.32
C ASN K 86 -47.96 -12.00 -29.34
N THR K 87 -47.45 -11.06 -28.54
CA THR K 87 -46.03 -10.79 -28.45
C THR K 87 -45.59 -10.08 -27.16
N LYS K 88 -44.28 -10.13 -26.91
CA LYS K 88 -43.67 -9.51 -25.75
C LYS K 88 -43.17 -8.15 -26.25
N ASN K 89 -43.39 -7.10 -25.46
CA ASN K 89 -42.98 -5.77 -25.91
C ASN K 89 -41.64 -5.31 -25.35
N ASP K 90 -41.05 -6.08 -24.43
CA ASP K 90 -39.76 -5.69 -23.88
C ASP K 90 -38.70 -5.64 -24.97
N LYS K 91 -38.04 -4.49 -25.10
CA LYS K 91 -37.00 -4.32 -26.10
C LYS K 91 -35.65 -4.10 -25.45
N GLN K 92 -34.63 -4.64 -26.11
CA GLN K 92 -33.26 -4.50 -25.63
C GLN K 92 -32.53 -3.67 -26.65
N MET K 93 -32.32 -2.41 -26.32
CA MET K 93 -31.66 -1.48 -27.21
C MET K 93 -30.21 -1.54 -26.89
N VAL K 94 -29.40 -1.97 -27.83
CA VAL K 94 -28.00 -2.11 -27.54
C VAL K 94 -27.16 -1.55 -28.66
N GLN K 95 -26.08 -0.87 -28.32
CA GLN K 95 -25.19 -0.34 -29.33
C GLN K 95 -23.81 -1.01 -29.25
N TYR K 96 -23.35 -1.56 -30.38
CA TYR K 96 -22.07 -2.23 -30.46
C TYR K 96 -21.12 -1.45 -31.32
N ILE K 97 -19.86 -1.38 -30.94
CA ILE K 97 -18.84 -0.67 -31.72
C ILE K 97 -17.73 -1.72 -31.90
N TYR K 98 -17.52 -2.18 -33.14
CA TYR K 98 -16.53 -3.23 -33.50
C TYR K 98 -15.33 -2.69 -34.27
N LYS K 99 -14.41 -3.59 -34.55
CA LYS K 99 -13.27 -3.22 -35.38
C LYS K 99 -12.93 -4.43 -36.23
N TYR K 100 -12.35 -4.15 -37.41
CA TYR K 100 -11.89 -5.18 -38.36
C TYR K 100 -10.39 -4.86 -38.49
N THR K 101 -9.57 -5.77 -38.02
CA THR K 101 -8.13 -5.63 -38.09
C THR K 101 -7.73 -6.83 -38.97
N SER K 102 -6.44 -7.13 -39.05
CA SER K 102 -5.98 -8.26 -39.88
C SER K 102 -6.43 -9.58 -39.31
N TYR K 103 -7.73 -9.77 -39.12
CA TYR K 103 -8.24 -11.02 -38.55
C TYR K 103 -9.60 -11.31 -39.19
N PRO K 104 -9.83 -12.55 -39.64
CA PRO K 104 -11.10 -12.93 -40.27
C PRO K 104 -12.41 -12.39 -39.68
N ASP K 105 -12.55 -12.36 -38.35
CA ASP K 105 -13.77 -11.89 -37.71
C ASP K 105 -13.78 -10.55 -36.99
N PRO K 106 -14.97 -9.92 -36.85
CA PRO K 106 -15.09 -8.62 -36.17
C PRO K 106 -14.80 -8.74 -34.67
N ILE K 107 -14.10 -7.74 -34.12
CA ILE K 107 -13.78 -7.78 -32.70
C ILE K 107 -14.47 -6.64 -31.98
N LEU K 108 -15.33 -7.00 -31.02
CA LEU K 108 -16.08 -6.01 -30.22
C LEU K 108 -15.15 -5.18 -29.39
N LEU K 109 -15.39 -3.87 -29.36
CA LEU K 109 -14.60 -2.96 -28.55
C LEU K 109 -15.46 -2.51 -27.38
N MET K 110 -16.67 -2.05 -27.63
CA MET K 110 -17.55 -1.62 -26.53
C MET K 110 -18.99 -1.92 -26.81
N LYS K 111 -19.78 -2.10 -25.76
CA LYS K 111 -21.20 -2.29 -25.92
C LYS K 111 -21.90 -1.52 -24.78
N SER K 112 -23.06 -0.94 -25.09
CA SER K 112 -23.85 -0.15 -24.13
C SER K 112 -25.26 -0.62 -24.33
N ALA K 113 -25.97 -0.93 -23.27
CA ALA K 113 -27.31 -1.42 -23.48
C ALA K 113 -28.29 -0.86 -22.48
N ARG K 114 -29.51 -0.63 -22.94
CA ARG K 114 -30.58 -0.14 -22.11
C ARG K 114 -31.74 -1.04 -22.40
N ASN K 115 -32.76 -1.03 -21.56
CA ASN K 115 -33.95 -1.80 -21.81
C ASN K 115 -35.14 -0.82 -21.74
N SER K 116 -36.24 -1.17 -22.39
CA SER K 116 -37.38 -0.29 -22.37
C SER K 116 -38.12 -0.45 -21.05
N CYS K 117 -39.00 0.50 -20.74
CA CYS K 117 -39.78 0.44 -19.52
C CYS K 117 -40.70 -0.75 -19.68
N TRP K 118 -40.97 -1.42 -18.56
CA TRP K 118 -41.81 -2.62 -18.54
C TRP K 118 -43.26 -2.32 -18.27
N SER K 119 -43.54 -1.05 -18.03
CA SER K 119 -44.91 -0.61 -17.73
C SER K 119 -45.81 -0.74 -18.93
N LYS K 120 -46.89 -1.50 -18.75
CA LYS K 120 -47.86 -1.67 -19.81
C LYS K 120 -48.44 -0.29 -20.13
N ASP K 121 -48.18 0.70 -19.28
CA ASP K 121 -48.67 2.06 -19.50
C ASP K 121 -47.72 2.89 -20.39
N ALA K 122 -46.58 2.32 -20.75
CA ALA K 122 -45.62 3.05 -21.56
C ALA K 122 -46.23 3.36 -22.92
N GLU K 123 -46.17 4.62 -23.34
CA GLU K 123 -46.73 5.03 -24.61
C GLU K 123 -45.66 5.14 -25.68
N TYR K 124 -44.52 5.73 -25.32
CA TYR K 124 -43.45 5.88 -26.27
C TYR K 124 -42.12 5.71 -25.53
N GLY K 125 -41.00 5.81 -26.25
CA GLY K 125 -39.71 5.65 -25.62
C GLY K 125 -38.63 6.46 -26.32
N LEU K 126 -37.77 7.09 -25.54
CA LEU K 126 -36.68 7.90 -26.07
C LEU K 126 -35.46 7.44 -25.29
N TYR K 127 -34.54 6.76 -25.95
CA TYR K 127 -33.34 6.24 -25.30
C TYR K 127 -32.11 6.54 -26.11
N SER K 128 -31.54 7.73 -25.93
CA SER K 128 -30.32 8.12 -26.65
C SER K 128 -29.14 7.37 -25.98
N ILE K 129 -28.32 6.67 -26.76
CA ILE K 129 -27.17 5.90 -26.21
C ILE K 129 -25.79 6.40 -26.64
N TYR K 130 -24.97 6.86 -25.70
CA TYR K 130 -23.64 7.32 -26.07
C TYR K 130 -22.61 6.46 -25.33
N GLN K 131 -21.46 6.24 -25.98
CA GLN K 131 -20.39 5.43 -25.40
C GLN K 131 -19.11 5.79 -26.10
N GLY K 132 -18.00 5.78 -25.37
CA GLY K 132 -16.72 6.14 -25.93
C GLY K 132 -15.60 5.38 -25.25
N GLY K 133 -14.39 5.45 -25.80
CA GLY K 133 -13.28 4.70 -25.21
C GLY K 133 -12.07 4.75 -26.11
N ILE K 134 -10.88 4.57 -25.54
CA ILE K 134 -9.63 4.58 -26.32
C ILE K 134 -9.19 3.17 -26.64
N PHE K 135 -8.73 2.95 -27.87
CA PHE K 135 -8.23 1.65 -28.28
C PHE K 135 -7.08 1.89 -29.20
N GLU K 136 -6.15 0.94 -29.30
CA GLU K 136 -5.03 1.07 -30.21
C GLU K 136 -5.48 0.42 -31.53
N LEU K 137 -5.27 1.13 -32.65
CA LEU K 137 -5.67 0.64 -33.97
C LEU K 137 -4.54 0.72 -34.95
N LYS K 138 -4.51 -0.20 -35.90
CA LYS K 138 -3.44 -0.18 -36.89
C LYS K 138 -3.94 0.32 -38.26
N GLU K 139 -3.01 0.78 -39.08
CA GLU K 139 -3.36 1.28 -40.39
C GLU K 139 -4.24 0.29 -41.09
N ASN K 140 -5.26 0.81 -41.75
CA ASN K 140 -6.19 -0.01 -42.51
C ASN K 140 -7.09 -0.86 -41.64
N ASP K 141 -7.23 -0.50 -40.37
CA ASP K 141 -8.14 -1.22 -39.48
C ASP K 141 -9.49 -0.52 -39.70
N ARG K 142 -10.60 -1.18 -39.46
CA ARG K 142 -11.85 -0.52 -39.73
C ARG K 142 -12.77 -0.60 -38.54
N ILE K 143 -13.40 0.53 -38.20
CA ILE K 143 -14.29 0.57 -37.05
C ILE K 143 -15.70 0.90 -37.48
N PHE K 144 -16.68 0.22 -36.90
CA PHE K 144 -18.06 0.43 -37.32
C PHE K 144 -18.98 0.22 -36.16
N VAL K 145 -20.19 0.75 -36.27
CA VAL K 145 -21.18 0.66 -35.20
C VAL K 145 -22.23 -0.33 -35.70
N SER K 146 -22.91 -1.00 -34.78
CA SER K 146 -23.93 -1.93 -35.13
C SER K 146 -24.86 -1.83 -33.94
N VAL K 147 -26.17 -1.98 -34.17
CA VAL K 147 -27.16 -1.85 -33.13
C VAL K 147 -28.27 -2.89 -33.30
N THR K 148 -29.08 -3.09 -32.27
CA THR K 148 -30.18 -4.02 -32.35
C THR K 148 -31.37 -3.08 -32.56
N ASN K 149 -32.54 -3.63 -32.86
CA ASN K 149 -33.73 -2.83 -33.12
C ASN K 149 -33.43 -1.63 -34.00
N GLU K 150 -32.69 -1.82 -35.08
CA GLU K 150 -32.34 -0.71 -35.99
C GLU K 150 -33.56 0.03 -36.58
N HIS K 151 -34.72 -0.63 -36.55
CA HIS K 151 -35.94 0.00 -37.07
C HIS K 151 -36.46 1.03 -36.06
N LEU K 152 -35.72 1.23 -34.97
CA LEU K 152 -36.15 2.19 -33.94
C LEU K 152 -35.16 3.34 -33.94
N ILE K 153 -34.11 3.23 -34.72
CA ILE K 153 -33.12 4.28 -34.75
C ILE K 153 -33.60 5.52 -35.48
N ASP K 154 -33.33 6.67 -34.87
CA ASP K 154 -33.67 7.99 -35.42
C ASP K 154 -32.35 8.49 -36.01
N MET K 155 -32.29 8.59 -37.32
CA MET K 155 -31.06 9.01 -37.98
C MET K 155 -30.90 10.50 -38.35
N ASP K 156 -31.59 11.39 -37.64
CA ASP K 156 -31.41 12.80 -37.93
C ASP K 156 -30.00 13.06 -37.49
N HIS K 157 -29.29 13.95 -38.17
CA HIS K 157 -27.88 14.16 -37.86
C HIS K 157 -27.37 14.65 -36.50
N GLU K 158 -28.27 15.14 -35.66
CA GLU K 158 -27.83 15.60 -34.34
C GLU K 158 -28.20 14.55 -33.33
N ALA K 159 -29.01 13.58 -33.76
CA ALA K 159 -29.46 12.52 -32.90
C ALA K 159 -28.55 11.28 -32.86
N SER K 160 -27.92 10.93 -33.97
CA SER K 160 -27.03 9.76 -34.07
C SER K 160 -25.80 10.12 -34.87
N PHE K 161 -24.61 9.85 -34.34
CA PHE K 161 -23.41 10.18 -35.10
C PHE K 161 -22.39 9.14 -34.77
N PHE K 162 -21.16 9.30 -35.26
CA PHE K 162 -20.10 8.32 -35.03
C PHE K 162 -18.77 9.01 -35.32
N GLY K 163 -17.78 8.87 -34.45
CA GLY K 163 -16.52 9.53 -34.74
C GLY K 163 -15.38 8.95 -33.93
N ALA K 164 -14.20 9.52 -34.11
CA ALA K 164 -13.04 9.05 -33.39
C ALA K 164 -11.94 10.05 -33.60
N PHE K 165 -11.00 10.10 -32.68
CA PHE K 165 -9.89 11.00 -32.87
C PHE K 165 -8.63 10.42 -32.27
N LEU K 166 -7.49 10.89 -32.76
CA LEU K 166 -6.21 10.44 -32.31
C LEU K 166 -5.99 11.00 -30.93
N VAL K 167 -4.98 10.49 -30.24
CA VAL K 167 -4.66 10.92 -28.89
C VAL K 167 -3.29 10.32 -28.48
N GLY K 168 -2.51 9.88 -29.46
CA GLY K 168 -1.21 9.28 -29.19
C GLY K 168 -0.97 7.86 -29.73
N GLN L 7 5.63 8.78 -25.61
CA GLN L 7 5.42 10.11 -24.93
C GLN L 7 3.94 10.41 -24.78
N ARG L 8 3.12 9.51 -25.31
CA ARG L 8 1.69 9.66 -25.20
C ARG L 8 1.27 9.30 -23.76
N VAL L 9 0.38 10.12 -23.22
CA VAL L 9 -0.13 9.93 -21.87
C VAL L 9 -1.60 9.50 -22.01
N ALA L 10 -1.89 8.21 -21.97
CA ALA L 10 -3.29 7.81 -22.08
C ALA L 10 -3.43 6.46 -21.45
N ALA L 11 -4.66 5.97 -21.30
CA ALA L 11 -4.85 4.67 -20.69
C ALA L 11 -6.30 4.30 -20.73
N HIS L 12 -6.58 3.04 -20.97
CA HIS L 12 -7.92 2.48 -21.02
C HIS L 12 -7.82 1.11 -20.39
N ILE L 13 -8.58 0.88 -19.33
CA ILE L 13 -8.50 -0.41 -18.69
C ILE L 13 -9.86 -0.97 -18.49
N THR L 14 -10.03 -2.23 -18.85
CA THR L 14 -11.35 -2.84 -18.78
C THR L 14 -11.56 -3.80 -17.65
N GLY L 15 -12.76 -4.35 -17.60
CA GLY L 15 -13.05 -5.32 -16.58
C GLY L 15 -12.40 -6.64 -16.95
N THR L 16 -12.18 -7.48 -15.96
CA THR L 16 -11.58 -8.79 -16.19
C THR L 16 -12.77 -9.71 -16.41
N ARG L 17 -12.70 -10.98 -16.03
CA ARG L 17 -13.85 -11.85 -16.22
C ARG L 17 -13.99 -12.38 -17.63
N GLY L 18 -13.54 -11.60 -18.60
CA GLY L 18 -13.60 -12.07 -19.97
C GLY L 18 -14.53 -11.38 -20.94
N ARG L 19 -14.53 -11.93 -22.15
CA ARG L 19 -15.31 -11.45 -23.27
C ARG L 19 -16.80 -11.66 -23.11
N SER L 20 -17.54 -10.98 -23.98
CA SER L 20 -18.99 -11.06 -23.98
C SER L 20 -19.44 -12.06 -25.05
N ASN L 21 -20.47 -12.84 -24.74
CA ASN L 21 -21.00 -13.82 -25.67
C ASN L 21 -20.79 -13.41 -27.10
N THR L 22 -20.46 -14.38 -27.94
CA THR L 22 -20.24 -14.12 -29.36
C THR L 22 -21.38 -14.70 -30.23
N ALA L 33 -15.31 8.00 0.32
CA ALA L 33 -16.02 7.75 -0.93
C ALA L 33 -17.36 7.01 -0.90
N LEU L 34 -18.31 7.50 -1.68
CA LEU L 34 -19.64 6.91 -1.78
C LEU L 34 -19.54 5.69 -2.71
N GLY L 35 -20.49 4.77 -2.59
CA GLY L 35 -20.45 3.58 -3.41
C GLY L 35 -19.34 2.64 -2.94
N ARG L 36 -18.82 1.80 -3.83
CA ARG L 36 -17.77 0.83 -3.52
C ARG L 36 -16.76 0.86 -4.67
N LYS L 37 -15.53 1.26 -4.39
CA LYS L 37 -14.47 1.31 -5.40
C LYS L 37 -14.36 0.04 -6.20
N ILE L 38 -13.90 0.18 -7.44
CA ILE L 38 -13.71 -0.94 -8.37
C ILE L 38 -12.22 -1.09 -8.51
N ASN L 39 -11.69 -2.25 -8.10
CA ASN L 39 -10.26 -2.47 -8.20
C ASN L 39 -9.98 -3.59 -9.20
N SER L 40 -11.03 -4.33 -9.53
CA SER L 40 -10.91 -5.41 -10.46
C SER L 40 -10.63 -5.11 -11.96
N TRP L 41 -10.13 -3.92 -12.29
CA TRP L 41 -9.79 -3.58 -13.69
C TRP L 41 -8.52 -4.35 -13.99
N GLU L 42 -8.07 -4.37 -15.24
CA GLU L 42 -6.85 -5.07 -15.54
C GLU L 42 -5.69 -4.13 -15.74
N SER L 43 -4.70 -4.29 -14.89
CA SER L 43 -3.49 -3.48 -14.87
C SER L 43 -2.47 -3.73 -15.97
N SER L 44 -2.77 -4.70 -16.82
CA SER L 44 -1.84 -5.06 -17.89
C SER L 44 -2.18 -4.41 -19.20
N ARG L 45 -1.59 -4.97 -20.25
CA ARG L 45 -1.82 -4.56 -21.63
C ARG L 45 -2.46 -5.80 -22.21
N SER L 46 -3.41 -5.62 -23.09
CA SER L 46 -4.05 -6.75 -23.70
C SER L 46 -4.51 -6.32 -25.07
N GLY L 47 -5.54 -6.97 -25.58
CA GLY L 47 -6.05 -6.60 -26.88
C GLY L 47 -7.23 -5.66 -26.68
N HIS L 48 -7.31 -5.04 -25.52
CA HIS L 48 -8.41 -4.13 -25.23
C HIS L 48 -8.11 -3.13 -24.12
N SER L 49 -6.93 -3.21 -23.56
CA SER L 49 -6.56 -2.27 -22.50
C SER L 49 -5.06 -2.03 -22.52
N PHE L 50 -4.70 -0.78 -22.27
CA PHE L 50 -3.31 -0.36 -22.27
C PHE L 50 -3.08 0.74 -21.23
N LEU L 51 -1.82 1.01 -20.95
CA LEU L 51 -1.45 2.03 -19.99
C LEU L 51 -0.26 2.72 -20.58
N SER L 52 -0.36 4.02 -20.77
CA SER L 52 0.76 4.72 -21.33
C SER L 52 1.04 5.90 -20.45
N ASN L 53 2.24 5.93 -19.89
CA ASN L 53 2.71 6.99 -19.00
C ASN L 53 1.75 7.24 -17.83
N LEU L 54 1.20 6.14 -17.32
CA LEU L 54 0.26 6.15 -16.20
C LEU L 54 0.26 4.70 -15.71
N HIS L 55 -0.35 4.44 -14.57
CA HIS L 55 -0.40 3.06 -14.11
C HIS L 55 -1.51 2.76 -13.15
N LEU L 56 -1.88 1.50 -13.07
CA LEU L 56 -2.95 1.13 -12.18
C LEU L 56 -2.38 0.55 -10.91
N ARG L 57 -3.08 0.77 -9.81
CA ARG L 57 -2.63 0.29 -8.52
C ARG L 57 -3.82 0.31 -7.60
N ASN L 58 -4.38 -0.86 -7.37
CA ASN L 58 -5.53 -0.98 -6.50
C ASN L 58 -6.81 -0.53 -7.17
N GLY L 59 -6.77 -0.34 -8.47
CA GLY L 59 -7.98 0.10 -9.16
C GLY L 59 -7.97 1.60 -9.31
N GLU L 60 -6.78 2.18 -9.17
CA GLU L 60 -6.62 3.62 -9.30
C GLU L 60 -5.58 4.00 -10.33
N LEU L 61 -5.95 4.84 -11.30
CA LEU L 61 -4.97 5.28 -12.28
C LEU L 61 -4.14 6.30 -11.52
N VAL L 62 -2.82 6.19 -11.63
CA VAL L 62 -1.91 7.08 -10.92
C VAL L 62 -1.20 7.98 -11.92
N ILE L 63 -1.52 9.28 -11.81
CA ILE L 63 -1.02 10.31 -12.71
C ILE L 63 0.48 10.63 -12.60
N HIS L 64 1.16 10.54 -13.74
CA HIS L 64 2.59 10.80 -13.82
C HIS L 64 2.88 12.26 -14.18
N GLU L 65 2.28 12.73 -15.26
CA GLU L 65 2.46 14.12 -15.67
C GLU L 65 1.22 14.88 -15.20
N LYS L 66 1.39 16.16 -14.91
CA LYS L 66 0.27 16.99 -14.45
C LYS L 66 -0.28 17.71 -15.67
N GLY L 67 -1.59 17.86 -15.70
CA GLY L 67 -2.23 18.53 -16.82
C GLY L 67 -3.72 18.30 -16.74
N PHE L 68 -4.43 18.65 -17.83
CA PHE L 68 -5.87 18.45 -17.87
C PHE L 68 -6.07 17.02 -18.34
N TYR L 69 -7.07 16.35 -17.82
CA TYR L 69 -7.28 14.98 -18.22
C TYR L 69 -8.73 14.70 -18.48
N TYR L 70 -9.01 14.15 -19.66
CA TYR L 70 -10.39 13.80 -19.96
C TYR L 70 -10.49 12.43 -19.29
N ILE L 71 -11.45 12.26 -18.38
CA ILE L 71 -11.60 11.03 -17.65
C ILE L 71 -12.99 10.44 -17.83
N TYR L 72 -13.06 9.21 -18.32
CA TYR L 72 -14.34 8.58 -18.54
C TYR L 72 -14.36 7.22 -17.95
N SER L 73 -15.56 6.63 -17.90
CA SER L 73 -15.74 5.28 -17.42
C SER L 73 -17.13 4.81 -17.74
N GLN L 74 -17.26 3.55 -18.10
CA GLN L 74 -18.57 3.02 -18.38
C GLN L 74 -18.76 1.84 -17.44
N THR L 75 -19.96 1.72 -16.85
CA THR L 75 -20.27 0.64 -15.95
C THR L 75 -21.62 0.02 -16.35
N TYR L 76 -21.60 -1.28 -16.57
CA TYR L 76 -22.76 -2.03 -17.01
C TYR L 76 -23.52 -2.69 -15.87
N PHE L 77 -24.74 -2.22 -15.62
CA PHE L 77 -25.55 -2.78 -14.55
C PHE L 77 -26.53 -3.72 -15.24
N ARG L 78 -26.40 -5.01 -14.97
CA ARG L 78 -27.26 -5.99 -15.59
C ARG L 78 -27.78 -6.89 -14.53
N PHE L 79 -29.09 -7.19 -14.56
CA PHE L 79 -29.68 -8.09 -13.58
C PHE L 79 -30.97 -8.76 -14.05
N GLN L 80 -31.30 -9.88 -13.43
CA GLN L 80 -32.52 -10.61 -13.77
C GLN L 80 -33.43 -10.56 -12.56
N GLU L 81 -34.22 -9.48 -12.44
CA GLU L 81 -35.11 -9.26 -11.31
C GLU L 81 -35.99 -10.39 -10.73
N GLU L 82 -36.20 -10.27 -9.41
CA GLU L 82 -37.03 -11.20 -8.65
C GLU L 82 -38.24 -10.38 -8.14
N ILE L 83 -39.24 -11.05 -7.59
CA ILE L 83 -40.44 -10.33 -7.20
C ILE L 83 -40.17 -9.81 -5.76
N LYS L 84 -38.87 -9.79 -5.25
CA LYS L 84 -38.44 -9.82 -3.78
C LYS L 84 -39.49 -9.89 -2.66
N GLU L 85 -39.10 -10.33 -1.46
CA GLU L 85 -40.08 -10.46 -0.37
C GLU L 85 -40.07 -9.36 0.69
N ASN L 86 -39.18 -9.50 1.66
CA ASN L 86 -39.07 -8.53 2.75
C ASN L 86 -38.30 -7.28 2.39
N THR L 87 -38.50 -6.78 1.17
CA THR L 87 -37.79 -5.57 0.76
C THR L 87 -38.39 -4.78 -0.40
N LYS L 88 -37.89 -3.54 -0.51
CA LYS L 88 -38.22 -2.57 -1.55
C LYS L 88 -37.34 -2.95 -2.74
N ASN L 89 -37.87 -2.81 -3.95
CA ASN L 89 -37.13 -3.19 -5.13
C ASN L 89 -36.42 -2.11 -5.93
N ASP L 90 -36.73 -0.84 -5.68
CA ASP L 90 -36.10 0.23 -6.43
C ASP L 90 -34.59 0.16 -6.32
N LYS L 91 -33.90 0.36 -7.43
CA LYS L 91 -32.43 0.33 -7.47
C LYS L 91 -31.87 1.68 -7.90
N GLN L 92 -30.82 2.13 -7.24
CA GLN L 92 -30.21 3.40 -7.63
C GLN L 92 -28.80 3.14 -8.08
N MET L 93 -28.64 2.83 -9.36
CA MET L 93 -27.36 2.52 -9.97
C MET L 93 -26.65 3.83 -10.22
N VAL L 94 -25.50 4.01 -9.61
CA VAL L 94 -24.76 5.28 -9.72
C VAL L 94 -23.31 4.96 -9.91
N GLN L 95 -22.60 5.82 -10.63
CA GLN L 95 -21.18 5.65 -10.82
C GLN L 95 -20.53 6.96 -10.41
N TYR L 96 -19.51 6.87 -9.57
CA TYR L 96 -18.78 8.02 -9.07
C TYR L 96 -17.37 7.95 -9.61
N ILE L 97 -16.70 9.08 -9.75
CA ILE L 97 -15.34 9.02 -10.20
C ILE L 97 -14.61 10.00 -9.32
N TYR L 98 -13.90 9.45 -8.32
CA TYR L 98 -13.17 10.25 -7.35
C TYR L 98 -11.71 10.45 -7.65
N LYS L 99 -11.09 11.32 -6.88
CA LYS L 99 -9.68 11.54 -7.04
C LYS L 99 -9.07 11.71 -5.64
N TYR L 100 -7.84 11.26 -5.48
CA TYR L 100 -7.10 11.37 -4.24
C TYR L 100 -5.98 12.28 -4.71
N THR L 101 -5.74 13.34 -3.95
CA THR L 101 -4.70 14.30 -4.25
C THR L 101 -3.96 14.48 -2.91
N SER L 102 -3.09 15.48 -2.78
CA SER L 102 -2.39 15.68 -1.51
C SER L 102 -3.37 16.15 -0.43
N TYR L 103 -4.31 15.30 -0.04
CA TYR L 103 -5.34 15.67 0.93
C TYR L 103 -6.04 14.38 1.35
N PRO L 104 -6.09 14.13 2.66
CA PRO L 104 -6.68 12.97 3.33
C PRO L 104 -7.90 12.31 2.68
N ASP L 105 -8.98 13.05 2.45
CA ASP L 105 -10.19 12.42 1.88
C ASP L 105 -10.29 12.39 0.35
N PRO L 106 -11.16 11.50 -0.17
CA PRO L 106 -11.36 11.38 -1.62
C PRO L 106 -12.33 12.53 -2.03
N ILE L 107 -12.17 13.03 -3.24
CA ILE L 107 -13.02 14.12 -3.71
C ILE L 107 -13.68 13.71 -5.05
N LEU L 108 -15.01 13.67 -5.06
CA LEU L 108 -15.79 13.28 -6.25
C LEU L 108 -15.52 14.22 -7.39
N LEU L 109 -15.39 13.68 -8.59
CA LEU L 109 -15.18 14.51 -9.76
C LEU L 109 -16.54 14.52 -10.51
N MET L 110 -17.04 13.33 -10.84
CA MET L 110 -18.30 13.23 -11.55
C MET L 110 -19.17 12.17 -10.97
N LYS L 111 -20.40 12.08 -11.41
CA LYS L 111 -21.27 11.05 -10.93
C LYS L 111 -22.43 10.97 -11.88
N SER L 112 -22.94 9.77 -12.13
CA SER L 112 -24.08 9.63 -13.02
C SER L 112 -24.97 8.58 -12.43
N ALA L 113 -26.30 8.78 -12.42
CA ALA L 113 -27.19 7.79 -11.84
C ALA L 113 -28.38 7.34 -12.72
N ARG L 114 -29.01 6.24 -12.33
CA ARG L 114 -30.19 5.75 -13.02
C ARG L 114 -30.95 5.00 -11.99
N ASN L 115 -32.25 4.84 -12.25
CA ASN L 115 -33.11 4.16 -11.33
C ASN L 115 -33.79 3.04 -12.08
N SER L 116 -33.78 1.85 -11.50
CA SER L 116 -34.40 0.70 -12.15
C SER L 116 -35.87 1.03 -12.45
N CYS L 117 -36.44 0.40 -13.48
CA CYS L 117 -37.83 0.65 -13.80
C CYS L 117 -38.65 0.35 -12.56
N TRP L 118 -39.75 1.05 -12.38
CA TRP L 118 -40.57 0.85 -11.23
C TRP L 118 -41.67 -0.17 -11.47
N SER L 119 -41.87 -0.52 -12.73
CA SER L 119 -42.90 -1.48 -13.10
C SER L 119 -42.79 -2.77 -12.33
N LYS L 120 -43.92 -3.33 -11.91
CA LYS L 120 -43.89 -4.60 -11.17
C LYS L 120 -43.62 -5.77 -12.11
N ASP L 121 -43.72 -5.50 -13.42
CA ASP L 121 -43.48 -6.55 -14.40
C ASP L 121 -42.07 -6.50 -14.98
N ALA L 122 -41.18 -5.72 -14.37
CA ALA L 122 -39.81 -5.65 -14.87
C ALA L 122 -39.06 -6.96 -14.64
N GLU L 123 -38.93 -7.74 -15.71
CA GLU L 123 -38.24 -9.01 -15.66
C GLU L 123 -36.73 -8.82 -15.50
N TYR L 124 -36.18 -7.76 -16.06
CA TYR L 124 -34.75 -7.56 -15.95
C TYR L 124 -34.33 -6.12 -16.16
N GLY L 125 -33.02 -5.89 -16.09
CA GLY L 125 -32.49 -4.56 -16.26
C GLY L 125 -31.11 -4.47 -16.92
N LEU L 126 -30.99 -3.57 -17.88
CA LEU L 126 -29.73 -3.34 -18.58
C LEU L 126 -29.56 -1.84 -18.46
N TYR L 127 -28.49 -1.41 -17.82
CA TYR L 127 -28.23 0.00 -17.65
C TYR L 127 -26.72 0.31 -17.75
N SER L 128 -26.21 0.48 -18.96
CA SER L 128 -24.81 0.84 -19.10
C SER L 128 -24.75 2.31 -18.72
N ILE L 129 -23.71 2.72 -18.01
CA ILE L 129 -23.64 4.12 -17.60
C ILE L 129 -22.29 4.63 -18.00
N TYR L 130 -22.25 5.62 -18.86
CA TYR L 130 -20.99 6.19 -19.31
C TYR L 130 -20.93 7.64 -18.86
N GLN L 131 -19.74 8.16 -18.55
CA GLN L 131 -19.62 9.55 -18.15
C GLN L 131 -18.20 10.01 -18.34
N GLY L 132 -17.97 11.31 -18.45
CA GLY L 132 -16.61 11.77 -18.65
C GLY L 132 -16.50 13.25 -18.47
N GLY L 133 -15.28 13.76 -18.29
CA GLY L 133 -15.08 15.18 -18.12
C GLY L 133 -13.60 15.53 -17.98
N ILE L 134 -13.19 16.77 -18.23
CA ILE L 134 -11.77 17.09 -18.10
C ILE L 134 -11.54 17.63 -16.70
N PHE L 135 -10.38 17.32 -16.14
CA PHE L 135 -10.03 17.79 -14.81
C PHE L 135 -8.53 17.97 -14.70
N GLU L 136 -8.11 19.01 -13.98
CA GLU L 136 -6.69 19.31 -13.78
C GLU L 136 -6.22 18.30 -12.76
N LEU L 137 -5.09 17.67 -13.02
CA LEU L 137 -4.56 16.70 -12.07
C LEU L 137 -3.06 16.90 -11.95
N LYS L 138 -2.53 16.65 -10.77
CA LYS L 138 -1.09 16.79 -10.59
C LYS L 138 -0.42 15.46 -10.32
N GLU L 139 0.89 15.44 -10.50
CA GLU L 139 1.70 14.25 -10.27
C GLU L 139 1.39 13.54 -8.97
N ASN L 140 1.11 12.25 -9.10
CA ASN L 140 0.80 11.41 -7.97
C ASN L 140 -0.67 11.49 -7.54
N ASP L 141 -1.46 12.32 -8.21
CA ASP L 141 -2.88 12.35 -7.88
C ASP L 141 -3.37 10.98 -8.34
N ARG L 142 -4.51 10.53 -7.83
CA ARG L 142 -4.98 9.23 -8.22
C ARG L 142 -6.47 9.29 -8.41
N ILE L 143 -6.99 8.59 -9.41
CA ILE L 143 -8.43 8.61 -9.64
C ILE L 143 -8.98 7.19 -9.68
N PHE L 144 -10.25 7.03 -9.31
CA PHE L 144 -10.80 5.71 -9.35
C PHE L 144 -12.31 5.80 -9.54
N VAL L 145 -12.95 4.67 -9.83
CA VAL L 145 -14.38 4.61 -10.05
C VAL L 145 -14.96 3.84 -8.89
N SER L 146 -16.09 4.32 -8.37
CA SER L 146 -16.73 3.67 -7.27
C SER L 146 -18.21 3.54 -7.66
N VAL L 147 -18.91 2.53 -7.19
CA VAL L 147 -20.29 2.35 -7.64
C VAL L 147 -21.22 1.71 -6.61
N THR L 148 -22.52 1.95 -6.78
CA THR L 148 -23.50 1.36 -5.90
C THR L 148 -23.72 -0.01 -6.50
N ASN L 149 -24.47 -0.88 -5.82
CA ASN L 149 -24.73 -2.24 -6.28
C ASN L 149 -23.66 -2.90 -7.15
N GLU L 150 -22.43 -3.01 -6.65
CA GLU L 150 -21.38 -3.65 -7.44
C GLU L 150 -21.73 -5.09 -7.82
N HIS L 151 -22.57 -5.75 -7.04
CA HIS L 151 -22.95 -7.14 -7.36
C HIS L 151 -23.78 -7.22 -8.62
N LEU L 152 -24.18 -6.06 -9.16
CA LEU L 152 -25.00 -6.01 -10.35
C LEU L 152 -24.24 -5.63 -11.63
N ILE L 153 -22.95 -5.30 -11.49
CA ILE L 153 -22.13 -4.90 -12.62
C ILE L 153 -21.69 -6.10 -13.47
N ASP L 154 -21.49 -5.87 -14.77
CA ASP L 154 -21.09 -6.90 -15.71
C ASP L 154 -19.68 -6.46 -16.11
N MET L 155 -18.66 -7.16 -15.64
CA MET L 155 -17.31 -6.76 -15.96
C MET L 155 -16.70 -7.30 -17.21
N ASP L 156 -17.49 -7.82 -18.14
CA ASP L 156 -16.93 -8.31 -19.41
C ASP L 156 -16.20 -7.05 -19.86
N HIS L 157 -15.07 -7.20 -20.53
CA HIS L 157 -14.27 -6.06 -20.90
C HIS L 157 -14.85 -5.08 -21.86
N GLU L 158 -15.79 -5.52 -22.70
CA GLU L 158 -16.39 -4.58 -23.66
C GLU L 158 -17.53 -3.76 -23.05
N ALA L 159 -18.04 -4.22 -21.90
CA ALA L 159 -19.16 -3.60 -21.20
C ALA L 159 -18.77 -2.56 -20.15
N SER L 160 -17.73 -2.84 -19.34
CA SER L 160 -17.29 -1.89 -18.31
C SER L 160 -15.82 -1.56 -18.44
N PHE L 161 -15.53 -0.28 -18.53
CA PHE L 161 -14.15 0.15 -18.66
C PHE L 161 -13.92 1.47 -17.93
N PHE L 162 -12.70 1.98 -18.03
CA PHE L 162 -12.34 3.17 -17.31
C PHE L 162 -11.09 3.62 -18.05
N GLY L 163 -10.90 4.93 -18.20
CA GLY L 163 -9.74 5.41 -18.90
C GLY L 163 -9.68 6.89 -18.77
N ALA L 164 -8.58 7.44 -19.27
CA ALA L 164 -8.35 8.86 -19.22
C ALA L 164 -7.17 9.21 -20.15
N PHE L 165 -7.12 10.45 -20.61
CA PHE L 165 -6.00 10.82 -21.48
C PHE L 165 -5.74 12.30 -21.38
N LEU L 166 -4.49 12.69 -21.58
CA LEU L 166 -4.09 14.09 -21.51
C LEU L 166 -4.79 14.86 -22.61
N VAL L 167 -4.79 16.18 -22.49
CA VAL L 167 -5.40 17.02 -23.49
C VAL L 167 -4.46 18.16 -23.86
N GLY L 168 -4.91 19.38 -23.63
CA GLY L 168 -4.10 20.52 -23.99
C GLY L 168 -4.30 20.92 -25.44
#